data_6XFZ
# 
_entry.id   6XFZ 
# 
_audit_conform.dict_name       mmcif_pdbx.dic 
_audit_conform.dict_version    5.380 
_audit_conform.dict_location   http://mmcif.pdb.org/dictionaries/ascii/mmcif_pdbx.dic 
# 
loop_
_database_2.database_id 
_database_2.database_code 
_database_2.pdbx_database_accession 
_database_2.pdbx_DOI 
PDB   6XFZ         pdb_00006xfz 10.2210/pdb6xfz/pdb 
WWPDB D_1000249226 ?            ?                   
# 
_pdbx_database_status.status_code                     REL 
_pdbx_database_status.status_code_sf                  REL 
_pdbx_database_status.status_code_mr                  ? 
_pdbx_database_status.entry_id                        6XFZ 
_pdbx_database_status.recvd_initial_deposition_date   2020-06-16 
_pdbx_database_status.SG_entry                        N 
_pdbx_database_status.deposit_site                    RCSB 
_pdbx_database_status.process_site                    RCSB 
_pdbx_database_status.status_code_cs                  ? 
_pdbx_database_status.status_code_nmr_data            ? 
_pdbx_database_status.methods_development_category    ? 
_pdbx_database_status.pdb_format_compatible           Y 
# 
loop_
_audit_author.name 
_audit_author.pdbx_ordinal 
_audit_author.identifier_ORCID 
'Simmons, C.R.'      1 0000-0002-2290-6132 
'MacCulloch, T.'     2 0000-0001-5875-3361 
'Stephanopoulos, N.' 3 0000-0001-7859-410X 
'Yan, H.'            4 0000-0001-7397-9852 
# 
_citation.abstract                  ? 
_citation.abstract_id_CAS           ? 
_citation.book_id_ISBN              ? 
_citation.book_publisher            ? 
_citation.book_publisher_city       ? 
_citation.book_title                ? 
_citation.coordinate_linkage        ? 
_citation.country                   UK 
_citation.database_id_Medline       ? 
_citation.details                   ? 
_citation.id                        primary 
_citation.journal_abbrev            'Nat Commun' 
_citation.journal_id_ASTM           ? 
_citation.journal_id_CSD            ? 
_citation.journal_id_ISSN           2041-1723 
_citation.journal_full              ? 
_citation.journal_issue             ? 
_citation.journal_volume            13 
_citation.language                  ? 
_citation.page_first                3112 
_citation.page_last                 3112 
_citation.title                     'The influence of Holliday junction sequence and dynamics on DNA crystal self-assembly.' 
_citation.year                      2022 
_citation.database_id_CSD           ? 
_citation.pdbx_database_id_DOI      10.1038/s41467-022-30779-6 
_citation.pdbx_database_id_PubMed   35662248 
_citation.unpublished_flag          ? 
# 
loop_
_citation_author.citation_id 
_citation_author.name 
_citation_author.ordinal 
_citation_author.identifier_ORCID 
primary 'Simmons, C.R.'      1  ?                   
primary 'MacCulloch, T.'     2  ?                   
primary 'Krepl, M.'          3  0000-0002-9833-4281 
primary 'Matthies, M.'       4  ?                   
primary 'Buchberger, A.'     5  ?                   
primary 'Crawford, I.'       6  ?                   
primary 'Sponer, J.'         7  0000-0001-6558-6186 
primary 'Sulc, P.'           8  0000-0003-1565-6769 
primary 'Stephanopoulos, N.' 9  0000-0001-7859-410X 
primary 'Yan, H.'            10 0000-0001-7397-9852 
# 
_cell.angle_alpha                  90.000 
_cell.angle_alpha_esd              ? 
_cell.angle_beta                   90.000 
_cell.angle_beta_esd               ? 
_cell.angle_gamma                  120.000 
_cell.angle_gamma_esd              ? 
_cell.entry_id                     6XFZ 
_cell.details                      ? 
_cell.formula_units_Z              ? 
_cell.length_a                     68.652 
_cell.length_a_esd                 ? 
_cell.length_b                     68.652 
_cell.length_b_esd                 ? 
_cell.length_c                     58.140 
_cell.length_c_esd                 ? 
_cell.volume                       ? 
_cell.volume_esd                   ? 
_cell.Z_PDB                        3 
_cell.reciprocal_angle_alpha       ? 
_cell.reciprocal_angle_beta        ? 
_cell.reciprocal_angle_gamma       ? 
_cell.reciprocal_angle_alpha_esd   ? 
_cell.reciprocal_angle_beta_esd    ? 
_cell.reciprocal_angle_gamma_esd   ? 
_cell.reciprocal_length_a          ? 
_cell.reciprocal_length_b          ? 
_cell.reciprocal_length_c          ? 
_cell.reciprocal_length_a_esd      ? 
_cell.reciprocal_length_b_esd      ? 
_cell.reciprocal_length_c_esd      ? 
_cell.pdbx_unique_axis             ? 
# 
_symmetry.entry_id                         6XFZ 
_symmetry.cell_setting                     ? 
_symmetry.Int_Tables_number                145 
_symmetry.space_group_name_Hall            ? 
_symmetry.space_group_name_H-M             'P 32' 
_symmetry.pdbx_full_space_group_name_H-M   ? 
# 
loop_
_entity.id 
_entity.type 
_entity.src_method 
_entity.pdbx_description 
_entity.formula_weight 
_entity.pdbx_number_of_molecules 
_entity.pdbx_ec 
_entity.pdbx_mutation 
_entity.pdbx_fragment 
_entity.details 
1 polymer     syn 
;DNA (5'-D(*GP*AP*GP*CP*AP*GP*AP*CP*AP*AP*G)-3')
;
3416.263 1 ? ? ? ? 
2 polymer     syn 
;DNA (5'-D(P*AP*CP*TP*GP*CP*AP*CP*TP*CP*A)-3')
;
2988.982 1 ? ? ? ? 
3 polymer     syn 
;DNA (5'-D(P*CP*TP*AP*GP*T)-3')
;
1495.023 1 ? ? ? ? 
4 polymer     syn 
;DNA (5'-D(*TP*CP*TP*GP*AP*GP*TP*GP*CP*TP*GP*TP*CP*TP*GP*C)-3')
;
4896.162 1 ? ? ? ? 
5 non-polymer syn 'CACODYLATE ION'                                                 136.989  2 ? ? ? ? 
# 
loop_
_entity_poly.entity_id 
_entity_poly.type 
_entity_poly.nstd_linkage 
_entity_poly.nstd_monomer 
_entity_poly.pdbx_seq_one_letter_code 
_entity_poly.pdbx_seq_one_letter_code_can 
_entity_poly.pdbx_strand_id 
_entity_poly.pdbx_target_identifier 
1 polydeoxyribonucleotide no no '(DG)(DA)(DG)(DC)(DA)(DG)(DA)(DC)(DA)(DA)(DG)'                     GAGCAGACAAG      A ? 
2 polydeoxyribonucleotide no no '(DA)(DC)(DT)(DG)(DC)(DA)(DC)(DT)(DC)(DA)'                         ACTGCACTCA       B ? 
3 polydeoxyribonucleotide no no '(DC)(DT)(DA)(DG)(DT)'                                             CTAGT            C ? 
4 polydeoxyribonucleotide no no '(DT)(DC)(DT)(DG)(DA)(DG)(DT)(DG)(DC)(DT)(DG)(DT)(DC)(DT)(DG)(DC)' TCTGAGTGCTGTCTGC D ? 
# 
loop_
_entity_poly_seq.entity_id 
_entity_poly_seq.num 
_entity_poly_seq.mon_id 
_entity_poly_seq.hetero 
1 1  DG n 
1 2  DA n 
1 3  DG n 
1 4  DC n 
1 5  DA n 
1 6  DG n 
1 7  DA n 
1 8  DC n 
1 9  DA n 
1 10 DA n 
1 11 DG n 
2 1  DA n 
2 2  DC n 
2 3  DT n 
2 4  DG n 
2 5  DC n 
2 6  DA n 
2 7  DC n 
2 8  DT n 
2 9  DC n 
2 10 DA n 
3 1  DC n 
3 2  DT n 
3 3  DA n 
3 4  DG n 
3 5  DT n 
4 1  DT n 
4 2  DC n 
4 3  DT n 
4 4  DG n 
4 5  DA n 
4 6  DG n 
4 7  DT n 
4 8  DG n 
4 9  DC n 
4 10 DT n 
4 11 DG n 
4 12 DT n 
4 13 DC n 
4 14 DT n 
4 15 DG n 
4 16 DC n 
# 
loop_
_pdbx_entity_src_syn.entity_id 
_pdbx_entity_src_syn.pdbx_src_id 
_pdbx_entity_src_syn.pdbx_alt_source_flag 
_pdbx_entity_src_syn.pdbx_beg_seq_num 
_pdbx_entity_src_syn.pdbx_end_seq_num 
_pdbx_entity_src_syn.organism_scientific 
_pdbx_entity_src_syn.organism_common_name 
_pdbx_entity_src_syn.ncbi_taxonomy_id 
_pdbx_entity_src_syn.details 
1 1 sample 1 11 'synthetic construct' ? 32630 ? 
2 1 sample 1 10 'synthetic construct' ? 32630 ? 
3 1 sample 1 5  'synthetic construct' ? 32630 ? 
4 1 sample 1 16 'synthetic construct' ? 32630 ? 
# 
loop_
_struct_ref.id 
_struct_ref.db_name 
_struct_ref.db_code 
_struct_ref.pdbx_db_accession 
_struct_ref.pdbx_db_isoform 
_struct_ref.entity_id 
_struct_ref.pdbx_seq_one_letter_code 
_struct_ref.pdbx_align_begin 
1 PDB 6XFZ 6XFZ ? 1 ? 1 
2 PDB 6XFZ 6XFZ ? 2 ? 1 
3 PDB 6XFZ 6XFZ ? 3 ? 1 
4 PDB 6XFZ 6XFZ ? 4 ? 1 
# 
loop_
_struct_ref_seq.align_id 
_struct_ref_seq.ref_id 
_struct_ref_seq.pdbx_PDB_id_code 
_struct_ref_seq.pdbx_strand_id 
_struct_ref_seq.seq_align_beg 
_struct_ref_seq.pdbx_seq_align_beg_ins_code 
_struct_ref_seq.seq_align_end 
_struct_ref_seq.pdbx_seq_align_end_ins_code 
_struct_ref_seq.pdbx_db_accession 
_struct_ref_seq.db_align_beg 
_struct_ref_seq.pdbx_db_align_beg_ins_code 
_struct_ref_seq.db_align_end 
_struct_ref_seq.pdbx_db_align_end_ins_code 
_struct_ref_seq.pdbx_auth_seq_align_beg 
_struct_ref_seq.pdbx_auth_seq_align_end 
1 1 6XFZ A 1 ? 11 ? 6XFZ 1  ? 11 ? 1  11 
2 2 6XFZ B 1 ? 10 ? 6XFZ 12 ? 21 ? 12 21 
3 3 6XFZ C 1 ? 5  ? 6XFZ 1  ? 5  ? 1  5  
4 4 6XFZ D 1 ? 16 ? 6XFZ 1  ? 16 ? 1  16 
# 
loop_
_chem_comp.id 
_chem_comp.type 
_chem_comp.mon_nstd_flag 
_chem_comp.name 
_chem_comp.pdbx_synonyms 
_chem_comp.formula 
_chem_comp.formula_weight 
CAC non-polymer   . 'CACODYLATE ION'                     dimethylarsinate 'C2 H6 As O2 -1'  136.989 
DA  'DNA linking' y "2'-DEOXYADENOSINE-5'-MONOPHOSPHATE" ?                'C10 H14 N5 O6 P' 331.222 
DC  'DNA linking' y "2'-DEOXYCYTIDINE-5'-MONOPHOSPHATE"  ?                'C9 H14 N3 O7 P'  307.197 
DG  'DNA linking' y "2'-DEOXYGUANOSINE-5'-MONOPHOSPHATE" ?                'C10 H14 N5 O7 P' 347.221 
DT  'DNA linking' y "THYMIDINE-5'-MONOPHOSPHATE"         ?                'C10 H15 N2 O8 P' 322.208 
# 
_exptl.absorpt_coefficient_mu     ? 
_exptl.absorpt_correction_T_max   ? 
_exptl.absorpt_correction_T_min   ? 
_exptl.absorpt_correction_type    ? 
_exptl.absorpt_process_details    ? 
_exptl.entry_id                   6XFZ 
_exptl.crystals_number            1 
_exptl.details                    ? 
_exptl.method                     'X-RAY DIFFRACTION' 
_exptl.method_details             ? 
# 
_exptl_crystal.colour                      ? 
_exptl_crystal.density_diffrn              ? 
_exptl_crystal.density_Matthews            6.18 
_exptl_crystal.density_method              ? 
_exptl_crystal.density_percent_sol         80.10 
_exptl_crystal.description                 ? 
_exptl_crystal.F_000                       ? 
_exptl_crystal.id                          1 
_exptl_crystal.preparation                 ? 
_exptl_crystal.size_max                    ? 
_exptl_crystal.size_mid                    ? 
_exptl_crystal.size_min                    ? 
_exptl_crystal.size_rad                    ? 
_exptl_crystal.colour_lustre               ? 
_exptl_crystal.colour_modifier             ? 
_exptl_crystal.colour_primary              ? 
_exptl_crystal.density_meas                ? 
_exptl_crystal.density_meas_esd            ? 
_exptl_crystal.density_meas_gt             ? 
_exptl_crystal.density_meas_lt             ? 
_exptl_crystal.density_meas_temp           ? 
_exptl_crystal.density_meas_temp_esd       ? 
_exptl_crystal.density_meas_temp_gt        ? 
_exptl_crystal.density_meas_temp_lt        ? 
_exptl_crystal.pdbx_crystal_image_url      ? 
_exptl_crystal.pdbx_crystal_image_format   ? 
_exptl_crystal.pdbx_mosaicity              ? 
_exptl_crystal.pdbx_mosaicity_esd          ? 
# 
_exptl_crystal_grow.apparatus       ? 
_exptl_crystal_grow.atmosphere      ? 
_exptl_crystal_grow.crystal_id      1 
_exptl_crystal_grow.details         ? 
_exptl_crystal_grow.method          'VAPOR DIFFUSION, SITTING DROP' 
_exptl_crystal_grow.method_ref      ? 
_exptl_crystal_grow.pH              ? 
_exptl_crystal_grow.pressure        ? 
_exptl_crystal_grow.pressure_esd    ? 
_exptl_crystal_grow.seeding         ? 
_exptl_crystal_grow.seeding_ref     ? 
_exptl_crystal_grow.temp            298 
_exptl_crystal_grow.temp_details    'temperature gradient generated from 60 to 25 C at 0.3 degrees per hour' 
_exptl_crystal_grow.temp_esd        ? 
_exptl_crystal_grow.time            ? 
_exptl_crystal_grow.pdbx_details    
;0.5 mL of 0.05 M HEPES pH 7.5 with 20 mM MgCl2, 1.0 mM spermine, and 5% PEG 8000  was added to the reservoir with 2 uL added to the drop containing 4 uL of DNA stock
;
_exptl_crystal_grow.pdbx_pH_range   ? 
# 
_diffrn.ambient_environment              ? 
_diffrn.ambient_temp                     100 
_diffrn.ambient_temp_details             ? 
_diffrn.ambient_temp_esd                 ? 
_diffrn.crystal_id                       1 
_diffrn.crystal_support                  ? 
_diffrn.crystal_treatment                ? 
_diffrn.details                          ? 
_diffrn.id                               1 
_diffrn.ambient_pressure                 ? 
_diffrn.ambient_pressure_esd             ? 
_diffrn.ambient_pressure_gt              ? 
_diffrn.ambient_pressure_lt              ? 
_diffrn.ambient_temp_gt                  ? 
_diffrn.ambient_temp_lt                  ? 
_diffrn.pdbx_serial_crystal_experiment   N 
# 
_diffrn_detector.details                      ? 
_diffrn_detector.detector                     PIXEL 
_diffrn_detector.diffrn_id                    1 
_diffrn_detector.type                         'DECTRIS PILATUS3 6M' 
_diffrn_detector.area_resol_mean              ? 
_diffrn_detector.dtime                        ? 
_diffrn_detector.pdbx_frames_total            ? 
_diffrn_detector.pdbx_collection_time_total   ? 
_diffrn_detector.pdbx_collection_date         2019-08-15 
_diffrn_detector.pdbx_frequency               ? 
# 
_diffrn_radiation.collimation                      ? 
_diffrn_radiation.diffrn_id                        1 
_diffrn_radiation.filter_edge                      ? 
_diffrn_radiation.inhomogeneity                    ? 
_diffrn_radiation.monochromator                    ? 
_diffrn_radiation.polarisn_norm                    ? 
_diffrn_radiation.polarisn_ratio                   ? 
_diffrn_radiation.probe                            ? 
_diffrn_radiation.type                             ? 
_diffrn_radiation.xray_symbol                      ? 
_diffrn_radiation.wavelength_id                    1 
_diffrn_radiation.pdbx_monochromatic_or_laue_m_l   M 
_diffrn_radiation.pdbx_wavelength_list             ? 
_diffrn_radiation.pdbx_wavelength                  ? 
_diffrn_radiation.pdbx_diffrn_protocol             'SINGLE WAVELENGTH' 
_diffrn_radiation.pdbx_analyzer                    ? 
_diffrn_radiation.pdbx_scattering_type             x-ray 
# 
_diffrn_radiation_wavelength.id           1 
_diffrn_radiation_wavelength.wavelength   1 
_diffrn_radiation_wavelength.wt           1.0 
# 
_diffrn_source.current                     ? 
_diffrn_source.details                     ? 
_diffrn_source.diffrn_id                   1 
_diffrn_source.power                       ? 
_diffrn_source.size                        ? 
_diffrn_source.source                      SYNCHROTRON 
_diffrn_source.target                      ? 
_diffrn_source.type                        'ALS BEAMLINE 5.0.2' 
_diffrn_source.voltage                     ? 
_diffrn_source.take-off_angle              ? 
_diffrn_source.pdbx_wavelength_list        1 
_diffrn_source.pdbx_wavelength             ? 
_diffrn_source.pdbx_synchrotron_beamline   5.0.2 
_diffrn_source.pdbx_synchrotron_site       ALS 
# 
_reflns.B_iso_Wilson_estimate            58.190 
_reflns.entry_id                         6XFZ 
_reflns.data_reduction_details           ? 
_reflns.data_reduction_method            ? 
_reflns.d_resolution_high                3.100 
_reflns.d_resolution_low                 50.000 
_reflns.details                          ? 
_reflns.limit_h_max                      ? 
_reflns.limit_h_min                      ? 
_reflns.limit_k_max                      ? 
_reflns.limit_k_min                      ? 
_reflns.limit_l_max                      ? 
_reflns.limit_l_min                      ? 
_reflns.number_all                       ? 
_reflns.number_obs                       4640 
_reflns.observed_criterion               ? 
_reflns.observed_criterion_F_max         ? 
_reflns.observed_criterion_F_min         ? 
_reflns.observed_criterion_I_max         ? 
_reflns.observed_criterion_I_min         ? 
_reflns.observed_criterion_sigma_F       ? 
_reflns.observed_criterion_sigma_I       ? 
_reflns.percent_possible_obs             84.300 
_reflns.R_free_details                   ? 
_reflns.Rmerge_F_all                     ? 
_reflns.Rmerge_F_obs                     ? 
_reflns.Friedel_coverage                 ? 
_reflns.number_gt                        ? 
_reflns.threshold_expression             ? 
_reflns.pdbx_redundancy                  9.300 
_reflns.pdbx_Rmerge_I_obs                0.162 
_reflns.pdbx_Rmerge_I_all                ? 
_reflns.pdbx_Rsym_value                  ? 
_reflns.pdbx_netI_over_av_sigmaI         ? 
_reflns.pdbx_netI_over_sigmaI            4.700 
_reflns.pdbx_res_netI_over_av_sigmaI_2   ? 
_reflns.pdbx_res_netI_over_sigmaI_2      ? 
_reflns.pdbx_chi_squared                 1.997 
_reflns.pdbx_scaling_rejects             ? 
_reflns.pdbx_d_res_high_opt              ? 
_reflns.pdbx_d_res_low_opt               ? 
_reflns.pdbx_d_res_opt_method            ? 
_reflns.phase_calculation_details        ? 
_reflns.pdbx_Rrim_I_all                  0.170 
_reflns.pdbx_Rpim_I_all                  0.053 
_reflns.pdbx_d_opt                       ? 
_reflns.pdbx_number_measured_all         ? 
_reflns.pdbx_diffrn_id                   1 
_reflns.pdbx_ordinal                     1 
_reflns.pdbx_CC_half                     1.00 
_reflns.pdbx_CC_star                     ? 
_reflns.pdbx_R_split                     ? 
# 
loop_
_reflns_shell.d_res_high 
_reflns_shell.d_res_low 
_reflns_shell.meanI_over_sigI_all 
_reflns_shell.meanI_over_sigI_obs 
_reflns_shell.number_measured_all 
_reflns_shell.number_measured_obs 
_reflns_shell.number_possible 
_reflns_shell.number_unique_all 
_reflns_shell.number_unique_obs 
_reflns_shell.percent_possible_all 
_reflns_shell.percent_possible_obs 
_reflns_shell.Rmerge_F_all 
_reflns_shell.Rmerge_F_obs 
_reflns_shell.Rmerge_I_all 
_reflns_shell.Rmerge_I_obs 
_reflns_shell.meanI_over_sigI_gt 
_reflns_shell.meanI_over_uI_all 
_reflns_shell.meanI_over_uI_gt 
_reflns_shell.number_measured_gt 
_reflns_shell.number_unique_gt 
_reflns_shell.percent_possible_gt 
_reflns_shell.Rmerge_F_gt 
_reflns_shell.Rmerge_I_gt 
_reflns_shell.pdbx_redundancy 
_reflns_shell.pdbx_Rsym_value 
_reflns_shell.pdbx_chi_squared 
_reflns_shell.pdbx_netI_over_sigmaI_all 
_reflns_shell.pdbx_netI_over_sigmaI_obs 
_reflns_shell.pdbx_Rrim_I_all 
_reflns_shell.pdbx_Rpim_I_all 
_reflns_shell.pdbx_rejects 
_reflns_shell.pdbx_ordinal 
_reflns_shell.pdbx_diffrn_id 
_reflns_shell.pdbx_CC_half 
_reflns_shell.pdbx_CC_star 
_reflns_shell.pdbx_R_split 
3.100 3.150  ? ? ? ? ? ? 121 51.300  ? ? ? ? 0.504 ? ? ? ? ? ? ? ? 7.100  ? 0.573  ? ? 0.538 0.182 ? 1  1 0.943 ? ? 
3.150 3.210  ? ? ? ? ? ? 168 53.200  ? ? ? ? 0.216 ? ? ? ? ? ? ? ? 7.400  ? 0.984  ? ? 0.230 0.075 ? 2  1 0.986 ? ? 
3.210 3.270  ? ? ? ? ? ? 161 62.200  ? ? ? ? 0.160 ? ? ? ? ? ? ? ? 7.700  ? 1.299  ? ? 0.169 0.054 ? 3  1 0.993 ? ? 
3.270 3.340  ? ? ? ? ? ? 163 58.800  ? ? ? ? 0.382 ? ? ? ? ? ? ? ? 7.600  ? 0.535  ? ? 0.408 0.138 ? 4  1 0.971 ? ? 
3.340 3.410  ? ? ? ? ? ? 195 67.000  ? ? ? ? 0.228 ? ? ? ? ? ? ? ? 8.000  ? 0.767  ? ? 0.241 0.079 ? 5  1 0.991 ? ? 
3.410 3.490  ? ? ? ? ? ? 181 72.400  ? ? ? ? 0.324 ? ? ? ? ? ? ? ? 7.500  ? 0.740  ? ? 0.345 0.116 ? 6  1 0.986 ? ? 
3.490 3.580  ? ? ? ? ? ? 219 72.500  ? ? ? ? 0.279 ? ? ? ? ? ? ? ? 8.600  ? 0.708  ? ? 0.296 0.097 ? 7  1 0.983 ? ? 
3.580 3.680  ? ? ? ? ? ? 200 76.600  ? ? ? ? 0.638 ? ? ? ? ? ? ? ? 8.400  ? 0.889  ? ? 0.676 0.221 ? 8  1 0.924 ? ? 
3.680 3.780  ? ? ? ? ? ? 235 85.500  ? ? ? ? 0.602 ? ? ? ? ? ? ? ? 9.100  ? 0.496  ? ? 0.637 0.204 ? 9  1 0.941 ? ? 
3.780 3.910  ? ? ? ? ? ? 239 87.900  ? ? ? ? 0.467 ? ? ? ? ? ? ? ? 9.200  ? 0.668  ? ? 0.493 0.156 ? 10 1 0.954 ? ? 
3.910 4.040  ? ? ? ? ? ? 276 98.200  ? ? ? ? 0.336 ? ? ? ? ? ? ? ? 9.200  ? 0.611  ? ? 0.355 0.113 ? 11 1 0.974 ? ? 
4.040 4.210  ? ? ? ? ? ? 269 100.000 ? ? ? ? 0.309 ? ? ? ? ? ? ? ? 9.600  ? 0.658  ? ? 0.327 0.104 ? 12 1 0.982 ? ? 
4.210 4.400  ? ? ? ? ? ? 282 100.000 ? ? ? ? 0.313 ? ? ? ? ? ? ? ? 10.100 ? 0.584  ? ? 0.330 0.104 ? 13 1 0.976 ? ? 
4.400 4.630  ? ? ? ? ? ? 272 100.000 ? ? ? ? 0.277 ? ? ? ? ? ? ? ? 9.500  ? 0.620  ? ? 0.293 0.095 ? 14 1 0.985 ? ? 
4.630 4.920  ? ? ? ? ? ? 284 100.000 ? ? ? ? 0.210 ? ? ? ? ? ? ? ? 10.000 ? 0.753  ? ? 0.221 0.069 ? 15 1 0.991 ? ? 
4.920 5.300  ? ? ? ? ? ? 278 100.000 ? ? ? ? 0.153 ? ? ? ? ? ? ? ? 10.900 ? 0.868  ? ? 0.160 0.048 ? 16 1 0.994 ? ? 
5.300 5.830  ? ? ? ? ? ? 267 100.000 ? ? ? ? 0.128 ? ? ? ? ? ? ? ? 10.800 ? 1.011  ? ? 0.135 0.041 ? 17 1 0.995 ? ? 
5.830 6.670  ? ? ? ? ? ? 277 100.000 ? ? ? ? 0.107 ? ? ? ? ? ? ? ? 10.100 ? 1.064  ? ? 0.113 0.036 ? 18 1 0.994 ? ? 
6.670 8.400  ? ? ? ? ? ? 276 100.000 ? ? ? ? 0.078 ? ? ? ? ? ? ? ? 10.300 ? 1.879  ? ? 0.082 0.025 ? 19 1 0.997 ? ? 
8.400 50.000 ? ? ? ? ? ? 277 100.000 ? ? ? ? 0.156 ? ? ? ? ? ? ? ? 10.500 ? 17.824 ? ? 0.164 0.051 ? 20 1 0.990 ? ? 
# 
_refine.aniso_B[1][1]                            ? 
_refine.aniso_B[1][2]                            ? 
_refine.aniso_B[1][3]                            ? 
_refine.aniso_B[2][2]                            ? 
_refine.aniso_B[2][3]                            ? 
_refine.aniso_B[3][3]                            ? 
_refine.B_iso_max                                224.140 
_refine.B_iso_mean                               106.7600 
_refine.B_iso_min                                43.430 
_refine.correlation_coeff_Fo_to_Fc               ? 
_refine.correlation_coeff_Fo_to_Fc_free          ? 
_refine.details                                  ? 
_refine.diff_density_max                         ? 
_refine.diff_density_max_esd                     ? 
_refine.diff_density_min                         ? 
_refine.diff_density_min_esd                     ? 
_refine.diff_density_rms                         ? 
_refine.diff_density_rms_esd                     ? 
_refine.entry_id                                 6XFZ 
_refine.pdbx_refine_id                           'X-RAY DIFFRACTION' 
_refine.ls_abs_structure_details                 ? 
_refine.ls_abs_structure_Flack                   ? 
_refine.ls_abs_structure_Flack_esd               ? 
_refine.ls_abs_structure_Rogers                  ? 
_refine.ls_abs_structure_Rogers_esd              ? 
_refine.ls_d_res_high                            3.1130 
_refine.ls_d_res_low                             26.4680 
_refine.ls_extinction_coef                       ? 
_refine.ls_extinction_coef_esd                   ? 
_refine.ls_extinction_expression                 ? 
_refine.ls_extinction_method                     ? 
_refine.ls_goodness_of_fit_all                   ? 
_refine.ls_goodness_of_fit_all_esd               ? 
_refine.ls_goodness_of_fit_obs                   ? 
_refine.ls_goodness_of_fit_obs_esd               ? 
_refine.ls_hydrogen_treatment                    ? 
_refine.ls_matrix_type                           ? 
_refine.ls_number_constraints                    ? 
_refine.ls_number_parameters                     ? 
_refine.ls_number_reflns_all                     ? 
_refine.ls_number_reflns_obs                     4554 
_refine.ls_number_reflns_R_free                  448 
_refine.ls_number_reflns_R_work                  4106 
_refine.ls_number_restraints                     ? 
_refine.ls_percent_reflns_obs                    83.1500 
_refine.ls_percent_reflns_R_free                 9.8400 
_refine.ls_R_factor_all                          ? 
_refine.ls_R_factor_obs                          0.2458 
_refine.ls_R_factor_R_free                       0.2622 
_refine.ls_R_factor_R_free_error                 ? 
_refine.ls_R_factor_R_free_error_details         ? 
_refine.ls_R_factor_R_work                       0.2441 
_refine.ls_R_Fsqd_factor_obs                     ? 
_refine.ls_R_I_factor_obs                        ? 
_refine.ls_redundancy_reflns_all                 ? 
_refine.ls_redundancy_reflns_obs                 ? 
_refine.ls_restrained_S_all                      ? 
_refine.ls_restrained_S_obs                      ? 
_refine.ls_shift_over_esd_max                    ? 
_refine.ls_shift_over_esd_mean                   ? 
_refine.ls_structure_factor_coef                 ? 
_refine.ls_weighting_details                     ? 
_refine.ls_weighting_scheme                      ? 
_refine.ls_wR_factor_all                         ? 
_refine.ls_wR_factor_obs                         ? 
_refine.ls_wR_factor_R_free                      ? 
_refine.ls_wR_factor_R_work                      ? 
_refine.occupancy_max                            ? 
_refine.occupancy_min                            ? 
_refine.solvent_model_details                    'FLAT BULK SOLVENT MODEL' 
_refine.solvent_model_param_bsol                 ? 
_refine.solvent_model_param_ksol                 ? 
_refine.pdbx_R_complete                          ? 
_refine.ls_R_factor_gt                           ? 
_refine.ls_goodness_of_fit_gt                    ? 
_refine.ls_goodness_of_fit_ref                   ? 
_refine.ls_shift_over_su_max                     ? 
_refine.ls_shift_over_su_max_lt                  ? 
_refine.ls_shift_over_su_mean                    ? 
_refine.ls_shift_over_su_mean_lt                 ? 
_refine.pdbx_ls_sigma_I                          ? 
_refine.pdbx_ls_sigma_F                          1.980 
_refine.pdbx_ls_sigma_Fsqd                       ? 
_refine.pdbx_data_cutoff_high_absF               ? 
_refine.pdbx_data_cutoff_high_rms_absF           ? 
_refine.pdbx_data_cutoff_low_absF                ? 
_refine.pdbx_isotropic_thermal_model             ? 
_refine.pdbx_ls_cross_valid_method               THROUGHOUT 
_refine.pdbx_method_to_determine_struct          'MOLECULAR REPLACEMENT' 
_refine.pdbx_starting_model                      6x8c 
_refine.pdbx_stereochemistry_target_values       ML 
_refine.pdbx_R_Free_selection_details            ? 
_refine.pdbx_stereochem_target_val_spec_case     ? 
_refine.pdbx_overall_ESU_R                       ? 
_refine.pdbx_overall_ESU_R_Free                  ? 
_refine.pdbx_solvent_vdw_probe_radii             1.1100 
_refine.pdbx_solvent_ion_probe_radii             ? 
_refine.pdbx_solvent_shrinkage_radii             0.9000 
_refine.pdbx_real_space_R                        ? 
_refine.pdbx_density_correlation                 ? 
_refine.pdbx_pd_number_of_powder_patterns        ? 
_refine.pdbx_pd_number_of_points                 ? 
_refine.pdbx_pd_meas_number_of_points            ? 
_refine.pdbx_pd_proc_ls_prof_R_factor            ? 
_refine.pdbx_pd_proc_ls_prof_wR_factor           ? 
_refine.pdbx_pd_Marquardt_correlation_coeff      ? 
_refine.pdbx_pd_Fsqrd_R_factor                   ? 
_refine.pdbx_pd_ls_matrix_band_width             ? 
_refine.pdbx_overall_phase_error                 41.6400 
_refine.pdbx_overall_SU_R_free_Cruickshank_DPI   ? 
_refine.pdbx_overall_SU_R_free_Blow_DPI          ? 
_refine.pdbx_overall_SU_R_Blow_DPI               ? 
_refine.pdbx_TLS_residual_ADP_flag               ? 
_refine.pdbx_diffrn_id                           1 
_refine.overall_SU_B                             ? 
_refine.overall_SU_ML                            0.3800 
_refine.overall_SU_R_Cruickshank_DPI             ? 
_refine.overall_SU_R_free                        ? 
_refine.overall_FOM_free_R_set                   ? 
_refine.overall_FOM_work_R_set                   ? 
_refine.pdbx_average_fsc_overall                 ? 
_refine.pdbx_average_fsc_work                    ? 
_refine.pdbx_average_fsc_free                    ? 
# 
_refine_hist.pdbx_refine_id                   'X-RAY DIFFRACTION' 
_refine_hist.cycle_id                         final 
_refine_hist.details                          ? 
_refine_hist.d_res_high                       3.1130 
_refine_hist.d_res_low                        26.4680 
_refine_hist.number_atoms_solvent             0 
_refine_hist.number_atoms_total               857 
_refine_hist.number_reflns_all                ? 
_refine_hist.number_reflns_obs                ? 
_refine_hist.number_reflns_R_free             ? 
_refine_hist.number_reflns_R_work             ? 
_refine_hist.R_factor_all                     ? 
_refine_hist.R_factor_obs                     ? 
_refine_hist.R_factor_R_free                  ? 
_refine_hist.R_factor_R_work                  ? 
_refine_hist.pdbx_number_residues_total       42 
_refine_hist.pdbx_B_iso_mean_ligand           152.28 
_refine_hist.pdbx_B_iso_mean_solvent          ? 
_refine_hist.pdbx_number_atoms_protein        0 
_refine_hist.pdbx_number_atoms_nucleic_acid   855 
_refine_hist.pdbx_number_atoms_ligand         2 
_refine_hist.pdbx_number_atoms_lipid          ? 
_refine_hist.pdbx_number_atoms_carb           ? 
_refine_hist.pdbx_pseudo_atom_details         ? 
# 
loop_
_refine_ls_restr.pdbx_refine_id 
_refine_ls_restr.criterion 
_refine_ls_restr.dev_ideal 
_refine_ls_restr.dev_ideal_target 
_refine_ls_restr.number 
_refine_ls_restr.rejects 
_refine_ls_restr.type 
_refine_ls_restr.weight 
_refine_ls_restr.pdbx_restraint_function 
'X-RAY DIFFRACTION' ? 0.005  ? 956  ? f_bond_d           ? ? 
'X-RAY DIFFRACTION' ? 0.673  ? 1467 ? f_angle_d          ? ? 
'X-RAY DIFFRACTION' ? 0.029  ? 166  ? f_chiral_restr     ? ? 
'X-RAY DIFFRACTION' ? 0.003  ? 42   ? f_plane_restr      ? ? 
'X-RAY DIFFRACTION' ? 34.728 ? 406  ? f_dihedral_angle_d ? ? 
# 
loop_
_refine_ls_shell.pdbx_refine_id 
_refine_ls_shell.d_res_high 
_refine_ls_shell.d_res_low 
_refine_ls_shell.number_reflns_all 
_refine_ls_shell.number_reflns_obs 
_refine_ls_shell.number_reflns_R_free 
_refine_ls_shell.number_reflns_R_work 
_refine_ls_shell.percent_reflns_obs 
_refine_ls_shell.percent_reflns_R_free 
_refine_ls_shell.R_factor_all 
_refine_ls_shell.R_factor_obs 
_refine_ls_shell.R_factor_R_free 
_refine_ls_shell.R_factor_R_free_error 
_refine_ls_shell.R_factor_R_work 
_refine_ls_shell.redundancy_reflns_all 
_refine_ls_shell.redundancy_reflns_obs 
_refine_ls_shell.wR_factor_all 
_refine_ls_shell.wR_factor_obs 
_refine_ls_shell.wR_factor_R_free 
_refine_ls_shell.wR_factor_R_work 
_refine_ls_shell.pdbx_R_complete 
_refine_ls_shell.pdbx_total_number_of_bins_used 
_refine_ls_shell.pdbx_phase_error 
_refine_ls_shell.pdbx_fsc_work 
_refine_ls_shell.pdbx_fsc_free 
'X-RAY DIFFRACTION' 3.1135 3.5631 . . 103 960  59.0000  . . . 0.2716 0.0000 0.2925 . . . . . . . . . . . 
'X-RAY DIFFRACTION' 3.5631 4.4856 . . 163 1512 91.0000  . . . 0.3581 0.0000 0.3355 . . . . . . . . . . . 
'X-RAY DIFFRACTION' 4.4856 26.468 . . 182 1634 100.0000 . . . 0.2312 0.0000 0.2064 . . . . . . . . . . . 
# 
_struct.entry_id                     6XFZ 
_struct.title                        
'Self-assembly of a 3D DNA crystal lattice (4x5 junction version) containing the J29 immobile Holliday junction' 
_struct.pdbx_model_details           ? 
_struct.pdbx_formula_weight          ? 
_struct.pdbx_formula_weight_method   ? 
_struct.pdbx_model_type_details      ? 
_struct.pdbx_CASP_flag               N 
# 
_struct_keywords.entry_id        6XFZ 
_struct_keywords.text            
'Structural DNA nanotechnology, immobile Holliday junctions, 3D DNA self-assembly, designer DNA crystals, DNA' 
_struct_keywords.pdbx_keywords   DNA 
# 
loop_
_struct_asym.id 
_struct_asym.pdbx_blank_PDB_chainid_flag 
_struct_asym.pdbx_modified 
_struct_asym.entity_id 
_struct_asym.details 
A N N 1 ? 
B N N 2 ? 
C N N 3 ? 
D N N 4 ? 
E N N 5 ? 
F N N 5 ? 
# 
loop_
_struct_conn.id 
_struct_conn.conn_type_id 
_struct_conn.pdbx_leaving_atom_flag 
_struct_conn.pdbx_PDB_id 
_struct_conn.ptnr1_label_asym_id 
_struct_conn.ptnr1_label_comp_id 
_struct_conn.ptnr1_label_seq_id 
_struct_conn.ptnr1_label_atom_id 
_struct_conn.pdbx_ptnr1_label_alt_id 
_struct_conn.pdbx_ptnr1_PDB_ins_code 
_struct_conn.pdbx_ptnr1_standard_comp_id 
_struct_conn.ptnr1_symmetry 
_struct_conn.ptnr2_label_asym_id 
_struct_conn.ptnr2_label_comp_id 
_struct_conn.ptnr2_label_seq_id 
_struct_conn.ptnr2_label_atom_id 
_struct_conn.pdbx_ptnr2_label_alt_id 
_struct_conn.pdbx_ptnr2_PDB_ins_code 
_struct_conn.ptnr1_auth_asym_id 
_struct_conn.ptnr1_auth_comp_id 
_struct_conn.ptnr1_auth_seq_id 
_struct_conn.ptnr2_auth_asym_id 
_struct_conn.ptnr2_auth_comp_id 
_struct_conn.ptnr2_auth_seq_id 
_struct_conn.ptnr2_symmetry 
_struct_conn.pdbx_ptnr3_label_atom_id 
_struct_conn.pdbx_ptnr3_label_seq_id 
_struct_conn.pdbx_ptnr3_label_comp_id 
_struct_conn.pdbx_ptnr3_label_asym_id 
_struct_conn.pdbx_ptnr3_label_alt_id 
_struct_conn.pdbx_ptnr3_PDB_ins_code 
_struct_conn.details 
_struct_conn.pdbx_dist_value 
_struct_conn.pdbx_value_order 
_struct_conn.pdbx_role 
hydrog1  hydrog ? ? A DG 3  N1 ? ? ? 1_555 D DC 16 N3 ? ? A DG 3  D DC 16 1_555 ? ? ? ? ? ? WATSON-CRICK ? ? ? 
hydrog2  hydrog ? ? A DG 3  N2 ? ? ? 1_555 D DC 16 O2 ? ? A DG 3  D DC 16 1_555 ? ? ? ? ? ? WATSON-CRICK ? ? ? 
hydrog3  hydrog ? ? A DG 3  O6 ? ? ? 1_555 D DC 16 N4 ? ? A DG 3  D DC 16 1_555 ? ? ? ? ? ? WATSON-CRICK ? ? ? 
hydrog4  hydrog ? ? A DC 4  N3 ? ? ? 1_555 D DG 15 N1 ? ? A DC 4  D DG 15 1_555 ? ? ? ? ? ? WATSON-CRICK ? ? ? 
hydrog5  hydrog ? ? A DC 4  N4 ? ? ? 1_555 D DG 15 O6 ? ? A DC 4  D DG 15 1_555 ? ? ? ? ? ? WATSON-CRICK ? ? ? 
hydrog6  hydrog ? ? A DC 4  O2 ? ? ? 1_555 D DG 15 N2 ? ? A DC 4  D DG 15 1_555 ? ? ? ? ? ? WATSON-CRICK ? ? ? 
hydrog7  hydrog ? ? A DG 6  N1 ? ? ? 1_555 D DC 13 N3 ? ? A DG 6  D DC 13 1_555 ? ? ? ? ? ? WATSON-CRICK ? ? ? 
hydrog8  hydrog ? ? A DG 6  N2 ? ? ? 1_555 D DC 13 O2 ? ? A DG 6  D DC 13 1_555 ? ? ? ? ? ? WATSON-CRICK ? ? ? 
hydrog9  hydrog ? ? A DG 6  O6 ? ? ? 1_555 D DC 13 N4 ? ? A DG 6  D DC 13 1_555 ? ? ? ? ? ? WATSON-CRICK ? ? ? 
hydrog10 hydrog ? ? A DA 7  N1 ? ? ? 1_555 D DT 12 N3 ? ? A DA 7  D DT 12 1_555 ? ? ? ? ? ? WATSON-CRICK ? ? ? 
hydrog11 hydrog ? ? A DA 7  N6 ? ? ? 1_555 D DT 12 O4 ? ? A DA 7  D DT 12 1_555 ? ? ? ? ? ? WATSON-CRICK ? ? ? 
hydrog12 hydrog ? ? A DC 8  N3 ? ? ? 1_555 D DG 11 N1 ? ? A DC 8  D DG 11 1_555 ? ? ? ? ? ? WATSON-CRICK ? ? ? 
hydrog13 hydrog ? ? A DC 8  N4 ? ? ? 1_555 D DG 11 O6 ? ? A DC 8  D DG 11 1_555 ? ? ? ? ? ? WATSON-CRICK ? ? ? 
hydrog14 hydrog ? ? A DC 8  O2 ? ? ? 1_555 D DG 11 N2 ? ? A DC 8  D DG 11 1_555 ? ? ? ? ? ? WATSON-CRICK ? ? ? 
hydrog15 hydrog ? ? A DA 9  N1 ? ? ? 1_555 D DT 10 N3 ? ? A DA 9  D DT 10 1_555 ? ? ? ? ? ? WATSON-CRICK ? ? ? 
hydrog16 hydrog ? ? A DA 9  N6 ? ? ? 1_555 D DT 10 O4 ? ? A DA 9  D DT 10 1_555 ? ? ? ? ? ? WATSON-CRICK ? ? ? 
hydrog17 hydrog ? ? A DA 10 N1 ? ? ? 1_555 C DT 2  N3 ? ? A DA 10 C DT 2  1_555 ? ? ? ? ? ? WATSON-CRICK ? ? ? 
hydrog18 hydrog ? ? A DA 10 N6 ? ? ? 1_555 C DT 2  O4 ? ? A DA 10 C DT 2  1_555 ? ? ? ? ? ? WATSON-CRICK ? ? ? 
hydrog19 hydrog ? ? A DG 11 N1 ? ? ? 1_555 C DC 1  N3 ? ? A DG 11 C DC 1  1_555 ? ? ? ? ? ? WATSON-CRICK ? ? ? 
hydrog20 hydrog ? ? A DG 11 N2 ? ? ? 1_555 C DC 1  O2 ? ? A DG 11 C DC 1  1_555 ? ? ? ? ? ? WATSON-CRICK ? ? ? 
hydrog21 hydrog ? ? A DG 11 O6 ? ? ? 1_555 C DC 1  N4 ? ? A DG 11 C DC 1  1_555 ? ? ? ? ? ? WATSON-CRICK ? ? ? 
hydrog22 hydrog ? ? B DA 1  N1 ? ? ? 1_555 C DT 5  N3 ? ? B DA 12 C DT 5  1_555 ? ? ? ? ? ? WATSON-CRICK ? ? ? 
hydrog23 hydrog ? ? B DA 1  N6 ? ? ? 1_555 C DT 5  O4 ? ? B DA 12 C DT 5  1_555 ? ? ? ? ? ? WATSON-CRICK ? ? ? 
hydrog24 hydrog ? ? B DC 2  N3 ? ? ? 1_555 C DG 4  N1 ? ? B DC 13 C DG 4  1_555 ? ? ? ? ? ? WATSON-CRICK ? ? ? 
hydrog25 hydrog ? ? B DC 2  N4 ? ? ? 1_555 C DG 4  O6 ? ? B DC 13 C DG 4  1_555 ? ? ? ? ? ? WATSON-CRICK ? ? ? 
hydrog26 hydrog ? ? B DC 2  O2 ? ? ? 1_555 C DG 4  N2 ? ? B DC 13 C DG 4  1_555 ? ? ? ? ? ? WATSON-CRICK ? ? ? 
hydrog27 hydrog ? ? B DT 3  N3 ? ? ? 1_555 C DA 3  N1 ? ? B DT 14 C DA 3  1_555 ? ? ? ? ? ? WATSON-CRICK ? ? ? 
hydrog28 hydrog ? ? B DT 3  O4 ? ? ? 1_555 C DA 3  N6 ? ? B DT 14 C DA 3  1_555 ? ? ? ? ? ? WATSON-CRICK ? ? ? 
hydrog29 hydrog ? ? B DG 4  N1 ? ? ? 1_555 D DC 9  N3 ? ? B DG 15 D DC 9  1_555 ? ? ? ? ? ? WATSON-CRICK ? ? ? 
hydrog30 hydrog ? ? B DG 4  N2 ? ? ? 1_555 D DC 9  O2 ? ? B DG 15 D DC 9  1_555 ? ? ? ? ? ? WATSON-CRICK ? ? ? 
hydrog31 hydrog ? ? B DG 4  O6 ? ? ? 1_555 D DC 9  N4 ? ? B DG 15 D DC 9  1_555 ? ? ? ? ? ? WATSON-CRICK ? ? ? 
hydrog32 hydrog ? ? B DC 5  N3 ? ? ? 1_555 D DG 8  N1 ? ? B DC 16 D DG 8  1_555 ? ? ? ? ? ? WATSON-CRICK ? ? ? 
hydrog33 hydrog ? ? B DC 5  N4 ? ? ? 1_555 D DG 8  O6 ? ? B DC 16 D DG 8  1_555 ? ? ? ? ? ? WATSON-CRICK ? ? ? 
hydrog34 hydrog ? ? B DC 5  O2 ? ? ? 1_555 D DG 8  N2 ? ? B DC 16 D DG 8  1_555 ? ? ? ? ? ? WATSON-CRICK ? ? ? 
hydrog35 hydrog ? ? B DA 6  N1 ? ? ? 1_555 D DT 7  N3 ? ? B DA 17 D DT 7  1_555 ? ? ? ? ? ? WATSON-CRICK ? ? ? 
hydrog36 hydrog ? ? B DA 6  N6 ? ? ? 1_555 D DT 7  O4 ? ? B DA 17 D DT 7  1_555 ? ? ? ? ? ? WATSON-CRICK ? ? ? 
hydrog37 hydrog ? ? B DC 7  N3 ? ? ? 1_555 D DG 6  N1 ? ? B DC 18 D DG 6  1_555 ? ? ? ? ? ? WATSON-CRICK ? ? ? 
hydrog38 hydrog ? ? B DC 7  N4 ? ? ? 1_555 D DG 6  O6 ? ? B DC 18 D DG 6  1_555 ? ? ? ? ? ? WATSON-CRICK ? ? ? 
hydrog39 hydrog ? ? B DC 7  O2 ? ? ? 1_555 D DG 6  N2 ? ? B DC 18 D DG 6  1_555 ? ? ? ? ? ? WATSON-CRICK ? ? ? 
hydrog40 hydrog ? ? B DT 8  N3 ? ? ? 1_555 D DA 5  N1 ? ? B DT 19 D DA 5  1_555 ? ? ? ? ? ? WATSON-CRICK ? ? ? 
hydrog41 hydrog ? ? B DT 8  O4 ? ? ? 1_555 D DA 5  N6 ? ? B DT 19 D DA 5  1_555 ? ? ? ? ? ? WATSON-CRICK ? ? ? 
hydrog42 hydrog ? ? B DC 9  N3 ? ? ? 1_555 D DG 4  N1 ? ? B DC 20 D DG 4  1_555 ? ? ? ? ? ? WATSON-CRICK ? ? ? 
hydrog43 hydrog ? ? B DC 9  N4 ? ? ? 1_555 D DG 4  O6 ? ? B DC 20 D DG 4  1_555 ? ? ? ? ? ? WATSON-CRICK ? ? ? 
hydrog44 hydrog ? ? B DC 9  O2 ? ? ? 1_555 D DG 4  N2 ? ? B DC 20 D DG 4  1_555 ? ? ? ? ? ? WATSON-CRICK ? ? ? 
hydrog45 hydrog ? ? B DA 10 N1 ? ? ? 1_555 D DT 3  N3 ? ? B DA 21 D DT 3  1_555 ? ? ? ? ? ? WATSON-CRICK ? ? ? 
hydrog46 hydrog ? ? B DA 10 N6 ? ? ? 1_555 D DT 3  O4 ? ? B DA 21 D DT 3  1_555 ? ? ? ? ? ? WATSON-CRICK ? ? ? 
# 
_struct_conn_type.id          hydrog 
_struct_conn_type.criteria    ? 
_struct_conn_type.reference   ? 
# 
loop_
_struct_site.id 
_struct_site.pdbx_evidence_code 
_struct_site.pdbx_auth_asym_id 
_struct_site.pdbx_auth_comp_id 
_struct_site.pdbx_auth_seq_id 
_struct_site.pdbx_auth_ins_code 
_struct_site.pdbx_num_residues 
_struct_site.details 
AC1 Software C CAC 101 ? 1 'binding site for residue CAC C 101' 
AC2 Software D CAC 101 ? 1 'binding site for residue CAC D 101' 
# 
loop_
_struct_site_gen.id 
_struct_site_gen.site_id 
_struct_site_gen.pdbx_num_res 
_struct_site_gen.label_comp_id 
_struct_site_gen.label_asym_id 
_struct_site_gen.label_seq_id 
_struct_site_gen.pdbx_auth_ins_code 
_struct_site_gen.auth_comp_id 
_struct_site_gen.auth_asym_id 
_struct_site_gen.auth_seq_id 
_struct_site_gen.label_atom_id 
_struct_site_gen.label_alt_id 
_struct_site_gen.symmetry 
_struct_site_gen.details 
1 AC1 1 DA C 3  ? DA C 3  . ? 1_555 ? 
2 AC2 1 DG D 11 ? DG D 11 . ? 1_555 ? 
# 
_atom_sites.entry_id                    6XFZ 
_atom_sites.Cartn_transf_matrix[1][1]   ? 
_atom_sites.Cartn_transf_matrix[1][2]   ? 
_atom_sites.Cartn_transf_matrix[1][3]   ? 
_atom_sites.Cartn_transf_matrix[2][1]   ? 
_atom_sites.Cartn_transf_matrix[2][2]   ? 
_atom_sites.Cartn_transf_matrix[2][3]   ? 
_atom_sites.Cartn_transf_matrix[3][1]   ? 
_atom_sites.Cartn_transf_matrix[3][2]   ? 
_atom_sites.Cartn_transf_matrix[3][3]   ? 
_atom_sites.Cartn_transf_vector[1]      ? 
_atom_sites.Cartn_transf_vector[2]      ? 
_atom_sites.Cartn_transf_vector[3]      ? 
_atom_sites.fract_transf_matrix[1][1]   0.00745763 
_atom_sites.fract_transf_matrix[1][2]   -0.00486248 
_atom_sites.fract_transf_matrix[1][3]   0.01427013 
_atom_sites.fract_transf_matrix[2][1]   0.00315786 
_atom_sites.fract_transf_matrix[2][2]   0.01125224 
_atom_sites.fract_transf_matrix[2][3]   0.01209659 
_atom_sites.fract_transf_matrix[3][1]   -0.01540209 
_atom_sites.fract_transf_matrix[3][2]   -0.00316963 
_atom_sites.fract_transf_matrix[3][3]   0.00696916 
_atom_sites.fract_transf_vector[1]      0.124858 
_atom_sites.fract_transf_vector[2]      -0.165312 
_atom_sites.fract_transf_vector[3]      -0.035596 
_atom_sites.solution_primary            ? 
_atom_sites.solution_secondary          ? 
_atom_sites.solution_hydrogens          ? 
_atom_sites.special_details             ? 
# 
loop_
_atom_type.symbol 
AS 
C  
N  
O  
P  
# 
loop_
_atom_site.group_PDB 
_atom_site.id 
_atom_site.type_symbol 
_atom_site.label_atom_id 
_atom_site.label_alt_id 
_atom_site.label_comp_id 
_atom_site.label_asym_id 
_atom_site.label_entity_id 
_atom_site.label_seq_id 
_atom_site.pdbx_PDB_ins_code 
_atom_site.Cartn_x 
_atom_site.Cartn_y 
_atom_site.Cartn_z 
_atom_site.occupancy 
_atom_site.B_iso_or_equiv 
_atom_site.pdbx_formal_charge 
_atom_site.auth_seq_id 
_atom_site.auth_comp_id 
_atom_site.auth_asym_id 
_atom_site.auth_atom_id 
_atom_site.pdbx_PDB_model_num 
ATOM   1   O  "O5'" . DG  A 1 1  ? 6.890   -12.876 -21.276 1.00 183.63 ? 1   DG  A "O5'" 1 
ATOM   2   C  "C5'" . DG  A 1 1  ? 6.247   -12.788 -20.011 1.00 185.12 ? 1   DG  A "C5'" 1 
ATOM   3   C  "C4'" . DG  A 1 1  ? 5.168   -13.848 -19.878 1.00 182.81 ? 1   DG  A "C4'" 1 
ATOM   4   O  "O4'" . DG  A 1 1  ? 5.775   -15.168 -19.950 1.00 176.20 ? 1   DG  A "O4'" 1 
ATOM   5   C  "C3'" . DG  A 1 1  ? 4.407   -13.823 -18.561 1.00 178.14 ? 1   DG  A "C3'" 1 
ATOM   6   O  "O3'" . DG  A 1 1  ? 3.258   -12.990 -18.673 1.00 183.63 ? 1   DG  A "O3'" 1 
ATOM   7   C  "C2'" . DG  A 1 1  ? 4.022   -15.284 -18.383 1.00 171.11 ? 1   DG  A "C2'" 1 
ATOM   8   C  "C1'" . DG  A 1 1  ? 5.263   -15.991 -18.916 1.00 164.35 ? 1   DG  A "C1'" 1 
ATOM   9   N  N9    . DG  A 1 1  ? 6.318   -16.188 -17.915 1.00 152.71 ? 1   DG  A N9    1 
ATOM   10  C  C8    . DG  A 1 1  ? 7.658   -15.925 -18.072 1.00 150.40 ? 1   DG  A C8    1 
ATOM   11  N  N7    . DG  A 1 1  ? 8.372   -16.201 -17.015 1.00 147.75 ? 1   DG  A N7    1 
ATOM   12  C  C5    . DG  A 1 1  ? 7.450   -16.682 -16.095 1.00 148.58 ? 1   DG  A C5    1 
ATOM   13  C  C6    . DG  A 1 1  ? 7.640   -17.137 -14.766 1.00 144.12 ? 1   DG  A C6    1 
ATOM   14  O  O6    . DG  A 1 1  ? 8.698   -17.209 -14.122 1.00 140.06 ? 1   DG  A O6    1 
ATOM   15  N  N1    . DG  A 1 1  ? 6.443   -17.540 -14.182 1.00 143.85 ? 1   DG  A N1    1 
ATOM   16  C  C2    . DG  A 1 1  ? 5.216   -17.506 -14.798 1.00 147.32 ? 1   DG  A C2    1 
ATOM   17  N  N2    . DG  A 1 1  ? 4.174   -17.935 -14.069 1.00 143.30 ? 1   DG  A N2    1 
ATOM   18  N  N3    . DG  A 1 1  ? 5.020   -17.082 -16.042 1.00 149.81 ? 1   DG  A N3    1 
ATOM   19  C  C4    . DG  A 1 1  ? 6.178   -16.685 -16.631 1.00 150.99 ? 1   DG  A C4    1 
ATOM   20  P  P     . DA  A 1 2  ? 3.041   -11.774 -17.645 1.00 185.46 ? 2   DA  A P     1 
ATOM   21  O  OP1   . DA  A 1 2  ? 2.785   -10.559 -18.449 1.00 224.14 ? 2   DA  A OP1   1 
ATOM   22  O  OP2   . DA  A 1 2  ? 4.162   -11.792 -16.681 1.00 175.47 ? 2   DA  A OP2   1 
ATOM   23  O  "O5'" . DA  A 1 2  ? 1.700   -12.160 -16.857 1.00 175.02 ? 2   DA  A "O5'" 1 
ATOM   24  C  "C5'" . DA  A 1 2  ? 1.393   -13.523 -16.584 1.00 167.63 ? 2   DA  A "C5'" 1 
ATOM   25  C  "C4'" . DA  A 1 2  ? 1.921   -13.945 -15.225 1.00 162.28 ? 2   DA  A "C4'" 1 
ATOM   26  O  "O4'" . DA  A 1 2  ? 3.310   -14.294 -15.325 1.00 161.63 ? 2   DA  A "O4'" 1 
ATOM   27  C  "C3'" . DA  A 1 2  ? 1.877   -12.871 -14.146 1.00 163.58 ? 2   DA  A "C3'" 1 
ATOM   28  O  "O3'" . DA  A 1 2  ? 0.655   -12.960 -13.420 1.00 165.93 ? 2   DA  A "O3'" 1 
ATOM   29  C  "C2'" . DA  A 1 2  ? 3.087   -13.201 -13.251 1.00 155.25 ? 2   DA  A "C2'" 1 
ATOM   30  C  "C1'" . DA  A 1 2  ? 3.842   -14.283 -14.027 1.00 154.90 ? 2   DA  A "C1'" 1 
ATOM   31  N  N9    . DA  A 1 2  ? 5.280   -14.052 -14.098 1.00 152.55 ? 2   DA  A N9    1 
ATOM   32  C  C8    . DA  A 1 2  ? 5.989   -13.550 -15.152 1.00 154.16 ? 2   DA  A C8    1 
ATOM   33  N  N7    . DA  A 1 2  ? 7.278   -13.455 -14.923 1.00 151.35 ? 2   DA  A N7    1 
ATOM   34  C  C5    . DA  A 1 2  ? 7.421   -13.930 -13.629 1.00 151.60 ? 2   DA  A C5    1 
ATOM   35  C  C6    . DA  A 1 2  ? 8.545   -14.091 -12.796 1.00 153.56 ? 2   DA  A C6    1 
ATOM   36  N  N6    . DA  A 1 2  ? 9.788   -13.773 -13.167 1.00 161.56 ? 2   DA  A N6    1 
ATOM   37  N  N1    . DA  A 1 2  ? 8.339   -14.595 -11.560 1.00 151.37 ? 2   DA  A N1    1 
ATOM   38  C  C2    . DA  A 1 2  ? 7.091   -14.911 -11.193 1.00 148.96 ? 2   DA  A C2    1 
ATOM   39  N  N3    . DA  A 1 2  ? 5.961   -14.804 -11.888 1.00 150.62 ? 2   DA  A N3    1 
ATOM   40  C  C4    . DA  A 1 2  ? 6.199   -14.303 -13.109 1.00 151.20 ? 2   DA  A C4    1 
ATOM   41  P  P     . DG  A 1 3  ? 0.228   -11.795 -12.397 1.00 170.09 ? 3   DG  A P     1 
ATOM   42  O  OP1   . DG  A 1 3  ? -1.055  -11.240 -12.882 1.00 171.43 ? 3   DG  A OP1   1 
ATOM   43  O  OP2   . DG  A 1 3  ? 1.382   -10.890 -12.190 1.00 159.30 ? 3   DG  A OP2   1 
ATOM   44  O  "O5'" . DG  A 1 3  ? -0.040  -12.571 -11.024 1.00 162.70 ? 3   DG  A "O5'" 1 
ATOM   45  C  "C5'" . DG  A 1 3  ? 0.752   -13.701 -10.675 1.00 154.58 ? 3   DG  A "C5'" 1 
ATOM   46  C  "C4'" . DG  A 1 3  ? 1.563   -13.427 -9.421  1.00 155.81 ? 3   DG  A "C4'" 1 
ATOM   47  O  "O4'" . DG  A 1 3  ? 2.974   -13.404 -9.745  1.00 152.85 ? 3   DG  A "O4'" 1 
ATOM   48  C  "C3'" . DG  A 1 3  ? 1.257   -12.097 -8.725  1.00 153.83 ? 3   DG  A "C3'" 1 
ATOM   49  O  "O3'" . DG  A 1 3  ? 0.944   -12.335 -7.356  1.00 155.40 ? 3   DG  A "O3'" 1 
ATOM   50  C  "C2'" . DG  A 1 3  ? 2.549   -11.286 -8.887  1.00 146.62 ? 3   DG  A "C2'" 1 
ATOM   51  C  "C1'" . DG  A 1 3  ? 3.592   -12.382 -9.010  1.00 144.51 ? 3   DG  A "C1'" 1 
ATOM   52  N  N9    . DG  A 1 3  ? 4.800   -11.974 -9.719  1.00 138.60 ? 3   DG  A N9    1 
ATOM   53  C  C8    . DG  A 1 3  ? 4.887   -11.487 -11.001 1.00 137.34 ? 3   DG  A C8    1 
ATOM   54  N  N7    . DG  A 1 3  ? 6.108   -11.219 -11.372 1.00 134.79 ? 3   DG  A N7    1 
ATOM   55  C  C5    . DG  A 1 3  ? 6.879   -11.552 -10.267 1.00 138.88 ? 3   DG  A C5    1 
ATOM   56  C  C6    . DG  A 1 3  ? 8.280   -11.474 -10.078 1.00 140.91 ? 3   DG  A C6    1 
ATOM   57  O  O6    . DG  A 1 3  ? 9.143   -11.082 -10.877 1.00 142.53 ? 3   DG  A O6    1 
ATOM   58  N  N1    . DG  A 1 3  ? 8.651   -11.912 -8.808  1.00 138.33 ? 3   DG  A N1    1 
ATOM   59  C  C2    . DG  A 1 3  ? 7.778   -12.367 -7.846  1.00 136.41 ? 3   DG  A C2    1 
ATOM   60  N  N2    . DG  A 1 3  ? 8.324   -12.747 -6.682  1.00 135.54 ? 3   DG  A N2    1 
ATOM   61  N  N3    . DG  A 1 3  ? 6.464   -12.443 -8.012  1.00 135.54 ? 3   DG  A N3    1 
ATOM   62  C  C4    . DG  A 1 3  ? 6.088   -12.022 -9.243  1.00 138.40 ? 3   DG  A C4    1 
ATOM   63  P  P     . DC  A 1 4  ? 0.643   -11.111 -6.360  1.00 160.76 ? 4   DC  A P     1 
ATOM   64  O  OP1   . DC  A 1 4  ? -0.293  -11.602 -5.325  1.00 160.58 ? 4   DC  A OP1   1 
ATOM   65  O  OP2   . DC  A 1 4  ? 0.285   -9.920  -7.161  1.00 173.65 ? 4   DC  A OP2   1 
ATOM   66  O  "O5'" . DC  A 1 4  ? 2.055   -10.847 -5.663  1.00 155.91 ? 4   DC  A "O5'" 1 
ATOM   67  C  "C5'" . DC  A 1 4  ? 2.739   -11.929 -5.055  1.00 151.40 ? 4   DC  A "C5'" 1 
ATOM   68  C  "C4'" . DC  A 1 4  ? 3.984   -11.450 -4.339  1.00 150.16 ? 4   DC  A "C4'" 1 
ATOM   69  O  "O4'" . DC  A 1 4  ? 5.056   -11.243 -5.293  1.00 145.16 ? 4   DC  A "O4'" 1 
ATOM   70  C  "C3'" . DC  A 1 4  ? 3.832   -10.133 -3.573  1.00 153.77 ? 4   DC  A "C3'" 1 
ATOM   71  O  "O3'" . DC  A 1 4  ? 4.404   -10.287 -2.282  1.00 164.29 ? 4   DC  A "O3'" 1 
ATOM   72  C  "C2'" . DC  A 1 4  ? 4.614   -9.133  -4.432  1.00 145.15 ? 4   DC  A "C2'" 1 
ATOM   73  C  "C1'" . DC  A 1 4  ? 5.695   -10.022 -5.013  1.00 141.99 ? 4   DC  A "C1'" 1 
ATOM   74  N  N1    . DC  A 1 4  ? 6.300   -9.514  -6.278  1.00 135.67 ? 4   DC  A N1    1 
ATOM   75  C  C2    . DC  A 1 4  ? 7.688   -9.389  -6.375  1.00 131.98 ? 4   DC  A C2    1 
ATOM   76  O  O2    . DC  A 1 4  ? 8.388   -9.687  -5.400  1.00 132.91 ? 4   DC  A O2    1 
ATOM   77  N  N3    . DC  A 1 4  ? 8.229   -8.943  -7.536  1.00 128.08 ? 4   DC  A N3    1 
ATOM   78  C  C4    . DC  A 1 4  ? 7.440   -8.633  -8.565  1.00 129.77 ? 4   DC  A C4    1 
ATOM   79  N  N4    . DC  A 1 4  ? 8.019   -8.195  -9.686  1.00 127.82 ? 4   DC  A N4    1 
ATOM   80  C  C5    . DC  A 1 4  ? 6.021   -8.757  -8.487  1.00 132.68 ? 4   DC  A C5    1 
ATOM   81  C  C6    . DC  A 1 4  ? 5.498   -9.201  -7.338  1.00 134.43 ? 4   DC  A C6    1 
ATOM   82  P  P     . DA  A 1 5  ? 4.255   -9.152  -1.155  1.00 167.70 ? 5   DA  A P     1 
ATOM   83  O  OP1   . DA  A 1 5  ? 3.514   -9.757  -0.027  1.00 165.03 ? 5   DA  A OP1   1 
ATOM   84  O  OP2   . DA  A 1 5  ? 3.746   -7.906  -1.768  1.00 154.48 ? 5   DA  A OP2   1 
ATOM   85  O  "O5'" . DA  A 1 5  ? 5.768   -8.908  -0.705  1.00 147.23 ? 5   DA  A "O5'" 1 
ATOM   86  C  "C5'" . DA  A 1 5  ? 6.081   -7.958  0.297   1.00 146.82 ? 5   DA  A "C5'" 1 
ATOM   87  C  "C4'" . DA  A 1 5  ? 7.577   -7.953  0.559   1.00 146.63 ? 5   DA  A "C4'" 1 
ATOM   88  O  "O4'" . DA  A 1 5  ? 8.286   -8.138  -0.685  1.00 142.53 ? 5   DA  A "O4'" 1 
ATOM   89  C  "C3'" . DA  A 1 5  ? 8.125   -6.668  1.146   1.00 146.59 ? 5   DA  A "C3'" 1 
ATOM   90  O  "O3'" . DA  A 1 5  ? 9.272   -6.944  1.938   1.00 156.48 ? 5   DA  A "O3'" 1 
ATOM   91  C  "C2'" . DA  A 1 5  ? 8.478   -5.839  -0.091  1.00 137.67 ? 5   DA  A "C2'" 1 
ATOM   92  C  "C1'" . DA  A 1 5  ? 8.747   -6.893  -1.172  1.00 136.55 ? 5   DA  A "C1'" 1 
ATOM   93  N  N9    . DA  A 1 5  ? 8.061   -6.607  -2.430  1.00 133.29 ? 5   DA  A N9    1 
ATOM   94  C  C8    . DA  A 1 5  ? 6.712   -6.588  -2.646  1.00 133.33 ? 5   DA  A C8    1 
ATOM   95  N  N7    . DA  A 1 5  ? 6.376   -6.292  -3.877  1.00 130.29 ? 5   DA  A N7    1 
ATOM   96  C  C5    . DA  A 1 5  ? 7.588   -6.100  -4.515  1.00 127.55 ? 5   DA  A C5    1 
ATOM   97  C  C6    . DA  A 1 5  ? 7.917   -5.762  -5.842  1.00 124.90 ? 5   DA  A C6    1 
ATOM   98  N  N6    . DA  A 1 5  ? 7.003   -5.552  -6.796  1.00 122.80 ? 5   DA  A N6    1 
ATOM   99  N  N1    . DA  A 1 5  ? 9.225   -5.648  -6.152  1.00 123.80 ? 5   DA  A N1    1 
ATOM   100 C  C2    . DA  A 1 5  ? 10.136  -5.861  -5.193  1.00 125.24 ? 5   DA  A C2    1 
ATOM   101 N  N3    . DA  A 1 5  ? 9.947   -6.181  -3.913  1.00 126.91 ? 5   DA  A N3    1 
ATOM   102 C  C4    . DA  A 1 5  ? 8.639   -6.288  -3.636  1.00 129.18 ? 5   DA  A C4    1 
ATOM   103 P  P     . DG  A 1 6  ? 10.033  -5.748  2.692   1.00 165.90 ? 6   DG  A P     1 
ATOM   104 O  OP1   . DG  A 1 6  ? 10.613  -6.292  3.939   1.00 166.98 ? 6   DG  A OP1   1 
ATOM   105 O  OP2   . DG  A 1 6  ? 9.109   -4.595  2.753   1.00 178.93 ? 6   DG  A OP2   1 
ATOM   106 O  "O5'" . DG  A 1 6  ? 11.211  -5.362  1.685   1.00 148.22 ? 6   DG  A "O5'" 1 
ATOM   107 C  "C5'" . DG  A 1 6  ? 11.757  -4.056  1.698   1.00 143.31 ? 6   DG  A "C5'" 1 
ATOM   108 C  "C4'" . DG  A 1 6  ? 12.522  -3.787  0.417   1.00 136.88 ? 6   DG  A "C4'" 1 
ATOM   109 O  "O4'" . DG  A 1 6  ? 11.673  -4.060  -0.708  1.00 130.54 ? 6   DG  A "O4'" 1 
ATOM   110 C  "C3'" . DG  A 1 6  ? 12.981  -2.346  0.233   1.00 134.23 ? 6   DG  A "C3'" 1 
ATOM   111 O  "O3'" . DG  A 1 6  ? 14.347  -2.223  0.605   1.00 146.01 ? 6   DG  A "O3'" 1 
ATOM   112 C  "C2'" . DG  A 1 6  ? 12.779  -2.064  -1.268  1.00 121.72 ? 6   DG  A "C2'" 1 
ATOM   113 C  "C1'" . DG  A 1 6  ? 12.166  -3.355  -1.812  1.00 122.23 ? 6   DG  A "C1'" 1 
ATOM   114 N  N9    . DG  A 1 6  ? 11.066  -3.134  -2.743  1.00 118.42 ? 6   DG  A N9    1 
ATOM   115 C  C8    . DG  A 1 6  ? 9.726   -3.318  -2.503  1.00 119.75 ? 6   DG  A C8    1 
ATOM   116 N  N7    . DG  A 1 6  ? 8.971   -3.040  -3.530  1.00 118.06 ? 6   DG  A N7    1 
ATOM   117 C  C5    . DG  A 1 6  ? 9.869   -2.643  -4.512  1.00 115.76 ? 6   DG  A C5    1 
ATOM   118 C  C6    . DG  A 1 6  ? 9.636   -2.225  -5.846  1.00 108.29 ? 6   DG  A C6    1 
ATOM   119 O  O6    . DG  A 1 6  ? 8.552   -2.116  -6.439  1.00 104.50 ? 6   DG  A O6    1 
ATOM   120 N  N1    . DG  A 1 6  ? 10.825  -1.914  -6.503  1.00 106.75 ? 6   DG  A N1    1 
ATOM   121 C  C2    . DG  A 1 6  ? 12.079  -2.000  -5.943  1.00 112.73 ? 6   DG  A C2    1 
ATOM   122 N  N2    . DG  A 1 6  ? 13.106  -1.657  -6.734  1.00 107.55 ? 6   DG  A N2    1 
ATOM   123 N  N3    . DG  A 1 6  ? 12.310  -2.391  -4.696  1.00 118.50 ? 6   DG  A N3    1 
ATOM   124 C  C4    . DG  A 1 6  ? 11.163  -2.697  -4.045  1.00 118.74 ? 6   DG  A C4    1 
ATOM   125 P  P     . DA  A 1 7  ? 14.960  -0.786  0.981   1.00 157.58 ? 7   DA  A P     1 
ATOM   126 O  OP1   . DA  A 1 7  ? 16.239  -1.021  1.687   1.00 144.36 ? 7   DA  A OP1   1 
ATOM   127 O  OP2   . DA  A 1 7  ? 13.894  0.005   1.634   1.00 155.06 ? 7   DA  A OP2   1 
ATOM   128 O  "O5'" . DA  A 1 7  ? 15.272  -0.118  -0.438  1.00 137.48 ? 7   DA  A "O5'" 1 
ATOM   129 C  "C5'" . DA  A 1 7  ? 16.247  -0.700  -1.289  1.00 131.89 ? 7   DA  A "C5'" 1 
ATOM   130 C  "C4'" . DA  A 1 7  ? 16.345  0.055   -2.600  1.00 127.99 ? 7   DA  A "C4'" 1 
ATOM   131 O  "O4'" . DA  A 1 7  ? 15.150  -0.170  -3.389  1.00 122.57 ? 7   DA  A "O4'" 1 
ATOM   132 C  "C3'" . DA  A 1 7  ? 16.499  1.572   -2.472  1.00 126.56 ? 7   DA  A "C3'" 1 
ATOM   133 O  "O3'" . DA  A 1 7  ? 17.562  2.010   -3.311  1.00 132.88 ? 7   DA  A "O3'" 1 
ATOM   134 C  "C2'" . DA  A 1 7  ? 15.139  2.111   -2.934  1.00 120.15 ? 7   DA  A "C2'" 1 
ATOM   135 C  "C1'" . DA  A 1 7  ? 14.719  1.052   -3.936  1.00 115.79 ? 7   DA  A "C1'" 1 
ATOM   136 N  N9    . DA  A 1 7  ? 13.278  0.964   -4.158  1.00 104.86 ? 7   DA  A N9    1 
ATOM   137 C  C8    . DA  A 1 7  ? 12.332  0.524   -3.276  1.00 106.79 ? 7   DA  A C8    1 
ATOM   138 N  N7    . DA  A 1 7  ? 11.111  0.531   -3.758  1.00 101.26 ? 7   DA  A N7    1 
ATOM   139 C  C5    . DA  A 1 7  ? 11.269  1.004   -5.050  1.00 101.43 ? 7   DA  A C5    1 
ATOM   140 C  C6    . DA  A 1 7  ? 10.351  1.247   -6.092  1.00 101.23 ? 7   DA  A C6    1 
ATOM   141 N  N6    . DA  A 1 7  ? 9.036   1.038   -5.979  1.00 97.09  ? 7   DA  A N6    1 
ATOM   142 N  N1    . DA  A 1 7  ? 10.840  1.720   -7.258  1.00 96.95  ? 7   DA  A N1    1 
ATOM   143 C  C2    . DA  A 1 7  ? 12.158  1.928   -7.368  1.00 101.45 ? 7   DA  A C2    1 
ATOM   144 N  N3    . DA  A 1 7  ? 13.115  1.739   -6.460  1.00 104.48 ? 7   DA  A N3    1 
ATOM   145 C  C4    . DA  A 1 7  ? 12.600  1.269   -5.315  1.00 101.19 ? 7   DA  A C4    1 
ATOM   146 P  P     . DC  A 1 8  ? 18.004  3.554   -3.342  1.00 147.49 ? 8   DC  A P     1 
ATOM   147 O  OP1   . DC  A 1 8  ? 19.476  3.583   -3.488  1.00 142.36 ? 8   DC  A OP1   1 
ATOM   148 O  OP2   . DC  A 1 8  ? 17.363  4.252   -2.206  1.00 143.86 ? 8   DC  A OP2   1 
ATOM   149 O  "O5'" . DC  A 1 8  ? 17.347  4.095   -4.693  1.00 124.01 ? 8   DC  A "O5'" 1 
ATOM   150 C  "C5'" . DC  A 1 8  ? 17.200  5.488   -4.929  1.00 121.77 ? 8   DC  A "C5'" 1 
ATOM   151 C  "C4'" . DC  A 1 8  ? 16.444  5.698   -6.225  1.00 119.40 ? 8   DC  A "C4'" 1 
ATOM   152 O  "O4'" . DC  A 1 8  ? 15.241  4.887   -6.208  1.00 115.90 ? 8   DC  A "O4'" 1 
ATOM   153 C  "C3'" . DC  A 1 8  ? 15.997  7.135   -6.522  1.00 115.73 ? 8   DC  A "C3'" 1 
ATOM   154 O  "O3'" . DC  A 1 8  ? 16.328  7.458   -7.883  1.00 125.02 ? 8   DC  A "O3'" 1 
ATOM   155 C  "C2'" . DC  A 1 8  ? 14.487  7.086   -6.284  1.00 111.64 ? 8   DC  A "C2'" 1 
ATOM   156 C  "C1'" . DC  A 1 8  ? 14.151  5.654   -6.650  1.00 105.14 ? 8   DC  A "C1'" 1 
ATOM   157 N  N1    . DC  A 1 8  ? 12.919  5.154   -5.979  1.00 99.86  ? 8   DC  A N1    1 
ATOM   158 C  C2    . DC  A 1 8  ? 11.713  5.124   -6.685  1.00 95.15  ? 8   DC  A C2    1 
ATOM   159 O  O2    . DC  A 1 8  ? 11.693  5.503   -7.862  1.00 95.29  ? 8   DC  A O2    1 
ATOM   160 N  N3    . DC  A 1 8  ? 10.599  4.672   -6.058  1.00 91.32  ? 8   DC  A N3    1 
ATOM   161 C  C4    . DC  A 1 8  ? 10.662  4.271   -4.787  1.00 92.68  ? 8   DC  A C4    1 
ATOM   162 N  N4    . DC  A 1 8  ? 9.537   3.834   -4.213  1.00 89.55  ? 8   DC  A N4    1 
ATOM   163 C  C5    . DC  A 1 8  ? 11.882  4.301   -4.050  1.00 96.75  ? 8   DC  A C5    1 
ATOM   164 C  C6    . DC  A 1 8  ? 12.974  4.746   -4.679  1.00 99.60  ? 8   DC  A C6    1 
ATOM   165 P  P     . DA  A 1 9  ? 15.796  8.798   -8.607  1.00 137.55 ? 9   DA  A P     1 
ATOM   166 O  OP1   . DA  A 1 9  ? 16.981  9.489   -9.156  1.00 139.68 ? 9   DA  A OP1   1 
ATOM   167 O  OP2   . DA  A 1 9  ? 14.873  9.567   -7.745  1.00 116.12 ? 9   DA  A OP2   1 
ATOM   168 O  "O5'" . DA  A 1 9  ? 14.956  8.234   -9.843  1.00 113.31 ? 9   DA  A "O5'" 1 
ATOM   169 C  "C5'" . DA  A 1 9  ? 13.597  7.865   -9.675  1.00 108.81 ? 9   DA  A "C5'" 1 
ATOM   170 C  "C4'" . DA  A 1 9  ? 12.728  8.625   -10.653 1.00 115.19 ? 9   DA  A "C4'" 1 
ATOM   171 O  "O4'" . DA  A 1 9  ? 11.339  8.340   -10.385 1.00 111.78 ? 9   DA  A "O4'" 1 
ATOM   172 C  "C3'" . DA  A 1 9  ? 12.838  10.130  -10.547 1.00 113.45 ? 9   DA  A "C3'" 1 
ATOM   173 O  "O3'" . DA  A 1 9  ? 12.443  10.729  -11.773 1.00 110.75 ? 9   DA  A "O3'" 1 
ATOM   174 C  "C2'" . DA  A 1 9  ? 11.860  10.446  -9.415  1.00 107.53 ? 9   DA  A "C2'" 1 
ATOM   175 C  "C1'" . DA  A 1 9  ? 10.778  9.377   -9.600  1.00 102.87 ? 9   DA  A "C1'" 1 
ATOM   176 N  N9    . DA  A 1 9  ? 10.314  8.796   -8.343  1.00 93.84  ? 9   DA  A N9    1 
ATOM   177 C  C8    . DA  A 1 9  ? 11.079  8.452   -7.264  1.00 93.39  ? 9   DA  A C8    1 
ATOM   178 N  N7    . DA  A 1 9  ? 10.391  7.941   -6.268  1.00 93.58  ? 9   DA  A N7    1 
ATOM   179 C  C5    . DA  A 1 9  ? 9.085   7.947   -6.730  1.00 85.93  ? 9   DA  A C5    1 
ATOM   180 C  C6    . DA  A 1 9  ? 7.871   7.534   -6.146  1.00 75.79  ? 9   DA  A C6    1 
ATOM   181 N  N6    . DA  A 1 9  ? 7.783   7.012   -4.918  1.00 72.78  ? 9   DA  A N6    1 
ATOM   182 N  N1    . DA  A 1 9  ? 6.744   7.679   -6.876  1.00 69.56  ? 9   DA  A N1    1 
ATOM   183 C  C2    . DA  A 1 9  ? 6.835   8.201   -8.106  1.00 74.91  ? 9   DA  A C2    1 
ATOM   184 N  N3    . DA  A 1 9  ? 7.916   8.628   -8.758  1.00 83.54  ? 9   DA  A N3    1 
ATOM   185 C  C4    . DA  A 1 9  ? 9.019   8.471   -8.007  1.00 88.67  ? 9   DA  A C4    1 
ATOM   186 P  P     . DA  A 1 10 ? 12.925  12.217  -12.141 1.00 122.24 ? 10  DA  A P     1 
ATOM   187 O  OP1   . DA  A 1 10 ? 13.796  12.142  -13.333 1.00 128.82 ? 10  DA  A OP1   1 
ATOM   188 O  OP2   . DA  A 1 10 ? 13.433  12.843  -10.901 1.00 122.93 ? 10  DA  A OP2   1 
ATOM   189 O  "O5'" . DA  A 1 10 ? 11.568  12.958  -12.530 1.00 113.70 ? 10  DA  A "O5'" 1 
ATOM   190 C  "C5'" . DA  A 1 10 ? 10.454  12.856  -11.666 1.00 105.37 ? 10  DA  A "C5'" 1 
ATOM   191 C  "C4'" . DA  A 1 10 ? 9.156   12.973  -12.434 1.00 102.40 ? 10  DA  A "C4'" 1 
ATOM   192 O  "O4'" . DA  A 1 10 ? 8.146   12.171  -11.785 1.00 98.24  ? 10  DA  A "O4'" 1 
ATOM   193 C  "C3'" . DA  A 1 10 ? 8.563   14.362  -12.454 1.00 96.99  ? 10  DA  A "C3'" 1 
ATOM   194 O  "O3'" . DA  A 1 10 ? 7.608   14.449  -13.499 1.00 94.84  ? 10  DA  A "O3'" 1 
ATOM   195 C  "C2'" . DA  A 1 10 ? 7.897   14.423  -11.081 1.00 92.97  ? 10  DA  A "C2'" 1 
ATOM   196 C  "C1'" . DA  A 1 10 ? 7.393   12.986  -10.901 1.00 89.78  ? 10  DA  A "C1'" 1 
ATOM   197 N  N9    . DA  A 1 10 ? 7.559   12.458  -9.544  1.00 85.16  ? 10  DA  A N9    1 
ATOM   198 C  C8    . DA  A 1 10 ? 8.731   12.317  -8.849  1.00 84.81  ? 10  DA  A C8    1 
ATOM   199 N  N7    . DA  A 1 10 ? 8.581   11.796  -7.653  1.00 80.81  ? 10  DA  A N7    1 
ATOM   200 C  C5    . DA  A 1 10 ? 7.217   11.573  -7.555  1.00 75.11  ? 10  DA  A C5    1 
ATOM   201 C  C6    . DA  A 1 10 ? 6.412   11.037  -6.527  1.00 64.57  ? 10  DA  A C6    1 
ATOM   202 N  N6    . DA  A 1 10 ? 6.900   10.611  -5.356  1.00 60.38  ? 10  DA  A N6    1 
ATOM   203 N  N1    . DA  A 1 10 ? 5.085   10.952  -6.752  1.00 58.30  ? 10  DA  A N1    1 
ATOM   204 C  C2    . DA  A 1 10 ? 4.600   11.377  -7.926  1.00 67.84  ? 10  DA  A C2    1 
ATOM   205 N  N3    . DA  A 1 10 ? 5.254   11.899  -8.965  1.00 75.63  ? 10  DA  A N3    1 
ATOM   206 C  C4    . DA  A 1 10 ? 6.572   11.971  -8.714  1.00 79.17  ? 10  DA  A C4    1 
ATOM   207 P  P     . DG  A 1 11 ? 7.111   15.879  -14.034 1.00 113.86 ? 11  DG  A P     1 
ATOM   208 O  OP1   . DG  A 1 11 ? 6.525   15.665  -15.378 1.00 120.99 ? 11  DG  A OP1   1 
ATOM   209 O  OP2   . DG  A 1 11 ? 8.243   16.827  -13.881 1.00 101.52 ? 11  DG  A OP2   1 
ATOM   210 O  "O5'" . DG  A 1 11 ? 5.931   16.272  -13.019 1.00 102.79 ? 11  DG  A "O5'" 1 
ATOM   211 C  "C5'" . DG  A 1 11 ? 4.829   15.379  -12.815 1.00 95.30  ? 11  DG  A "C5'" 1 
ATOM   212 C  "C4'" . DG  A 1 11 ? 3.842   15.952  -11.813 1.00 88.30  ? 11  DG  A "C4'" 1 
ATOM   213 O  "O4'" . DG  A 1 11 ? 3.726   15.058  -10.683 1.00 83.23  ? 11  DG  A "O4'" 1 
ATOM   214 C  "C3'" . DG  A 1 11 ? 4.236   17.290  -11.217 1.00 87.68  ? 11  DG  A "C3'" 1 
ATOM   215 O  "O3'" . DG  A 1 11 ? 3.795   18.341  -12.069 1.00 88.92  ? 11  DG  A "O3'" 1 
ATOM   216 C  "C2'" . DG  A 1 11 ? 3.484   17.286  -9.888  1.00 83.34  ? 11  DG  A "C2'" 1 
ATOM   217 C  "C1'" . DG  A 1 11 ? 3.532   15.810  -9.492  1.00 81.52  ? 11  DG  A "C1'" 1 
ATOM   218 N  N9    . DG  A 1 11 ? 4.599   15.485  -8.543  1.00 74.60  ? 11  DG  A N9    1 
ATOM   219 C  C8    . DG  A 1 11 ? 5.942   15.755  -8.671  1.00 72.55  ? 11  DG  A C8    1 
ATOM   220 N  N7    . DG  A 1 11 ? 6.656   15.337  -7.661  1.00 70.34  ? 11  DG  A N7    1 
ATOM   221 C  C5    . DG  A 1 11 ? 5.726   14.766  -6.802  1.00 69.29  ? 11  DG  A C5    1 
ATOM   222 C  C6    . DG  A 1 11 ? 5.907   14.146  -5.538  1.00 66.27  ? 11  DG  A C6    1 
ATOM   223 O  O6    . DG  A 1 11 ? 6.961   13.975  -4.905  1.00 59.14  ? 11  DG  A O6    1 
ATOM   224 N  N1    . DG  A 1 11 ? 4.696   13.703  -5.010  1.00 63.77  ? 11  DG  A N1    1 
ATOM   225 C  C2    . DG  A 1 11 ? 3.472   13.839  -5.621  1.00 67.57  ? 11  DG  A C2    1 
ATOM   226 N  N2    . DG  A 1 11 ? 2.417   13.347  -4.955  1.00 59.69  ? 11  DG  A N2    1 
ATOM   227 N  N3    . DG  A 1 11 ? 3.290   14.416  -6.799  1.00 69.44  ? 11  DG  A N3    1 
ATOM   228 C  C4    . DG  A 1 11 ? 4.456   14.852  -7.330  1.00 70.07  ? 11  DG  A C4    1 
ATOM   229 P  P     . DA  B 2 1  ? -12.685 21.181  7.702   1.00 107.66 ? 12  DA  B P     1 
ATOM   230 O  OP1   . DA  B 2 1  ? -11.282 20.741  7.902   1.00 103.79 ? 12  DA  B OP1   1 
ATOM   231 O  OP2   . DA  B 2 1  ? -12.985 22.336  6.826   1.00 99.37  ? 12  DA  B OP2   1 
ATOM   232 O  "O5'" . DA  B 2 1  ? -13.583 19.939  7.225   1.00 101.26 ? 12  DA  B "O5'" 1 
ATOM   233 C  "C5'" . DA  B 2 1  ? -14.918 20.159  6.769   1.00 90.49  ? 12  DA  B "C5'" 1 
ATOM   234 C  "C4'" . DA  B 2 1  ? -15.647 18.846  6.518   1.00 88.85  ? 12  DA  B "C4'" 1 
ATOM   235 O  "O4'" . DA  B 2 1  ? -15.363 18.363  5.181   1.00 83.80  ? 12  DA  B "O4'" 1 
ATOM   236 C  "C3'" . DA  B 2 1  ? -15.300 17.701  7.479   1.00 93.02  ? 12  DA  B "C3'" 1 
ATOM   237 O  "O3'" . DA  B 2 1  ? -16.490 17.205  8.096   1.00 100.76 ? 12  DA  B "O3'" 1 
ATOM   238 C  "C2'" . DA  B 2 1  ? -14.658 16.647  6.571   1.00 86.69  ? 12  DA  B "C2'" 1 
ATOM   239 C  "C1'" . DA  B 2 1  ? -15.278 16.966  5.220   1.00 76.27  ? 12  DA  B "C1'" 1 
ATOM   240 N  N9    . DA  B 2 1  ? -14.470 16.525  4.087   1.00 73.01  ? 12  DA  B N9    1 
ATOM   241 C  C8    . DA  B 2 1  ? -13.174 16.867  3.816   1.00 76.69  ? 12  DA  B C8    1 
ATOM   242 N  N7    . DA  B 2 1  ? -12.698 16.316  2.724   1.00 71.71  ? 12  DA  B N7    1 
ATOM   243 C  C5    . DA  B 2 1  ? -13.753 15.554  2.250   1.00 65.89  ? 12  DA  B C5    1 
ATOM   244 C  C6    . DA  B 2 1  ? -13.889 14.724  1.120   1.00 69.85  ? 12  DA  B C6    1 
ATOM   245 N  N6    . DA  B 2 1  ? -12.908 14.523  0.235   1.00 71.26  ? 12  DA  B N6    1 
ATOM   246 N  N1    . DA  B 2 1  ? -15.073 14.104  0.937   1.00 68.69  ? 12  DA  B N1    1 
ATOM   247 C  C2    . DA  B 2 1  ? -16.053 14.313  1.826   1.00 67.51  ? 12  DA  B C2    1 
ATOM   248 N  N3    . DA  B 2 1  ? -16.043 15.069  2.926   1.00 66.81  ? 12  DA  B N3    1 
ATOM   249 C  C4    . DA  B 2 1  ? -14.852 15.668  3.080   1.00 67.07  ? 12  DA  B C4    1 
ATOM   250 P  P     . DC  B 2 2  ? -16.407 16.049  9.211   1.00 116.87 ? 13  DC  B P     1 
ATOM   251 O  OP1   . DC  B 2 2  ? -17.541 16.253  10.138  1.00 112.31 ? 13  DC  B OP1   1 
ATOM   252 O  OP2   . DC  B 2 2  ? -15.024 16.032  9.737   1.00 101.32 ? 13  DC  B OP2   1 
ATOM   253 O  "O5'" . DC  B 2 2  ? -16.651 14.694  8.386   1.00 96.59  ? 13  DC  B "O5'" 1 
ATOM   254 C  "C5'" . DC  B 2 2  ? -17.889 14.493  7.694   1.00 93.77  ? 13  DC  B "C5'" 1 
ATOM   255 C  "C4'" . DC  B 2 2  ? -17.830 13.269  6.787   1.00 89.56  ? 13  DC  B "C4'" 1 
ATOM   256 O  "O4'" . DC  B 2 2  ? -16.867 13.485  5.742   1.00 84.01  ? 13  DC  B "O4'" 1 
ATOM   257 C  "C3'" . DC  B 2 2  ? -17.407 11.970  7.472   1.00 88.14  ? 13  DC  B "C3'" 1 
ATOM   258 O  "O3'" . DC  B 2 2  ? -18.549 11.160  7.734   1.00 95.60  ? 13  DC  B "O3'" 1 
ATOM   259 C  "C2'" . DC  B 2 2  ? -16.455 11.290  6.471   1.00 75.99  ? 13  DC  B "C2'" 1 
ATOM   260 C  "C1'" . DC  B 2 2  ? -16.426 12.238  5.274   1.00 70.48  ? 13  DC  B "C1'" 1 
ATOM   261 N  N1    . DC  B 2 2  ? -15.066 12.415  4.695   1.00 66.75  ? 13  DC  B N1    1 
ATOM   262 C  C2    . DC  B 2 2  ? -14.733 11.782  3.492   1.00 69.13  ? 13  DC  B C2    1 
ATOM   263 O  O2    . DC  B 2 2  ? -15.577 11.080  2.924   1.00 68.71  ? 13  DC  B O2    1 
ATOM   264 N  N3    . DC  B 2 2  ? -13.489 11.961  2.981   1.00 66.04  ? 13  DC  B N3    1 
ATOM   265 C  C4    . DC  B 2 2  ? -12.605 12.726  3.624   1.00 70.75  ? 13  DC  B C4    1 
ATOM   266 N  N4    . DC  B 2 2  ? -11.391 12.871  3.082   1.00 74.99  ? 13  DC  B N4    1 
ATOM   267 C  C5    . DC  B 2 2  ? -12.928 13.377  4.850   1.00 66.93  ? 13  DC  B C5    1 
ATOM   268 C  C6    . DC  B 2 2  ? -14.156 13.195  5.343   1.00 66.11  ? 13  DC  B C6    1 
ATOM   269 P  P     . DT  B 2 3  ? -18.390 9.752   8.497   1.00 104.25 ? 14  DT  B P     1 
ATOM   270 O  OP1   . DT  B 2 3  ? -19.677 9.471   9.172   1.00 97.73  ? 14  DT  B OP1   1 
ATOM   271 O  OP2   . DT  B 2 3  ? -17.145 9.802   9.295   1.00 86.68  ? 14  DT  B OP2   1 
ATOM   272 O  "O5'" . DT  B 2 3  ? -18.177 8.694   7.314   1.00 86.01  ? 14  DT  B "O5'" 1 
ATOM   273 C  "C5'" . DT  B 2 3  ? -19.149 8.581   6.280   1.00 88.36  ? 14  DT  B "C5'" 1 
ATOM   274 C  "C4'" . DT  B 2 3  ? -18.662 7.664   5.170   1.00 86.85  ? 14  DT  B "C4'" 1 
ATOM   275 O  "O4'" . DT  B 2 3  ? -17.446 8.203   4.583   1.00 85.08  ? 14  DT  B "O4'" 1 
ATOM   276 C  "C3'" . DT  B 2 3  ? -18.323 6.233   5.606   1.00 75.10  ? 14  DT  B "C3'" 1 
ATOM   277 O  "O3'" . DT  B 2 3  ? -18.852 5.304   4.667   1.00 82.47  ? 14  DT  B "O3'" 1 
ATOM   278 C  "C2'" . DT  B 2 3  ? -16.798 6.222   5.593   1.00 72.44  ? 14  DT  B "C2'" 1 
ATOM   279 C  "C1'" . DT  B 2 3  ? -16.523 7.154   4.431   1.00 73.45  ? 14  DT  B "C1'" 1 
ATOM   280 N  N1    . DT  B 2 3  ? -15.147 7.708   4.421   1.00 63.46  ? 14  DT  B N1    1 
ATOM   281 C  C2    . DT  B 2 3  ? -14.305 7.383   3.386   1.00 64.38  ? 14  DT  B C2    1 
ATOM   282 O  O2    . DT  B 2 3  ? -14.635 6.665   2.458   1.00 70.75  ? 14  DT  B O2    1 
ATOM   283 N  N3    . DT  B 2 3  ? -13.057 7.937   3.465   1.00 52.64  ? 14  DT  B N3    1 
ATOM   284 C  C4    . DT  B 2 3  ? -12.574 8.763   4.462   1.00 60.57  ? 14  DT  B C4    1 
ATOM   285 O  O4    . DT  B 2 3  ? -11.432 9.213   4.446   1.00 65.53  ? 14  DT  B O4    1 
ATOM   286 C  C5    . DT  B 2 3  ? -13.508 9.060   5.522   1.00 65.34  ? 14  DT  B C5    1 
ATOM   287 C  C7    . DT  B 2 3  ? -13.098 9.944   6.660   1.00 60.69  ? 14  DT  B C7    1 
ATOM   288 C  C6    . DT  B 2 3  ? -14.735 8.521   5.454   1.00 62.36  ? 14  DT  B C6    1 
ATOM   289 P  P     . DG  B 2 4  ? -18.710 3.722   4.922   1.00 88.49  ? 15  DG  B P     1 
ATOM   290 O  OP1   . DG  B 2 4  ? -19.796 3.050   4.174   1.00 82.92  ? 15  DG  B OP1   1 
ATOM   291 O  OP2   . DG  B 2 4  ? -18.588 3.519   6.382   1.00 83.06  ? 15  DG  B OP2   1 
ATOM   292 O  "O5'" . DG  B 2 4  ? -17.304 3.338   4.256   1.00 77.22  ? 15  DG  B "O5'" 1 
ATOM   293 C  "C5'" . DG  B 2 4  ? -16.961 3.838   2.964   1.00 78.65  ? 15  DG  B "C5'" 1 
ATOM   294 C  "C4'" . DG  B 2 4  ? -16.410 2.738   2.068   1.00 83.03  ? 15  DG  B "C4'" 1 
ATOM   295 O  "O4'" . DG  B 2 4  ? -15.058 3.067   1.677   1.00 85.40  ? 15  DG  B "O4'" 1 
ATOM   296 C  "C3'" . DG  B 2 4  ? -16.298 1.369   2.701   1.00 86.65  ? 15  DG  B "C3'" 1 
ATOM   297 O  "O3'" . DG  B 2 4  ? -16.283 0.378   1.679   1.00 89.03  ? 15  DG  B "O3'" 1 
ATOM   298 C  "C2'" . DG  B 2 4  ? -14.952 1.457   3.421   1.00 80.70  ? 15  DG  B "C2'" 1 
ATOM   299 C  "C1'" . DG  B 2 4  ? -14.138 2.367   2.496   1.00 77.16  ? 15  DG  B "C1'" 1 
ATOM   300 N  N9    . DG  B 2 4  ? -13.330 3.357   3.205   1.00 69.33  ? 15  DG  B N9    1 
ATOM   301 C  C8    . DG  B 2 4  ? -13.716 4.130   4.277   1.00 68.63  ? 15  DG  B C8    1 
ATOM   302 N  N7    . DG  B 2 4  ? -12.783 4.940   4.698   1.00 66.74  ? 15  DG  B N7    1 
ATOM   303 C  C5    . DG  B 2 4  ? -11.710 4.695   3.847   1.00 59.02  ? 15  DG  B C5    1 
ATOM   304 C  C6    . DG  B 2 4  ? -10.419 5.277   3.817   1.00 48.48  ? 15  DG  B C6    1 
ATOM   305 O  O6    . DG  B 2 4  ? -9.956  6.155   4.560   1.00 47.20  ? 15  DG  B O6    1 
ATOM   306 N  N1    . DG  B 2 4  ? -9.636  4.744   2.796   1.00 43.43  ? 15  DG  B N1    1 
ATOM   307 C  C2    . DG  B 2 4  ? -10.049 3.770   1.916   1.00 55.31  ? 15  DG  B C2    1 
ATOM   308 N  N2    . DG  B 2 4  ? -9.156  3.382   0.998   1.00 51.56  ? 15  DG  B N2    1 
ATOM   309 N  N3    . DG  B 2 4  ? -11.256 3.216   1.933   1.00 60.47  ? 15  DG  B N3    1 
ATOM   310 C  C4    . DG  B 2 4  ? -12.031 3.726   2.922   1.00 64.12  ? 15  DG  B C4    1 
ATOM   311 P  P     . DC  B 2 5  ? -16.348 -1.183  2.051   1.00 89.16  ? 16  DC  B P     1 
ATOM   312 O  OP1   . DC  B 2 5  ? -17.174 -1.847  1.019   1.00 85.49  ? 16  DC  B OP1   1 
ATOM   313 O  OP2   . DC  B 2 5  ? -16.709 -1.307  3.480   1.00 77.39  ? 16  DC  B OP2   1 
ATOM   314 O  "O5'" . DC  B 2 5  ? -14.837 -1.675  1.890   1.00 80.46  ? 16  DC  B "O5'" 1 
ATOM   315 C  "C5'" . DC  B 2 5  ? -14.187 -1.580  0.628   1.00 77.09  ? 16  DC  B "C5'" 1 
ATOM   316 C  "C4'" . DC  B 2 5  ? -12.764 -2.099  0.723   1.00 81.22  ? 16  DC  B "C4'" 1 
ATOM   317 O  "O4'" . DC  B 2 5  ? -11.906 -1.075  1.296   1.00 78.28  ? 16  DC  B "O4'" 1 
ATOM   318 C  "C3'" . DC  B 2 5  ? -12.594 -3.331  1.609   1.00 95.87  ? 16  DC  B "C3'" 1 
ATOM   319 O  "O3'" . DC  B 2 5  ? -11.646 -4.209  1.040   1.00 95.40  ? 16  DC  B "O3'" 1 
ATOM   320 C  "C2'" . DC  B 2 5  ? -12.078 -2.737  2.914   1.00 88.87  ? 16  DC  B "C2'" 1 
ATOM   321 C  "C1'" . DC  B 2 5  ? -11.198 -1.621  2.388   1.00 80.75  ? 16  DC  B "C1'" 1 
ATOM   322 N  N1    . DC  B 2 5  ? -10.945 -0.547  3.386   1.00 76.95  ? 16  DC  B N1    1 
ATOM   323 C  C2    . DC  B 2 5  ? -9.712  0.114   3.393   1.00 73.22  ? 16  DC  B C2    1 
ATOM   324 O  O2    . DC  B 2 5  ? -8.853  -0.204  2.561   1.00 73.34  ? 16  DC  B O2    1 
ATOM   325 N  N3    . DC  B 2 5  ? -9.494  1.087   4.312   1.00 62.90  ? 16  DC  B N3    1 
ATOM   326 C  C4    . DC  B 2 5  ? -10.448 1.401   5.191   1.00 62.78  ? 16  DC  B C4    1 
ATOM   327 N  N4    . DC  B 2 5  ? -10.189 2.367   6.077   1.00 62.11  ? 16  DC  B N4    1 
ATOM   328 C  C5    . DC  B 2 5  ? -11.712 0.737   5.200   1.00 70.23  ? 16  DC  B C5    1 
ATOM   329 C  C6    . DC  B 2 5  ? -11.913 -0.221  4.289   1.00 76.12  ? 16  DC  B C6    1 
ATOM   330 P  P     . DA  B 2 6  ? -11.700 -5.775  1.388   1.00 103.46 ? 17  DA  B P     1 
ATOM   331 O  OP1   . DA  B 2 6  ? -12.746 -6.372  0.529   1.00 106.00 ? 17  DA  B OP1   1 
ATOM   332 O  OP2   . DA  B 2 6  ? -11.786 -5.902  2.861   1.00 85.44  ? 17  DA  B OP2   1 
ATOM   333 O  "O5'" . DA  B 2 6  ? -10.271 -6.322  0.924   1.00 107.84 ? 17  DA  B "O5'" 1 
ATOM   334 C  "C5'" . DA  B 2 6  ? -9.823  -6.105  -0.408  1.00 96.97  ? 17  DA  B "C5'" 1 
ATOM   335 C  "C4'" . DA  B 2 6  ? -8.441  -5.479  -0.414  1.00 94.53  ? 17  DA  B "C4'" 1 
ATOM   336 O  "O4'" . DA  B 2 6  ? -8.433  -4.335  0.482   1.00 88.08  ? 17  DA  B "O4'" 1 
ATOM   337 C  "C3'" . DA  B 2 6  ? -7.318  -6.395  0.071   1.00 96.51  ? 17  DA  B "C3'" 1 
ATOM   338 O  "O3'" . DA  B 2 6  ? -6.109  -6.120  -0.641  1.00 97.25  ? 17  DA  B "O3'" 1 
ATOM   339 C  "C2'" . DA  B 2 6  ? -7.199  -6.021  1.542   1.00 88.50  ? 17  DA  B "C2'" 1 
ATOM   340 C  "C1'" . DA  B 2 6  ? -7.471  -4.528  1.497   1.00 81.96  ? 17  DA  B "C1'" 1 
ATOM   341 N  N9    . DA  B 2 6  ? -8.001  -4.012  2.751   1.00 84.58  ? 17  DA  B N9    1 
ATOM   342 C  C8    . DA  B 2 6  ? -9.083  -4.482  3.446   1.00 85.62  ? 17  DA  B C8    1 
ATOM   343 N  N7    . DA  B 2 6  ? -9.324  -3.826  4.557   1.00 87.78  ? 17  DA  B N7    1 
ATOM   344 C  C5    . DA  B 2 6  ? -8.330  -2.861  4.595   1.00 80.12  ? 17  DA  B C5    1 
ATOM   345 C  C6    . DA  B 2 6  ? -8.030  -1.843  5.522   1.00 78.15  ? 17  DA  B C6    1 
ATOM   346 N  N6    . DA  B 2 6  ? -8.740  -1.627  6.634   1.00 76.82  ? 17  DA  B N6    1 
ATOM   347 N  N1    . DA  B 2 6  ? -6.968  -1.052  5.262   1.00 76.62  ? 17  DA  B N1    1 
ATOM   348 C  C2    . DA  B 2 6  ? -6.261  -1.270  4.147   1.00 78.51  ? 17  DA  B C2    1 
ATOM   349 N  N3    . DA  B 2 6  ? -6.445  -2.194  3.203   1.00 79.74  ? 17  DA  B N3    1 
ATOM   350 C  C4    . DA  B 2 6  ? -7.506  -2.964  3.492   1.00 83.18  ? 17  DA  B C4    1 
ATOM   351 P  P     . DC  B 2 7  ? -4.718  -6.762  -0.149  1.00 104.55 ? 18  DC  B P     1 
ATOM   352 O  OP1   . DC  B 2 7  ? -3.805  -6.819  -1.312  1.00 102.10 ? 18  DC  B OP1   1 
ATOM   353 O  OP2   . DC  B 2 7  ? -5.031  -8.004  0.590   1.00 100.61 ? 18  DC  B OP2   1 
ATOM   354 O  "O5'" . DC  B 2 7  ? -4.157  -5.693  0.899   1.00 85.12  ? 18  DC  B "O5'" 1 
ATOM   355 C  "C5'" . DC  B 2 7  ? -3.214  -6.082  1.889   1.00 78.41  ? 18  DC  B "C5'" 1 
ATOM   356 C  "C4'" . DC  B 2 7  ? -3.008  -4.955  2.883   1.00 94.32  ? 18  DC  B "C4'" 1 
ATOM   357 O  "O4'" . DC  B 2 7  ? -4.261  -4.637  3.505   1.00 94.67  ? 18  DC  B "O4'" 1 
ATOM   358 C  "C3'" . DC  B 2 7  ? -2.082  -5.273  4.044   1.00 91.08  ? 18  DC  B "C3'" 1 
ATOM   359 O  "O3'" . DC  B 2 7  ? -0.742  -4.937  3.699   1.00 95.35  ? 18  DC  B "O3'" 1 
ATOM   360 C  "C2'" . DC  B 2 7  ? -2.606  -4.372  5.174   1.00 82.63  ? 18  DC  B "C2'" 1 
ATOM   361 C  "C1'" . DC  B 2 7  ? -3.995  -3.934  4.693   1.00 87.04  ? 18  DC  B "C1'" 1 
ATOM   362 N  N1    . DC  B 2 7  ? -5.089  -4.205  5.673   1.00 84.97  ? 18  DC  B N1    1 
ATOM   363 C  C2    . DC  B 2 7  ? -5.202  -3.418  6.826   1.00 86.80  ? 18  DC  B C2    1 
ATOM   364 O  O2    . DC  B 2 7  ? -4.382  -2.511  7.023   1.00 84.11  ? 18  DC  B O2    1 
ATOM   365 N  N3    . DC  B 2 7  ? -6.205  -3.674  7.700   1.00 86.18  ? 18  DC  B N3    1 
ATOM   366 C  C4    . DC  B 2 7  ? -7.070  -4.659  7.458   1.00 91.00  ? 18  DC  B C4    1 
ATOM   367 N  N4    . DC  B 2 7  ? -8.044  -4.871  8.350   1.00 95.34  ? 18  DC  B N4    1 
ATOM   368 C  C5    . DC  B 2 7  ? -6.974  -5.469  6.287   1.00 86.84  ? 18  DC  B C5    1 
ATOM   369 C  C6    . DC  B 2 7  ? -5.980  -5.209  5.431   1.00 85.35  ? 18  DC  B C6    1 
ATOM   370 P  P     . DT  B 2 8  ? 0.419   -6.046  3.770   1.00 112.20 ? 19  DT  B P     1 
ATOM   371 O  OP1   . DT  B 2 8  ? 0.673   -6.511  2.389   1.00 103.32 ? 19  DT  B OP1   1 
ATOM   372 O  OP2   . DT  B 2 8  ? 0.054   -7.027  4.814   1.00 108.95 ? 19  DT  B OP2   1 
ATOM   373 O  "O5'" . DT  B 2 8  ? 1.694   -5.234  4.292   1.00 101.65 ? 19  DT  B "O5'" 1 
ATOM   374 C  "C5'" . DT  B 2 8  ? 2.226   -5.503  5.584   1.00 104.40 ? 19  DT  B "C5'" 1 
ATOM   375 C  "C4'" . DT  B 2 8  ? 2.079   -4.296  6.492   1.00 98.10  ? 19  DT  B "C4'" 1 
ATOM   376 O  "O4'" . DT  B 2 8  ? 0.684   -4.122  6.862   1.00 90.23  ? 19  DT  B "O4'" 1 
ATOM   377 C  "C3'" . DT  B 2 8  ? 2.842   -4.387  7.814   1.00 115.22 ? 19  DT  B "C3'" 1 
ATOM   378 O  "O3'" . DT  B 2 8  ? 3.328   -3.101  8.162   1.00 118.92 ? 19  DT  B "O3'" 1 
ATOM   379 C  "C2'" . DT  B 2 8  ? 1.760   -4.853  8.785   1.00 115.79 ? 19  DT  B "C2'" 1 
ATOM   380 C  "C1'" . DT  B 2 8  ? 0.588   -4.046  8.269   1.00 102.04 ? 19  DT  B "C1'" 1 
ATOM   381 N  N1    . DT  B 2 8  ? -0.759  -4.542  8.685   1.00 95.94  ? 19  DT  B N1    1 
ATOM   382 C  C2    . DT  B 2 8  ? -1.405  -3.929  9.732   1.00 96.78  ? 19  DT  B C2    1 
ATOM   383 O  O2    . DT  B 2 8  ? -0.921  -3.012  10.370  1.00 97.82  ? 19  DT  B O2    1 
ATOM   384 N  N3    . DT  B 2 8  ? -2.646  -4.437  10.014  1.00 92.01  ? 19  DT  B N3    1 
ATOM   385 C  C4    . DT  B 2 8  ? -3.294  -5.472  9.365   1.00 88.10  ? 19  DT  B C4    1 
ATOM   386 O  O4    . DT  B 2 8  ? -4.412  -5.857  9.694   1.00 84.16  ? 19  DT  B O4    1 
ATOM   387 C  C5    . DT  B 2 8  ? -2.565  -6.063  8.270   1.00 88.41  ? 19  DT  B C5    1 
ATOM   388 C  C7    . DT  B 2 8  ? -3.165  -7.193  7.488   1.00 89.60  ? 19  DT  B C7    1 
ATOM   389 C  C6    . DT  B 2 8  ? -1.346  -5.576  7.988   1.00 91.14  ? 19  DT  B C6    1 
ATOM   390 P  P     . DC  B 2 9  ? 4.733   -2.945  8.923   1.00 134.64 ? 20  DC  B P     1 
ATOM   391 O  OP1   . DC  B 2 9  ? 5.188   -1.547  8.745   1.00 146.75 ? 20  DC  B OP1   1 
ATOM   392 O  OP2   . DC  B 2 9  ? 5.596   -4.063  8.480   1.00 125.86 ? 20  DC  B OP2   1 
ATOM   393 O  "O5'" . DC  B 2 9  ? 4.360   -3.185  10.460  1.00 132.27 ? 20  DC  B "O5'" 1 
ATOM   394 C  "C5'" . DC  B 2 9  ? 3.280   -2.471  11.051  1.00 132.22 ? 20  DC  B "C5'" 1 
ATOM   395 C  "C4'" . DC  B 2 9  ? 2.987   -2.998  12.445  1.00 139.73 ? 20  DC  B "C4'" 1 
ATOM   396 O  "O4'" . DC  B 2 9  ? 1.653   -3.578  12.484  1.00 133.57 ? 20  DC  B "O4'" 1 
ATOM   397 C  "C3'" . DC  B 2 9  ? 3.940   -4.093  12.938  1.00 147.09 ? 20  DC  B "C3'" 1 
ATOM   398 O  "O3'" . DC  B 2 9  ? 4.283   -3.856  14.294  1.00 158.02 ? 20  DC  B "O3'" 1 
ATOM   399 C  "C2'" . DC  B 2 9  ? 3.100   -5.360  12.801  1.00 139.54 ? 20  DC  B "C2'" 1 
ATOM   400 C  "C1'" . DC  B 2 9  ? 1.724   -4.818  13.144  1.00 133.85 ? 20  DC  B "C1'" 1 
ATOM   401 N  N1    . DC  B 2 9  ? 0.597   -5.685  12.687  1.00 121.52 ? 20  DC  B N1    1 
ATOM   402 C  C2    . DC  B 2 9  ? -0.652  -5.580  13.312  1.00 119.74 ? 20  DC  B C2    1 
ATOM   403 O  O2    . DC  B 2 9  ? -0.802  -4.761  14.226  1.00 122.12 ? 20  DC  B O2    1 
ATOM   404 N  N3    . DC  B 2 9  ? -1.665  -6.378  12.892  1.00 112.17 ? 20  DC  B N3    1 
ATOM   405 C  C4    . DC  B 2 9  ? -1.463  -7.248  11.901  1.00 107.21 ? 20  DC  B C4    1 
ATOM   406 N  N4    . DC  B 2 9  ? -2.491  -8.014  11.521  1.00 101.42 ? 20  DC  B N4    1 
ATOM   407 C  C5    . DC  B 2 9  ? -0.197  -7.373  11.255  1.00 104.88 ? 20  DC  B C5    1 
ATOM   408 C  C6    . DC  B 2 9  ? 0.794   -6.581  11.678  1.00 110.35 ? 20  DC  B C6    1 
ATOM   409 P  P     . DA  B 2 10 ? 5.580   -2.987  14.670  1.00 176.55 ? 21  DA  B P     1 
ATOM   410 O  OP1   . DA  B 2 10 ? 5.748   -1.931  13.646  1.00 186.60 ? 21  DA  B OP1   1 
ATOM   411 O  OP2   . DA  B 2 10 ? 6.685   -3.932  14.940  1.00 165.67 ? 21  DA  B OP2   1 
ATOM   412 O  "O5'" . DA  B 2 10 ? 5.175   -2.294  16.053  1.00 168.41 ? 21  DA  B "O5'" 1 
ATOM   413 C  "C5'" . DA  B 2 10 ? 4.055   -1.414  16.106  1.00 166.75 ? 21  DA  B "C5'" 1 
ATOM   414 C  "C4'" . DA  B 2 10 ? 3.071   -1.845  17.182  1.00 167.35 ? 21  DA  B "C4'" 1 
ATOM   415 O  "O4'" . DA  B 2 10 ? 2.213   -2.898  16.671  1.00 161.58 ? 21  DA  B "O4'" 1 
ATOM   416 C  "C3'" . DA  B 2 10 ? 3.708   -2.393  18.463  1.00 172.38 ? 21  DA  B "C3'" 1 
ATOM   417 O  "O3'" . DA  B 2 10 ? 3.093   -1.805  19.602  1.00 198.95 ? 21  DA  B "O3'" 1 
ATOM   418 C  "C2'" . DA  B 2 10 ? 3.429   -3.894  18.388  1.00 160.21 ? 21  DA  B "C2'" 1 
ATOM   419 C  "C1'" . DA  B 2 10 ? 2.114   -3.922  17.630  1.00 154.76 ? 21  DA  B "C1'" 1 
ATOM   420 N  N9    . DA  B 2 10 ? 1.871   -5.182  16.938  1.00 143.66 ? 21  DA  B N9    1 
ATOM   421 C  C8    . DA  B 2 10 ? 2.771   -5.915  16.216  1.00 140.17 ? 21  DA  B C8    1 
ATOM   422 N  N7    . DA  B 2 10 ? 2.268   -7.013  15.702  1.00 132.73 ? 21  DA  B N7    1 
ATOM   423 C  C5    . DA  B 2 10 ? 0.948   -6.999  16.117  1.00 135.63 ? 21  DA  B C5    1 
ATOM   424 C  C6    . DA  B 2 10 ? -0.124  -7.891  15.903  1.00 133.03 ? 21  DA  B C6    1 
ATOM   425 N  N6    . DA  B 2 10 ? -0.013  -9.014  15.187  1.00 126.32 ? 21  DA  B N6    1 
ATOM   426 N  N1    . DA  B 2 10 ? -1.313  -7.582  16.460  1.00 135.26 ? 21  DA  B N1    1 
ATOM   427 C  C2    . DA  B 2 10 ? -1.417  -6.457  17.177  1.00 137.29 ? 21  DA  B C2    1 
ATOM   428 N  N3    . DA  B 2 10 ? -0.484  -5.542  17.443  1.00 138.84 ? 21  DA  B N3    1 
ATOM   429 C  C4    . DA  B 2 10 ? 0.686   -5.877  16.880  1.00 139.34 ? 21  DA  B C4    1 
ATOM   430 P  P     . DC  C 3 1  ? 2.006   11.460  6.146   1.00 90.57  ? 1   DC  C P     1 
ATOM   431 O  OP1   . DC  C 3 1  ? 0.856   10.556  6.375   1.00 101.14 ? 1   DC  C OP1   1 
ATOM   432 O  OP2   . DC  C 3 1  ? 3.375   10.903  6.175   1.00 78.34  ? 1   DC  C OP2   1 
ATOM   433 O  "O5'" . DC  C 3 1  ? 1.815   12.241  4.761   1.00 58.99  ? 1   DC  C "O5'" 1 
ATOM   434 C  "C5'" . DC  C 3 1  ? 1.834   11.517  3.532   1.00 72.26  ? 1   DC  C "C5'" 1 
ATOM   435 C  "C4'" . DC  C 3 1  ? 0.807   12.070  2.556   1.00 76.84  ? 1   DC  C "C4'" 1 
ATOM   436 O  "O4'" . DC  C 3 1  ? 1.483   12.837  1.527   1.00 73.32  ? 1   DC  C "O4'" 1 
ATOM   437 C  "C3'" . DC  C 3 1  ? 0.002   11.016  1.809   1.00 69.29  ? 1   DC  C "C3'" 1 
ATOM   438 O  "O3'" . DC  C 3 1  ? -1.286  11.520  1.485   1.00 56.52  ? 1   DC  C "O3'" 1 
ATOM   439 C  "C2'" . DC  C 3 1  ? 0.838   10.787  0.558   1.00 63.64  ? 1   DC  C "C2'" 1 
ATOM   440 C  "C1'" . DC  C 3 1  ? 1.354   12.190  0.274   1.00 60.05  ? 1   DC  C "C1'" 1 
ATOM   441 N  N1    . DC  C 3 1  ? 2.681   12.204  -0.392  1.00 59.82  ? 1   DC  C N1    1 
ATOM   442 C  C2    . DC  C 3 1  ? 2.767   12.512  -1.753  1.00 67.90  ? 1   DC  C C2    1 
ATOM   443 O  O2    . DC  C 3 1  ? 1.731   12.767  -2.377  1.00 70.17  ? 1   DC  C O2    1 
ATOM   444 N  N3    . DC  C 3 1  ? 3.985   12.526  -2.348  1.00 63.83  ? 1   DC  C N3    1 
ATOM   445 C  C4    . DC  C 3 1  ? 5.077   12.245  -1.636  1.00 66.16  ? 1   DC  C C4    1 
ATOM   446 N  N4    . DC  C 3 1  ? 6.256   12.269  -2.267  1.00 67.30  ? 1   DC  C N4    1 
ATOM   447 C  C5    . DC  C 3 1  ? 5.010   11.926  -0.246  1.00 63.70  ? 1   DC  C C5    1 
ATOM   448 C  C6    . DC  C 3 1  ? 3.803   11.918  0.329   1.00 61.65  ? 1   DC  C C6    1 
ATOM   449 P  P     . DT  C 3 2  ? -2.462  10.505  1.077   1.00 79.84  ? 2   DT  C P     1 
ATOM   450 O  OP1   . DT  C 3 2  ? -3.752  11.199  1.286   1.00 87.30  ? 2   DT  C OP1   1 
ATOM   451 O  OP2   . DT  C 3 2  ? -2.204  9.224   1.776   1.00 72.09  ? 2   DT  C OP2   1 
ATOM   452 O  "O5'" . DT  C 3 2  ? -2.241  10.270  -0.492  1.00 67.68  ? 2   DT  C "O5'" 1 
ATOM   453 C  "C5'" . DT  C 3 2  ? -2.364  11.360  -1.393  1.00 71.37  ? 2   DT  C "C5'" 1 
ATOM   454 C  "C4'" . DT  C 3 2  ? -2.212  10.904  -2.834  1.00 72.19  ? 2   DT  C "C4'" 1 
ATOM   455 O  "O4'" . DT  C 3 2  ? -0.823  10.990  -3.243  1.00 80.25  ? 2   DT  C "O4'" 1 
ATOM   456 C  "C3'" . DT  C 3 2  ? -2.652  9.468   -3.119  1.00 71.25  ? 2   DT  C "C3'" 1 
ATOM   457 O  "O3'" . DT  C 3 2  ? -3.423  9.441   -4.308  1.00 76.93  ? 2   DT  C "O3'" 1 
ATOM   458 C  "C2'" . DT  C 3 2  ? -1.328  8.728   -3.300  1.00 65.15  ? 2   DT  C "C2'" 1 
ATOM   459 C  "C1'" . DT  C 3 2  ? -0.479  9.814   -3.932  1.00 70.59  ? 2   DT  C "C1'" 1 
ATOM   460 N  N1    . DT  C 3 2  ? 0.986   9.595   -3.795  1.00 61.65  ? 2   DT  C N1    1 
ATOM   461 C  C2    . DT  C 3 2  ? 1.796   9.790   -4.891  1.00 60.24  ? 2   DT  C C2    1 
ATOM   462 O  O2    . DT  C 3 2  ? 1.371   10.128  -5.983  1.00 59.35  ? 2   DT  C O2    1 
ATOM   463 N  N3    . DT  C 3 2  ? 3.130   9.572   -4.667  1.00 51.54  ? 2   DT  C N3    1 
ATOM   464 C  C4    . DT  C 3 2  ? 3.720   9.189   -3.478  1.00 59.96  ? 2   DT  C C4    1 
ATOM   465 O  O4    . DT  C 3 2  ? 4.930   9.016   -3.372  1.00 64.39  ? 2   DT  C O4    1 
ATOM   466 C  C5    . DT  C 3 2  ? 2.813   9.003   -2.366  1.00 61.90  ? 2   DT  C C5    1 
ATOM   467 C  C7    . DT  C 3 2  ? 3.341   8.586   -1.028  1.00 59.70  ? 2   DT  C C7    1 
ATOM   468 C  C6    . DT  C 3 2  ? 1.504   9.215   -2.575  1.00 57.32  ? 2   DT  C C6    1 
ATOM   469 P  P     . DA  C 3 3  ? -5.021  9.558   -4.228  1.00 96.85  ? 3   DA  C P     1 
ATOM   470 O  OP1   . DA  C 3 3  ? -5.547  9.636   -5.610  1.00 94.66  ? 3   DA  C OP1   1 
ATOM   471 O  OP2   . DA  C 3 3  ? -5.350  10.615  -3.247  1.00 77.65  ? 3   DA  C OP2   1 
ATOM   472 O  "O5'" . DA  C 3 3  ? -5.461  8.155   -3.620  1.00 69.11  ? 3   DA  C "O5'" 1 
ATOM   473 C  "C5'" . DA  C 3 3  ? -5.347  6.984   -4.405  1.00 61.73  ? 3   DA  C "C5'" 1 
ATOM   474 C  "C4'" . DA  C 3 3  ? -6.630  6.186   -4.343  1.00 70.30  ? 3   DA  C "C4'" 1 
ATOM   475 O  "O4'" . DA  C 3 3  ? -6.825  5.703   -2.993  1.00 71.33  ? 3   DA  C "O4'" 1 
ATOM   476 C  "C3'" . DA  C 3 3  ? -7.878  6.981   -4.686  1.00 69.95  ? 3   DA  C "C3'" 1 
ATOM   477 O  "O3'" . DA  C 3 3  ? -8.164  6.839   -6.071  1.00 77.27  ? 3   DA  C "O3'" 1 
ATOM   478 C  "C2'" . DA  C 3 3  ? -8.953  6.328   -3.826  1.00 63.73  ? 3   DA  C "C2'" 1 
ATOM   479 C  "C1'" . DA  C 3 3  ? -8.170  5.876   -2.600  1.00 58.37  ? 3   DA  C "C1'" 1 
ATOM   480 N  N9    . DA  C 3 3  ? -8.199  6.820   -1.492  1.00 54.90  ? 3   DA  C N9    1 
ATOM   481 C  C8    . DA  C 3 3  ? -7.251  7.753   -1.184  1.00 66.13  ? 3   DA  C C8    1 
ATOM   482 N  N7    . DA  C 3 3  ? -7.530  8.459   -0.114  1.00 66.88  ? 3   DA  C N7    1 
ATOM   483 C  C5    . DA  C 3 3  ? -8.744  7.949   0.311   1.00 61.69  ? 3   DA  C C5    1 
ATOM   484 C  C6    . DA  C 3 3  ? -9.578  8.273   1.398   1.00 56.64  ? 3   DA  C C6    1 
ATOM   485 N  N6    . DA  C 3 3  ? -9.291  9.231   2.284   1.00 52.16  ? 3   DA  C N6    1 
ATOM   486 N  N1    . DA  C 3 3  ? -10.721 7.571   1.538   1.00 59.14  ? 3   DA  C N1    1 
ATOM   487 C  C2    . DA  C 3 3  ? -11.007 6.615   0.645   1.00 61.28  ? 3   DA  C C2    1 
ATOM   488 N  N3    . DA  C 3 3  ? -10.300 6.219   -0.415  1.00 58.33  ? 3   DA  C N3    1 
ATOM   489 C  C4    . DA  C 3 3  ? -9.170  6.935   -0.526  1.00 60.78  ? 3   DA  C C4    1 
ATOM   490 P  P     . DG  C 3 4  ? -9.527  7.427   -6.683  1.00 74.91  ? 4   DG  C P     1 
ATOM   491 O  OP1   . DG  C 3 4  ? -9.344  7.553   -8.147  1.00 82.67  ? 4   DG  C OP1   1 
ATOM   492 O  OP2   . DG  C 3 4  ? -9.892  8.617   -5.884  1.00 59.41  ? 4   DG  C OP2   1 
ATOM   493 O  "O5'" . DG  C 3 4  ? -10.604 6.278   -6.400  1.00 73.54  ? 4   DG  C "O5'" 1 
ATOM   494 C  "C5'" . DG  C 3 4  ? -11.975 6.512   -6.655  1.00 67.09  ? 4   DG  C "C5'" 1 
ATOM   495 C  "C4'" . DG  C 3 4  ? -12.795 6.341   -5.390  1.00 67.34  ? 4   DG  C "C4'" 1 
ATOM   496 O  "O4'" . DG  C 3 4  ? -12.031 6.833   -4.251  1.00 58.65  ? 4   DG  C "O4'" 1 
ATOM   497 C  "C3'" . DG  C 3 4  ? -14.116 7.121   -5.383  1.00 73.65  ? 4   DG  C "C3'" 1 
ATOM   498 O  "O3'" . DG  C 3 4  ? -15.177 6.342   -4.844  1.00 80.62  ? 4   DG  C "O3'" 1 
ATOM   499 C  "C2'" . DG  C 3 4  ? -13.807 8.290   -4.475  1.00 71.82  ? 4   DG  C "C2'" 1 
ATOM   500 C  "C1'" . DG  C 3 4  ? -12.875 7.640   -3.477  1.00 63.67  ? 4   DG  C "C1'" 1 
ATOM   501 N  N9    . DG  C 3 4  ? -12.105 8.630   -2.741  1.00 63.03  ? 4   DG  C N9    1 
ATOM   502 C  C8    . DG  C 3 4  ? -10.945 9.254   -3.133  1.00 61.85  ? 4   DG  C C8    1 
ATOM   503 N  N7    . DG  C 3 4  ? -10.521 10.136  -2.269  1.00 57.97  ? 4   DG  C N7    1 
ATOM   504 C  C5    . DG  C 3 4  ? -11.473 10.104  -1.252  1.00 60.42  ? 4   DG  C C5    1 
ATOM   505 C  C6    . DG  C 3 4  ? -11.552 10.840  -0.049  1.00 68.67  ? 4   DG  C C6    1 
ATOM   506 O  O6    . DG  C 3 4  ? -10.771 11.700  0.380   1.00 64.60  ? 4   DG  C O6    1 
ATOM   507 N  N1    . DG  C 3 4  ? -12.683 10.494  0.692   1.00 70.06  ? 4   DG  C N1    1 
ATOM   508 C  C2    . DG  C 3 4  ? -13.614 9.555   0.311   1.00 64.26  ? 4   DG  C C2    1 
ATOM   509 N  N2    . DG  C 3 4  ? -14.637 9.360   1.153   1.00 62.37  ? 4   DG  C N2    1 
ATOM   510 N  N3    . DG  C 3 4  ? -13.547 8.865   -0.812  1.00 55.53  ? 4   DG  C N3    1 
ATOM   511 C  C4    . DG  C 3 4  ? -12.456 9.186   -1.546  1.00 57.52  ? 4   DG  C C4    1 
ATOM   512 P  P     . DT  C 3 5  ? -16.490 6.031   -5.722  1.00 97.13  ? 5   DT  C P     1 
ATOM   513 O  OP1   . DT  C 3 5  ? -17.423 5.218   -4.910  1.00 99.19  ? 5   DT  C OP1   1 
ATOM   514 O  OP2   . DT  C 3 5  ? -15.973 5.489   -6.997  1.00 96.65  ? 5   DT  C OP2   1 
ATOM   515 O  "O5'" . DT  C 3 5  ? -17.161 7.463   -6.044  1.00 88.08  ? 5   DT  C "O5'" 1 
ATOM   516 C  "C5'" . DT  C 3 5  ? -17.215 8.522   -5.065  1.00 75.89  ? 5   DT  C "C5'" 1 
ATOM   517 C  "C4'" . DT  C 3 5  ? -17.921 8.089   -3.794  1.00 75.28  ? 5   DT  C "C4'" 1 
ATOM   518 O  "O4'" . DT  C 3 5  ? -17.122 8.485   -2.653  1.00 73.79  ? 5   DT  C "O4'" 1 
ATOM   519 C  "C3'" . DT  C 3 5  ? -19.269 8.744   -3.558  1.00 71.33  ? 5   DT  C "C3'" 1 
ATOM   520 O  "O3'" . DT  C 3 5  ? -20.032 7.960   -2.655  1.00 78.70  ? 5   DT  C "O3'" 1 
ATOM   521 C  "C2'" . DT  C 3 5  ? -18.862 10.069  -2.928  1.00 64.07  ? 5   DT  C "C2'" 1 
ATOM   522 C  "C1'" . DT  C 3 5  ? -17.680 9.644   -2.056  1.00 63.81  ? 5   DT  C "C1'" 1 
ATOM   523 N  N1    . DT  C 3 5  ? -16.613 10.682  -1.947  1.00 63.57  ? 5   DT  C N1    1 
ATOM   524 C  C2    . DT  C 3 5  ? -16.611 11.533  -0.868  1.00 67.45  ? 5   DT  C C2    1 
ATOM   525 O  O2    . DT  C 3 5  ? -17.448 11.491  0.015   1.00 68.03  ? 5   DT  C O2    1 
ATOM   526 N  N3    . DT  C 3 5  ? -15.591 12.448  -0.861  1.00 66.32  ? 5   DT  C N3    1 
ATOM   527 C  C4    . DT  C 3 5  ? -14.590 12.590  -1.804  1.00 67.90  ? 5   DT  C C4    1 
ATOM   528 O  O4    . DT  C 3 5  ? -13.713 13.444  -1.710  1.00 67.95  ? 5   DT  C O4    1 
ATOM   529 C  C5    . DT  C 3 5  ? -14.647 11.666  -2.909  1.00 68.58  ? 5   DT  C C5    1 
ATOM   530 C  C7    . DT  C 3 5  ? -13.613 11.732  -3.994  1.00 68.40  ? 5   DT  C C7    1 
ATOM   531 C  C6    . DT  C 3 5  ? -15.643 10.765  -2.928  1.00 65.44  ? 5   DT  C C6    1 
ATOM   532 O  "O5'" . DT  D 4 1  ? -0.880  -21.502 11.677  1.00 154.50 ? 1   DT  D "O5'" 1 
ATOM   533 C  "C5'" . DT  D 4 1  ? -0.085  -20.591 12.426  1.00 144.34 ? 1   DT  D "C5'" 1 
ATOM   534 C  "C4'" . DT  D 4 1  ? -0.907  -19.930 13.516  1.00 146.69 ? 1   DT  D "C4'" 1 
ATOM   535 O  "O4'" . DT  D 4 1  ? -0.055  -19.113 14.334  1.00 143.32 ? 1   DT  D "O4'" 1 
ATOM   536 C  "C3'" . DT  D 4 1  ? -2.001  -18.990 13.013  1.00 149.15 ? 1   DT  D "C3'" 1 
ATOM   537 O  "O3'" . DT  D 4 1  ? -3.263  -19.643 13.063  1.00 153.68 ? 1   DT  D "O3'" 1 
ATOM   538 C  "C2'" . DT  D 4 1  ? -1.947  -17.782 13.969  1.00 144.32 ? 1   DT  D "C2'" 1 
ATOM   539 C  "C1'" . DT  D 4 1  ? -0.854  -18.155 14.970  1.00 144.00 ? 1   DT  D "C1'" 1 
ATOM   540 N  N1    . DT  D 4 1  ? 0.005   -17.007 15.366  1.00 146.59 ? 1   DT  D N1    1 
ATOM   541 C  C2    . DT  D 4 1  ? -0.303  -16.298 16.501  1.00 150.22 ? 1   DT  D C2    1 
ATOM   542 O  O2    . DT  D 4 1  ? -1.257  -16.558 17.211  1.00 150.98 ? 1   DT  D O2    1 
ATOM   543 N  N3    . DT  D 4 1  ? 0.547   -15.261 16.776  1.00 152.22 ? 1   DT  D N3    1 
ATOM   544 C  C4    . DT  D 4 1  ? 1.654   -14.870 16.045  1.00 151.24 ? 1   DT  D C4    1 
ATOM   545 O  O4    . DT  D 4 1  ? 2.359   -13.922 16.377  1.00 149.25 ? 1   DT  D O4    1 
ATOM   546 C  C5    . DT  D 4 1  ? 1.922   -15.658 14.866  1.00 151.74 ? 1   DT  D C5    1 
ATOM   547 C  C7    . DT  D 4 1  ? 3.098   -15.332 13.991  1.00 153.59 ? 1   DT  D C7    1 
ATOM   548 C  C6    . DT  D 4 1  ? 1.094   -16.676 14.586  1.00 147.67 ? 1   DT  D C6    1 
ATOM   549 P  P     . DC  D 4 2  ? -4.536  -19.000 12.323  1.00 160.35 ? 2   DC  D P     1 
ATOM   550 O  OP1   . DC  D 4 2  ? -5.555  -20.061 12.156  1.00 174.54 ? 2   DC  D OP1   1 
ATOM   551 O  OP2   . DC  D 4 2  ? -4.044  -18.257 11.143  1.00 164.12 ? 2   DC  D OP2   1 
ATOM   552 O  "O5'" . DC  D 4 2  ? -5.100  -17.953 13.387  1.00 147.41 ? 2   DC  D "O5'" 1 
ATOM   553 C  "C5'" . DC  D 4 2  ? -5.434  -18.386 14.693  1.00 145.20 ? 2   DC  D "C5'" 1 
ATOM   554 C  "C4'" . DC  D 4 2  ? -5.796  -17.204 15.563  1.00 142.82 ? 2   DC  D "C4'" 1 
ATOM   555 O  "O4'" . DC  D 4 2  ? -4.599  -16.493 15.935  1.00 139.20 ? 2   DC  D "O4'" 1 
ATOM   556 C  "C3'" . DC  D 4 2  ? -6.701  -16.174 14.884  1.00 143.82 ? 2   DC  D "C3'" 1 
ATOM   557 O  "O3'" . DC  D 4 2  ? -7.972  -16.163 15.506  1.00 147.63 ? 2   DC  D "O3'" 1 
ATOM   558 C  "C2'" . DC  D 4 2  ? -5.968  -14.833 15.060  1.00 139.23 ? 2   DC  D "C2'" 1 
ATOM   559 C  "C1'" . DC  D 4 2  ? -4.933  -15.147 16.128  1.00 140.11 ? 2   DC  D "C1'" 1 
ATOM   560 N  N1    . DC  D 4 2  ? -3.690  -14.331 16.016  1.00 140.98 ? 2   DC  D N1    1 
ATOM   561 C  C2    . DC  D 4 2  ? -3.434  -13.333 16.961  1.00 142.11 ? 2   DC  D C2    1 
ATOM   562 O  O2    . DC  D 4 2  ? -4.249  -13.144 17.872  1.00 140.42 ? 2   DC  D O2    1 
ATOM   563 N  N3    . DC  D 4 2  ? -2.299  -12.600 16.851  1.00 142.76 ? 2   DC  D N3    1 
ATOM   564 C  C4    . DC  D 4 2  ? -1.445  -12.835 15.853  1.00 145.21 ? 2   DC  D C4    1 
ATOM   565 N  N4    . DC  D 4 2  ? -0.339  -12.087 15.787  1.00 144.87 ? 2   DC  D N4    1 
ATOM   566 C  C5    . DC  D 4 2  ? -1.690  -13.848 14.878  1.00 143.09 ? 2   DC  D C5    1 
ATOM   567 C  C6    . DC  D 4 2  ? -2.811  -14.567 15.000  1.00 140.26 ? 2   DC  D C6    1 
ATOM   568 P  P     . DT  D 4 3  ? -9.185  -15.351 14.838  1.00 154.28 ? 3   DT  D P     1 
ATOM   569 O  OP1   . DT  D 4 3  ? -10.432 -16.097 15.119  1.00 164.64 ? 3   DT  D OP1   1 
ATOM   570 O  OP2   . DT  D 4 3  ? -8.808  -15.041 13.441  1.00 165.63 ? 3   DT  D OP2   1 
ATOM   571 O  "O5'" . DT  D 4 3  ? -9.223  -13.993 15.673  1.00 144.73 ? 3   DT  D "O5'" 1 
ATOM   572 C  "C5'" . DT  D 4 3  ? -9.201  -14.047 17.086  1.00 143.71 ? 3   DT  D "C5'" 1 
ATOM   573 C  "C4'" . DT  D 4 3  ? -8.972  -12.671 17.673  1.00 146.84 ? 3   DT  D "C4'" 1 
ATOM   574 O  "O4'" . DT  D 4 3  ? -7.585  -12.289 17.510  1.00 146.17 ? 3   DT  D "O4'" 1 
ATOM   575 C  "C3'" . DT  D 4 3  ? -9.805  -11.551 17.044  1.00 152.83 ? 3   DT  D "C3'" 1 
ATOM   576 O  "O3'" . DT  D 4 3  ? -10.510 -10.862 18.068  1.00 160.86 ? 3   DT  D "O3'" 1 
ATOM   577 C  "C2'" . DT  D 4 3  ? -8.760  -10.657 16.359  1.00 150.51 ? 3   DT  D "C2'" 1 
ATOM   578 C  "C1'" . DT  D 4 3  ? -7.526  -10.922 17.201  1.00 146.51 ? 3   DT  D "C1'" 1 
ATOM   579 N  N1    . DT  D 4 3  ? -6.233  -10.656 16.499  1.00 143.57 ? 3   DT  D N1    1 
ATOM   580 C  C2    . DT  D 4 3  ? -5.372  -9.712  17.010  1.00 138.55 ? 3   DT  D C2    1 
ATOM   581 O  O2    . DT  D 4 3  ? -5.616  -9.058  18.007  1.00 136.57 ? 3   DT  D O2    1 
ATOM   582 N  N3    . DT  D 4 3  ? -4.210  -9.556  16.304  1.00 137.23 ? 3   DT  D N3    1 
ATOM   583 C  C4    . DT  D 4 3  ? -3.825  -10.239 15.164  1.00 136.62 ? 3   DT  D C4    1 
ATOM   584 O  O4    . DT  D 4 3  ? -2.756  -10.026 14.600  1.00 130.58 ? 3   DT  D O4    1 
ATOM   585 C  C5    . DT  D 4 3  ? -4.771  -11.218 14.683  1.00 138.96 ? 3   DT  D C5    1 
ATOM   586 C  C7    . DT  D 4 3  ? -4.465  -12.017 13.451  1.00 133.59 ? 3   DT  D C7    1 
ATOM   587 C  C6    . DT  D 4 3  ? -5.914  -11.380 15.367  1.00 141.81 ? 3   DT  D C6    1 
ATOM   588 P  P     . DG  D 4 4  ? -11.514 -9.660  17.718  1.00 171.18 ? 4   DG  D P     1 
ATOM   589 O  OP1   . DG  D 4 4  ? -12.686 -9.793  18.612  1.00 187.82 ? 4   DG  D OP1   1 
ATOM   590 O  OP2   . DG  D 4 4  ? -11.716 -9.622  16.252  1.00 170.54 ? 4   DG  D OP2   1 
ATOM   591 O  "O5'" . DG  D 4 4  ? -10.685 -8.362  18.142  1.00 160.51 ? 4   DG  D "O5'" 1 
ATOM   592 C  "C5'" . DG  D 4 4  ? -11.326 -7.106  18.277  1.00 159.45 ? 4   DG  D "C5'" 1 
ATOM   593 C  "C4'" . DG  D 4 4  ? -10.361 -6.089  18.852  1.00 154.47 ? 4   DG  D "C4'" 1 
ATOM   594 O  "O4'" . DG  D 4 4  ? -9.008  -6.466  18.488  1.00 151.15 ? 4   DG  D "O4'" 1 
ATOM   595 C  "C3'" . DG  D 4 4  ? -10.536 -4.673  18.327  1.00 149.11 ? 4   DG  D "C3'" 1 
ATOM   596 O  "O3'" . DG  D 4 4  ? -10.061 -3.726  19.279  1.00 155.33 ? 4   DG  D "O3'" 1 
ATOM   597 C  "C2'" . DG  D 4 4  ? -9.671  -4.686  17.077  1.00 142.72 ? 4   DG  D "C2'" 1 
ATOM   598 C  "C1'" . DG  D 4 4  ? -8.515  -5.596  17.487  1.00 142.99 ? 4   DG  D "C1'" 1 
ATOM   599 N  N9    . DG  D 4 4  ? -8.019  -6.390  16.369  1.00 145.37 ? 4   DG  D N9    1 
ATOM   600 C  C8    . DG  D 4 4  ? -8.708  -7.355  15.675  1.00 146.60 ? 4   DG  D C8    1 
ATOM   601 N  N7    . DG  D 4 4  ? -8.024  -7.885  14.701  1.00 141.19 ? 4   DG  D N7    1 
ATOM   602 C  C5    . DG  D 4 4  ? -6.804  -7.221  14.741  1.00 136.29 ? 4   DG  D C5    1 
ATOM   603 C  C6    . DG  D 4 4  ? -5.660  -7.373  13.923  1.00 127.57 ? 4   DG  D C6    1 
ATOM   604 O  O6    . DG  D 4 4  ? -5.493  -8.150  12.971  1.00 122.05 ? 4   DG  D O6    1 
ATOM   605 N  N1    . DG  D 4 4  ? -4.640  -6.504  14.300  1.00 125.86 ? 4   DG  D N1    1 
ATOM   606 C  C2    . DG  D 4 4  ? -4.717  -5.603  15.337  1.00 129.74 ? 4   DG  D C2    1 
ATOM   607 N  N2    . DG  D 4 4  ? -3.629  -4.848  15.548  1.00 124.58 ? 4   DG  D N2    1 
ATOM   608 N  N3    . DG  D 4 4  ? -5.784  -5.450  16.112  1.00 132.56 ? 4   DG  D N3    1 
ATOM   609 C  C4    . DG  D 4 4  ? -6.787  -6.291  15.757  1.00 138.68 ? 4   DG  D C4    1 
ATOM   610 P  P     . DA  D 4 5  ? -9.871  -2.185  18.858  1.00 154.45 ? 5   DA  D P     1 
ATOM   611 O  OP1   . DA  D 4 5  ? -9.938  -1.374  20.092  1.00 170.39 ? 5   DA  D OP1   1 
ATOM   612 O  OP2   . DA  D 4 5  ? -10.798 -1.883  17.744  1.00 152.47 ? 5   DA  D OP2   1 
ATOM   613 O  "O5'" . DA  D 4 5  ? -8.381  -2.126  18.280  1.00 148.04 ? 5   DA  D "O5'" 1 
ATOM   614 C  "C5'" . DA  D 4 5  ? -7.296  -1.766  19.129  1.00 148.72 ? 5   DA  D "C5'" 1 
ATOM   615 C  "C4'" . DA  D 4 5  ? -6.374  -0.785  18.426  1.00 144.43 ? 5   DA  D "C4'" 1 
ATOM   616 O  "O4'" . DA  D 4 5  ? -5.754  -1.443  17.292  1.00 138.33 ? 5   DA  D "O4'" 1 
ATOM   617 C  "C3'" . DA  D 4 5  ? -7.070  0.456   17.870  1.00 135.51 ? 5   DA  D "C3'" 1 
ATOM   618 O  "O3'" . DA  D 4 5  ? -6.245  1.606   18.010  1.00 138.48 ? 5   DA  D "O3'" 1 
ATOM   619 C  "C2'" . DA  D 4 5  ? -7.297  0.106   16.407  1.00 123.05 ? 5   DA  D "C2'" 1 
ATOM   620 C  "C1'" . DA  D 4 5  ? -6.103  -0.783  16.093  1.00 123.78 ? 5   DA  D "C1'" 1 
ATOM   621 N  N9    . DA  D 4 5  ? -6.410  -1.783  15.082  1.00 121.72 ? 5   DA  D N9    1 
ATOM   622 C  C8    . DA  D 4 5  ? -7.602  -2.429  14.911  1.00 125.17 ? 5   DA  D C8    1 
ATOM   623 N  N7    . DA  D 4 5  ? -7.608  -3.270  13.906  1.00 124.46 ? 5   DA  D N7    1 
ATOM   624 C  C5    . DA  D 4 5  ? -6.334  -3.163  13.376  1.00 118.58 ? 5   DA  D C5    1 
ATOM   625 C  C6    . DA  D 4 5  ? -5.705  -3.800  12.289  1.00 113.95 ? 5   DA  D C6    1 
ATOM   626 N  N6    . DA  D 4 5  ? -6.313  -4.707  11.517  1.00 110.53 ? 5   DA  D N6    1 
ATOM   627 N  N1    . DA  D 4 5  ? -4.424  -3.468  12.025  1.00 108.51 ? 5   DA  D N1    1 
ATOM   628 C  C2    . DA  D 4 5  ? -3.821  -2.560  12.802  1.00 106.69 ? 5   DA  D C2    1 
ATOM   629 N  N3    . DA  D 4 5  ? -4.310  -1.895  13.851  1.00 111.72 ? 5   DA  D N3    1 
ATOM   630 C  C4    . DA  D 4 5  ? -5.583  -2.247  14.086  1.00 115.77 ? 5   DA  D C4    1 
ATOM   631 P  P     . DG  D 4 6  ? -6.918  3.027   18.345  1.00 153.67 ? 6   DG  D P     1 
ATOM   632 O  OP1   . DG  D 4 6  ? -6.314  3.524   19.600  1.00 164.81 ? 6   DG  D OP1   1 
ATOM   633 O  OP2   . DG  D 4 6  ? -8.384  2.853   18.238  1.00 147.01 ? 6   DG  D OP2   1 
ATOM   634 O  "O5'" . DG  D 4 6  ? -6.449  3.984   17.153  1.00 140.75 ? 6   DG  D "O5'" 1 
ATOM   635 C  "C5'" . DG  D 4 6  ? -6.428  3.503   15.820  1.00 129.53 ? 6   DG  D "C5'" 1 
ATOM   636 C  "C4'" . DG  D 4 6  ? -5.003  3.259   15.364  1.00 122.11 ? 6   DG  D "C4'" 1 
ATOM   637 O  "O4'" . DG  D 4 6  ? -4.906  1.933   14.789  1.00 117.01 ? 6   DG  D "O4'" 1 
ATOM   638 C  "C3'" . DG  D 4 6  ? -4.503  4.222   14.295  1.00 108.68 ? 6   DG  D "C3'" 1 
ATOM   639 O  "O3'" . DG  D 4 6  ? -3.112  4.473   14.448  1.00 111.84 ? 6   DG  D "O3'" 1 
ATOM   640 C  "C2'" . DG  D 4 6  ? -4.800  3.480   12.999  1.00 96.78  ? 6   DG  D "C2'" 1 
ATOM   641 C  "C1'" . DG  D 4 6  ? -4.632  2.018   13.406  1.00 101.18 ? 6   DG  D "C1'" 1 
ATOM   642 N  N9    . DG  D 4 6  ? -5.540  1.128   12.695  1.00 97.34  ? 6   DG  D N9    1 
ATOM   643 C  C8    . DG  D 4 6  ? -6.860  0.871   12.988  1.00 101.34 ? 6   DG  D C8    1 
ATOM   644 N  N7    . DG  D 4 6  ? -7.422  0.037   12.156  1.00 102.20 ? 6   DG  D N7    1 
ATOM   645 C  C5    . DG  D 4 6  ? -6.411  -0.272  11.253  1.00 98.97  ? 6   DG  D C5    1 
ATOM   646 C  C6    . DG  D 4 6  ? -6.423  -1.127  10.125  1.00 93.98  ? 6   DG  D C6    1 
ATOM   647 O  O6    . DG  D 4 6  ? -7.361  -1.806  9.682   1.00 91.32  ? 6   DG  D O6    1 
ATOM   648 N  N1    . DG  D 4 6  ? -5.183  -1.152  9.487   1.00 87.86  ? 6   DG  D N1    1 
ATOM   649 C  C2    . DG  D 4 6  ? -4.075  -0.441  9.889   1.00 85.63  ? 6   DG  D C2    1 
ATOM   650 N  N2    . DG  D 4 6  ? -2.968  -0.593  9.148   1.00 77.54  ? 6   DG  D N2    1 
ATOM   651 N  N3    . DG  D 4 6  ? -4.053  0.362   10.942  1.00 86.69  ? 6   DG  D N3    1 
ATOM   652 C  C4    . DG  D 4 6  ? -5.250  0.396   11.573  1.00 94.54  ? 6   DG  D C4    1 
ATOM   653 P  P     . DT  D 4 7  ? -2.414  5.626   13.572  1.00 113.51 ? 7   DT  D P     1 
ATOM   654 O  OP1   . DT  D 4 7  ? -1.211  6.101   14.291  1.00 129.71 ? 7   DT  D OP1   1 
ATOM   655 O  OP2   . DT  D 4 7  ? -3.472  6.586   13.190  1.00 98.80  ? 7   DT  D OP2   1 
ATOM   656 O  "O5'" . DT  D 4 7  ? -1.960  4.869   12.243  1.00 88.19  ? 7   DT  D "O5'" 1 
ATOM   657 C  "C5'" . DT  D 4 7  ? -1.636  5.605   11.082  1.00 89.83  ? 7   DT  D "C5'" 1 
ATOM   658 C  "C4'" . DT  D 4 7  ? -1.224  4.669   9.966   1.00 80.30  ? 7   DT  D "C4'" 1 
ATOM   659 O  "O4'" . DT  D 4 7  ? -2.214  3.612   9.829   1.00 83.05  ? 7   DT  D "O4'" 1 
ATOM   660 C  "C3'" . DT  D 4 7  ? -1.108  5.319   8.587   1.00 76.79  ? 7   DT  D "C3'" 1 
ATOM   661 O  "O3'" . DT  D 4 7  ? 0.063   4.847   7.926   1.00 75.67  ? 7   DT  D "O3'" 1 
ATOM   662 C  "C2'" . DT  D 4 7  ? -2.377  4.848   7.885   1.00 71.54  ? 7   DT  D "C2'" 1 
ATOM   663 C  "C1'" . DT  D 4 7  ? -2.525  3.460   8.468   1.00 70.17  ? 7   DT  D "C1'" 1 
ATOM   664 N  N1    . DT  D 4 7  ? -3.904  2.884   8.337   1.00 66.84  ? 7   DT  D N1    1 
ATOM   665 C  C2    . DT  D 4 7  ? -4.189  2.073   7.262   1.00 70.80  ? 7   DT  D C2    1 
ATOM   666 O  O2    . DT  D 4 7  ? -3.373  1.801   6.402   1.00 67.31  ? 7   DT  D O2    1 
ATOM   667 N  N3    . DT  D 4 7  ? -5.471  1.591   7.228   1.00 71.11  ? 7   DT  D N3    1 
ATOM   668 C  C4    . DT  D 4 7  ? -6.479  1.832   8.141   1.00 72.30  ? 7   DT  D C4    1 
ATOM   669 O  O4    . DT  D 4 7  ? -7.602  1.350   8.023   1.00 68.05  ? 7   DT  D O4    1 
ATOM   670 C  C5    . DT  D 4 7  ? -6.118  2.692   9.246   1.00 70.57  ? 7   DT  D C5    1 
ATOM   671 C  C7    . DT  D 4 7  ? -7.134  3.026   10.298  1.00 79.90  ? 7   DT  D C7    1 
ATOM   672 C  C6    . DT  D 4 7  ? -4.861  3.172   9.291   1.00 70.18  ? 7   DT  D C6    1 
ATOM   673 P  P     . DG  D 4 8  ? 0.837   5.783   6.871   1.00 100.37 ? 8   DG  D P     1 
ATOM   674 O  OP1   . DG  D 4 8  ? 2.245   5.884   7.320   1.00 89.48  ? 8   DG  D OP1   1 
ATOM   675 O  OP2   . DG  D 4 8  ? 0.039   7.017   6.685   1.00 81.38  ? 8   DG  D OP2   1 
ATOM   676 O  "O5'" . DG  D 4 8  ? 0.802   4.935   5.512   1.00 80.86  ? 8   DG  D "O5'" 1 
ATOM   677 C  "C5'" . DG  D 4 8  ? -0.154  3.895   5.349   1.00 70.68  ? 8   DG  D "C5'" 1 
ATOM   678 C  "C4'" . DG  D 4 8  ? -0.045  3.264   3.976   1.00 70.99  ? 8   DG  D "C4'" 1 
ATOM   679 O  "O4'" . DG  D 4 8  ? -1.312  2.680   3.607   1.00 78.21  ? 8   DG  D "O4'" 1 
ATOM   680 C  "C3'" . DG  D 4 8  ? 0.224   4.228   2.856   1.00 63.77  ? 8   DG  D "C3'" 1 
ATOM   681 O  "O3'" . DG  D 4 8  ? 0.630   3.493   1.723   1.00 61.89  ? 8   DG  D "O3'" 1 
ATOM   682 C  "C2'" . DG  D 4 8  ? -1.159  4.841   2.652   1.00 66.04  ? 8   DG  D "C2'" 1 
ATOM   683 C  "C1'" . DG  D 4 8  ? -2.073  3.633   2.883   1.00 60.32  ? 8   DG  D "C1'" 1 
ATOM   684 N  N9    . DG  D 4 8  ? -3.244  3.933   3.686   1.00 55.44  ? 8   DG  D N9    1 
ATOM   685 C  C8    . DG  D 4 8  ? -3.305  4.763   4.778   1.00 61.85  ? 8   DG  D C8    1 
ATOM   686 N  N7    . DG  D 4 8  ? -4.482  4.811   5.330   1.00 57.49  ? 8   DG  D N7    1 
ATOM   687 C  C5    . DG  D 4 8  ? -5.249  3.950   4.560   1.00 52.87  ? 8   DG  D C5    1 
ATOM   688 C  C6    . DG  D 4 8  ? -6.610  3.600   4.676   1.00 53.38  ? 8   DG  D C6    1 
ATOM   689 O  O6    . DG  D 4 8  ? -7.430  3.996   5.513   1.00 52.68  ? 8   DG  D O6    1 
ATOM   690 N  N1    . DG  D 4 8  ? -6.997  2.694   3.691   1.00 49.09  ? 8   DG  D N1    1 
ATOM   691 C  C2    . DG  D 4 8  ? -6.166  2.193   2.716   1.00 53.13  ? 8   DG  D C2    1 
ATOM   692 N  N2    . DG  D 4 8  ? -6.715  1.331   1.851   1.00 57.89  ? 8   DG  D N2    1 
ATOM   693 N  N3    . DG  D 4 8  ? -4.885  2.517   2.596   1.00 52.53  ? 8   DG  D N3    1 
ATOM   694 C  C4    . DG  D 4 8  ? -4.498  3.394   3.550   1.00 50.31  ? 8   DG  D C4    1 
ATOM   695 P  P     . DC  D 4 9  ? 1.099   4.255   0.395   1.00 87.48  ? 9   DC  D P     1 
ATOM   696 O  OP1   . DC  D 4 9  ? 2.063   3.384   -0.317  1.00 85.18  ? 9   DC  D OP1   1 
ATOM   697 O  OP2   . DC  D 4 9  ? 1.519   5.606   0.823   1.00 76.49  ? 9   DC  D OP2   1 
ATOM   698 O  "O5'" . DC  D 4 9  ? -0.252  4.407   -0.450  1.00 76.25  ? 9   DC  D "O5'" 1 
ATOM   699 C  "C5'" . DC  D 4 9  ? -1.174  3.318   -0.521  1.00 76.73  ? 9   DC  D "C5'" 1 
ATOM   700 C  "C4'" . DC  D 4 9  ? -2.488  3.752   -1.152  1.00 74.43  ? 9   DC  D "C4'" 1 
ATOM   701 O  "O4'" . DC  D 4 9  ? -3.521  3.894   -0.137  1.00 78.28  ? 9   DC  D "O4'" 1 
ATOM   702 C  "C3'" . DC  D 4 9  ? -2.448  5.093   -1.897  1.00 71.96  ? 9   DC  D "C3'" 1 
ATOM   703 O  "O3'" . DC  D 4 9  ? -3.044  4.941   -3.164  1.00 74.98  ? 9   DC  D "O3'" 1 
ATOM   704 C  "C2'" . DC  D 4 9  ? -3.295  6.005   -1.011  1.00 63.85  ? 9   DC  D "C2'" 1 
ATOM   705 C  "C1'" . DC  D 4 9  ? -4.303  5.002   -0.496  1.00 66.64  ? 9   DC  D "C1'" 1 
ATOM   706 N  N1    . DC  D 4 9  ? -5.090  5.471   0.679   1.00 63.16  ? 9   DC  D N1    1 
ATOM   707 C  C2    . DC  D 4 9  ? -6.422  5.064   0.820   1.00 56.77  ? 9   DC  D C2    1 
ATOM   708 O  O2    . DC  D 4 9  ? -6.914  4.307   -0.026  1.00 56.22  ? 9   DC  D O2    1 
ATOM   709 N  N3    . DC  D 4 9  ? -7.134  5.504   1.887   1.00 49.80  ? 9   DC  D N3    1 
ATOM   710 C  C4    . DC  D 4 9  ? -6.565  6.318   2.777   1.00 53.37  ? 9   DC  D C4    1 
ATOM   711 N  N4    . DC  D 4 9  ? -7.304  6.725   3.814   1.00 51.26  ? 9   DC  D N4    1 
ATOM   712 C  C5    . DC  D 4 9  ? -5.210  6.748   2.646   1.00 58.00  ? 9   DC  D C5    1 
ATOM   713 C  C6    . DC  D 4 9  ? -4.518  6.308   1.590   1.00 63.65  ? 9   DC  D C6    1 
ATOM   714 P  P     . DT  D 4 10 ? -2.302  4.103   -4.311  1.00 72.10  ? 10  DT  D P     1 
ATOM   715 O  OP1   . DT  D 4 10 ? -2.791  2.708   -4.247  1.00 94.50  ? 10  DT  D OP1   1 
ATOM   716 O  OP2   . DT  D 4 10 ? -0.854  4.391   -4.215  1.00 68.96  ? 10  DT  D OP2   1 
ATOM   717 O  "O5'" . DT  D 4 10 ? -2.849  4.755   -5.658  1.00 57.97  ? 10  DT  D "O5'" 1 
ATOM   718 C  "C5'" . DT  D 4 10 ? -2.198  4.481   -6.868  1.00 70.54  ? 10  DT  D "C5'" 1 
ATOM   719 C  "C4'" . DT  D 4 10 ? -1.745  5.762   -7.536  1.00 71.53  ? 10  DT  D "C4'" 1 
ATOM   720 O  "O4'" . DT  D 4 10 ? -1.090  6.626   -6.575  1.00 62.94  ? 10  DT  D "O4'" 1 
ATOM   721 C  "C3'" . DT  D 4 10 ? -0.705  5.567   -8.609  1.00 73.45  ? 10  DT  D "C3'" 1 
ATOM   722 O  "O3'" . DT  D 4 10 ? -1.315  5.158   -9.807  1.00 78.39  ? 10  DT  D "O3'" 1 
ATOM   723 C  "C2'" . DT  D 4 10 ? -0.126  6.963   -8.712  1.00 64.06  ? 10  DT  D "C2'" 1 
ATOM   724 C  "C1'" . DT  D 4 10 ? -0.060  7.358   -7.235  1.00 65.97  ? 10  DT  D "C1'" 1 
ATOM   725 N  N1    . DT  D 4 10 ? 1.251   7.041   -6.572  1.00 63.54  ? 10  DT  D N1    1 
ATOM   726 C  C2    . DT  D 4 10 ? 2.436   7.486   -7.133  1.00 65.66  ? 10  DT  D C2    1 
ATOM   727 O  O2    . DT  D 4 10 ? 2.498   8.135   -8.162  1.00 69.89  ? 10  DT  D O2    1 
ATOM   728 N  N3    . DT  D 4 10 ? 3.562   7.142   -6.435  1.00 57.98  ? 10  DT  D N3    1 
ATOM   729 C  C4    . DT  D 4 10 ? 3.630   6.420   -5.261  1.00 56.05  ? 10  DT  D C4    1 
ATOM   730 O  O4    . DT  D 4 10 ? 4.696   6.165   -4.709  1.00 48.24  ? 10  DT  D O4    1 
ATOM   731 C  C5    . DT  D 4 10 ? 2.361   5.988   -4.724  1.00 62.51  ? 10  DT  D C5    1 
ATOM   732 C  C7    . DT  D 4 10 ? 2.310   5.194   -3.452  1.00 61.40  ? 10  DT  D C7    1 
ATOM   733 C  C6    . DT  D 4 10 ? 1.248   6.315   -5.399  1.00 61.16  ? 10  DT  D C6    1 
ATOM   734 P  P     . DG  D 4 11 ? -0.851  3.782   -10.484 1.00 75.75  ? 11  DG  D P     1 
ATOM   735 O  OP1   . DG  D 4 11 ? -2.072  2.998   -10.779 1.00 94.72  ? 11  DG  D OP1   1 
ATOM   736 O  OP2   . DG  D 4 11 ? 0.204   3.213   -9.613  1.00 44.45  ? 11  DG  D OP2   1 
ATOM   737 O  "O5'" . DG  D 4 11 ? -0.171  4.239   -11.858 1.00 84.16  ? 11  DG  D "O5'" 1 
ATOM   738 C  "C5'" . DG  D 4 11 ? 0.501   5.492   -11.941 1.00 77.85  ? 11  DG  D "C5'" 1 
ATOM   739 C  "C4'" . DG  D 4 11 ? 2.002   5.296   -12.075 1.00 70.90  ? 11  DG  D "C4'" 1 
ATOM   740 O  "O4'" . DG  D 4 11 ? 2.628   5.322   -10.777 1.00 60.54  ? 11  DG  D "O4'" 1 
ATOM   741 C  "C3'" . DG  D 4 11 ? 2.429   3.967   -12.706 1.00 83.77  ? 11  DG  D "C3'" 1 
ATOM   742 O  "O3'" . DG  D 4 11 ? 2.953   4.192   -13.999 1.00 94.49  ? 11  DG  D "O3'" 1 
ATOM   743 C  "C2'" . DG  D 4 11 ? 3.502   3.411   -11.749 1.00 81.58  ? 11  DG  D "C2'" 1 
ATOM   744 C  "C1'" . DG  D 4 11 ? 3.831   4.615   -10.884 1.00 60.61  ? 11  DG  D "C1'" 1 
ATOM   745 N  N9    . DG  D 4 11 ? 4.308   4.278   -9.543  1.00 62.95  ? 11  DG  D N9    1 
ATOM   746 C  C8    . DG  D 4 11 ? 3.576   3.739   -8.510  1.00 64.22  ? 11  DG  D C8    1 
ATOM   747 N  N7    . DG  D 4 11 ? 4.273   3.551   -7.421  1.00 54.44  ? 11  DG  D N7    1 
ATOM   748 C  C5    . DG  D 4 11 ? 5.547   3.998   -7.750  1.00 62.50  ? 11  DG  D C5    1 
ATOM   749 C  C6    . DG  D 4 11 ? 6.731   4.044   -6.968  1.00 68.82  ? 11  DG  D C6    1 
ATOM   750 O  O6    . DG  D 4 11 ? 6.888   3.685   -5.790  1.00 70.60  ? 11  DG  D O6    1 
ATOM   751 N  N1    . DG  D 4 11 ? 7.802   4.569   -7.686  1.00 72.93  ? 11  DG  D N1    1 
ATOM   752 C  C2    . DG  D 4 11 ? 7.741   4.995   -8.991  1.00 78.26  ? 11  DG  D C2    1 
ATOM   753 N  N2    . DG  D 4 11 ? 8.883   5.471   -9.512  1.00 84.97  ? 11  DG  D N2    1 
ATOM   754 N  N3    . DG  D 4 11 ? 6.640   4.959   -9.738  1.00 70.92  ? 11  DG  D N3    1 
ATOM   755 C  C4    . DG  D 4 11 ? 5.586   4.450   -9.052  1.00 66.72  ? 11  DG  D C4    1 
ATOM   756 P  P     . DT  D 4 12 ? 3.227   2.949   -14.976 1.00 101.68 ? 12  DT  D P     1 
ATOM   757 O  OP1   . DT  D 4 12 ? 3.121   3.448   -16.365 1.00 85.29  ? 12  DT  D OP1   1 
ATOM   758 O  OP2   . DT  D 4 12 ? 2.376   1.824   -14.531 1.00 93.75  ? 12  DT  D OP2   1 
ATOM   759 O  "O5'" . DT  D 4 12 ? 4.747   2.561   -14.678 1.00 89.92  ? 12  DT  D "O5'" 1 
ATOM   760 C  "C5'" . DT  D 4 12 ? 5.745   2.905   -15.614 1.00 94.25  ? 12  DT  D "C5'" 1 
ATOM   761 C  "C4'" . DT  D 4 12 ? 7.072   3.136   -14.926 1.00 91.43  ? 12  DT  D "C4'" 1 
ATOM   762 O  "O4'" . DT  D 4 12 ? 6.894   3.089   -13.487 1.00 81.32  ? 12  DT  D "O4'" 1 
ATOM   763 C  "C3'" . DT  D 4 12 ? 8.151   2.096   -15.250 1.00 104.17 ? 12  DT  D "C3'" 1 
ATOM   764 O  "O3'" . DT  D 4 12 ? 9.318   2.738   -15.748 1.00 115.08 ? 12  DT  D "O3'" 1 
ATOM   765 C  "C2'" . DT  D 4 12 ? 8.417   1.417   -13.905 1.00 98.20  ? 12  DT  D "C2'" 1 
ATOM   766 C  "C1'" . DT  D 4 12 ? 8.048   2.516   -12.936 1.00 84.36  ? 12  DT  D "C1'" 1 
ATOM   767 N  N1    . DT  D 4 12 ? 7.764   2.029   -11.546 1.00 80.11  ? 12  DT  D N1    1 
ATOM   768 C  C2    . DT  D 4 12 ? 8.774   2.058   -10.615 1.00 85.52  ? 12  DT  D C2    1 
ATOM   769 O  O2    . DT  D 4 12 ? 9.892   2.470   -10.860 1.00 89.32  ? 12  DT  D O2    1 
ATOM   770 N  N3    . DT  D 4 12 ? 8.429   1.590   -9.376  1.00 85.89  ? 12  DT  D N3    1 
ATOM   771 C  C4    . DT  D 4 12 ? 7.197   1.103   -8.980  1.00 79.50  ? 12  DT  D C4    1 
ATOM   772 O  O4    . DT  D 4 12 ? 6.984   0.707   -7.838  1.00 77.56  ? 12  DT  D O4    1 
ATOM   773 C  C5    . DT  D 4 12 ? 6.178   1.093   -10.006 1.00 73.23  ? 12  DT  D C5    1 
ATOM   774 C  C7    . DT  D 4 12 ? 4.800   0.584   -9.693  1.00 69.51  ? 12  DT  D C7    1 
ATOM   775 C  C6    . DT  D 4 12 ? 6.508   1.550   -11.228 1.00 76.35  ? 12  DT  D C6    1 
ATOM   776 P  P     . DC  D 4 13 ? 10.332  1.937   -16.703 1.00 115.55 ? 13  DC  D P     1 
ATOM   777 O  OP1   . DC  D 4 13 ? 11.593  2.707   -16.799 1.00 114.14 ? 13  DC  D OP1   1 
ATOM   778 O  OP2   . DC  D 4 13 ? 9.588   1.586   -17.932 1.00 106.21 ? 13  DC  D OP2   1 
ATOM   779 O  "O5'" . DC  D 4 13 ? 10.620  0.588   -15.897 1.00 102.97 ? 13  DC  D "O5'" 1 
ATOM   780 C  "C5'" . DC  D 4 13 ? 11.920  0.041   -15.870 1.00 112.22 ? 13  DC  D "C5'" 1 
ATOM   781 C  "C4'" . DC  D 4 13 ? 12.494  0.100   -14.467 1.00 117.78 ? 13  DC  D "C4'" 1 
ATOM   782 O  "O4'" . DC  D 4 13 ? 11.427  0.080   -13.504 1.00 107.98 ? 13  DC  D "O4'" 1 
ATOM   783 C  "C3'" . DC  D 4 13 ? 13.386  -1.080  -14.096 1.00 131.17 ? 13  DC  D "C3'" 1 
ATOM   784 O  "O3'" . DC  D 4 13 ? 14.749  -0.713  -14.202 1.00 151.68 ? 13  DC  D "O3'" 1 
ATOM   785 C  "C2'" . DC  D 4 13 ? 13.006  -1.416  -12.643 1.00 121.28 ? 13  DC  D "C2'" 1 
ATOM   786 C  "C1'" . DC  D 4 13 ? 11.955  -0.372  -12.287 1.00 110.08 ? 13  DC  D "C1'" 1 
ATOM   787 N  N1    . DC  D 4 13 ? 10.834  -0.895  -11.441 1.00 102.58 ? 13  DC  D N1    1 
ATOM   788 C  C2    . DC  D 4 13 ? 11.060  -1.195  -10.091 1.00 103.17 ? 13  DC  D C2    1 
ATOM   789 O  O2    . DC  D 4 13 ? 12.191  -1.037  -9.617  1.00 103.63 ? 13  DC  D O2    1 
ATOM   790 N  N3    . DC  D 4 13 ? 10.027  -1.656  -9.340  1.00 100.38 ? 13  DC  D N3    1 
ATOM   791 C  C4    . DC  D 4 13 ? 8.820   -1.813  -9.887  1.00 96.85  ? 13  DC  D C4    1 
ATOM   792 N  N4    . DC  D 4 13 ? 7.834   -2.270  -9.108  1.00 95.22  ? 13  DC  D N4    1 
ATOM   793 C  C5    . DC  D 4 13 ? 8.572   -1.509  -11.258 1.00 91.92  ? 13  DC  D C5    1 
ATOM   794 C  C6    . DC  D 4 13 ? 9.597   -1.060  -11.989 1.00 96.73  ? 13  DC  D C6    1 
ATOM   795 P  P     . DT  D 4 14 ? 15.758  -1.639  -15.039 1.00 149.67 ? 14  DT  D P     1 
ATOM   796 O  OP1   . DT  D 4 14 ? 17.125  -1.408  -14.520 1.00 154.48 ? 14  DT  D OP1   1 
ATOM   797 O  OP2   . DT  D 4 14 ? 15.465  -1.412  -16.472 1.00 143.87 ? 14  DT  D OP2   1 
ATOM   798 O  "O5'" . DT  D 4 14 ? 15.297  -3.127  -14.674 1.00 146.88 ? 14  DT  D "O5'" 1 
ATOM   799 C  "C5'" . DT  D 4 14 ? 16.248  -4.081  -14.213 1.00 148.45 ? 14  DT  D "C5'" 1 
ATOM   800 C  "C4'" . DT  D 4 14 ? 16.412  -3.998  -12.705 1.00 145.11 ? 14  DT  D "C4'" 1 
ATOM   801 O  "O4'" . DT  D 4 14 ? 15.151  -3.669  -12.108 1.00 136.19 ? 14  DT  D "O4'" 1 
ATOM   802 C  "C3'" . DT  D 4 14 ? 16.827  -5.299  -12.041 1.00 151.35 ? 14  DT  D "C3'" 1 
ATOM   803 O  "O3'" . DT  D 4 14 ? 18.241  -5.355  -11.929 1.00 164.84 ? 14  DT  D "O3'" 1 
ATOM   804 C  "C2'" . DT  D 4 14 ? 16.160  -5.246  -10.658 1.00 146.59 ? 14  DT  D "C2'" 1 
ATOM   805 C  "C1'" . DT  D 4 14 ? 15.151  -4.103  -10.769 1.00 138.62 ? 14  DT  D "C1'" 1 
ATOM   806 N  N1    . DT  D 4 14 ? 13.751  -4.479  -10.397 1.00 131.21 ? 14  DT  D N1    1 
ATOM   807 C  C2    . DT  D 4 14 ? 13.456  -4.813  -9.093  1.00 128.82 ? 14  DT  D C2    1 
ATOM   808 O  O2    . DT  D 4 14 ? 14.286  -4.843  -8.201  1.00 127.07 ? 14  DT  D O2    1 
ATOM   809 N  N3    . DT  D 4 14 ? 12.139  -5.119  -8.867  1.00 125.88 ? 14  DT  D N3    1 
ATOM   810 C  C4    . DT  D 4 14 ? 11.109  -5.122  -9.793  1.00 120.80 ? 14  DT  D C4    1 
ATOM   811 O  O4    . DT  D 4 14 ? 9.955   -5.412  -9.491  1.00 117.85 ? 14  DT  D O4    1 
ATOM   812 C  C5    . DT  D 4 14 ? 11.487  -4.759  -11.136 1.00 116.28 ? 14  DT  D C5    1 
ATOM   813 C  C7    . DT  D 4 14 ? 10.459  -4.725  -12.228 1.00 104.07 ? 14  DT  D C7    1 
ATOM   814 C  C6    . DT  D 4 14 ? 12.772  -4.462  -11.369 1.00 124.04 ? 14  DT  D C6    1 
ATOM   815 P  P     . DG  D 4 15 ? 18.937  -6.596  -11.184 1.00 163.19 ? 15  DG  D P     1 
ATOM   816 O  OP1   . DG  D 4 15 ? 20.341  -6.668  -11.645 1.00 166.80 ? 15  DG  D OP1   1 
ATOM   817 O  OP2   . DG  D 4 15 ? 18.044  -7.762  -11.367 1.00 153.04 ? 15  DG  D OP2   1 
ATOM   818 O  "O5'" . DG  D 4 15 ? 18.936  -6.170  -9.640  1.00 164.77 ? 15  DG  D "O5'" 1 
ATOM   819 C  "C5'" . DG  D 4 15 ? 19.572  -6.990  -8.671  1.00 162.58 ? 15  DG  D "C5'" 1 
ATOM   820 C  "C4'" . DG  D 4 15 ? 18.589  -7.969  -8.052  1.00 157.79 ? 15  DG  D "C4'" 1 
ATOM   821 O  "O4'" . DG  D 4 15 ? 17.240  -7.529  -8.296  1.00 151.43 ? 15  DG  D "O4'" 1 
ATOM   822 C  "C3'" . DG  D 4 15 ? 18.622  -9.372  -8.636  1.00 156.19 ? 15  DG  D "C3'" 1 
ATOM   823 O  "O3'" . DG  D 4 15 ? 19.628  -10.217 -7.996  1.00 163.14 ? 15  DG  D "O3'" 1 
ATOM   824 C  "C2'" . DG  D 4 15 ? 17.192  -9.889  -8.422  1.00 149.63 ? 15  DG  D "C2'" 1 
ATOM   825 C  "C1'" . DG  D 4 15 ? 16.391  -8.628  -8.064  1.00 146.17 ? 15  DG  D "C1'" 1 
ATOM   826 N  N9    . DG  D 4 15 ? 15.175  -8.504  -8.860  1.00 142.80 ? 15  DG  D N9    1 
ATOM   827 C  C8    . DG  D 4 15 ? 15.084  -8.281  -10.213 1.00 139.17 ? 15  DG  D C8    1 
ATOM   828 N  N7    . DG  D 4 15 ? 13.857  -8.254  -10.655 1.00 131.02 ? 15  DG  D N7    1 
ATOM   829 C  C5    . DG  D 4 15 ? 13.085  -8.499  -9.526  1.00 133.66 ? 15  DG  D C5    1 
ATOM   830 C  C6    . DG  D 4 15 ? 11.679  -8.592  -9.385  1.00 129.67 ? 15  DG  D C6    1 
ATOM   831 O  O6    . DG  D 4 15 ? 10.809  -8.472  -10.260 1.00 131.52 ? 15  DG  D O6    1 
ATOM   832 N  N1    . DG  D 4 15 ? 11.311  -8.853  -8.067  1.00 131.32 ? 15  DG  D N1    1 
ATOM   833 C  C2    . DG  D 4 15 ? 12.189  -9.004  -7.020  1.00 132.10 ? 15  DG  D C2    1 
ATOM   834 N  N2    . DG  D 4 15 ? 11.646  -9.251  -5.820  1.00 129.63 ? 15  DG  D N2    1 
ATOM   835 N  N3    . DG  D 4 15 ? 13.507  -8.919  -7.138  1.00 135.12 ? 15  DG  D N3    1 
ATOM   836 C  C4    . DG  D 4 15 ? 13.882  -8.665  -8.416  1.00 138.63 ? 15  DG  D C4    1 
ATOM   837 P  P     . DC  D 4 16 ? 19.792  -10.344 -6.394  1.00 171.63 ? 16  DC  D P     1 
ATOM   838 O  OP1   . DC  D 4 16 ? 20.304  -9.075  -5.834  1.00 182.65 ? 16  DC  D OP1   1 
ATOM   839 O  OP2   . DC  D 4 16 ? 20.583  -11.574 -6.175  1.00 178.03 ? 16  DC  D OP2   1 
ATOM   840 O  "O5'" . DC  D 4 16 ? 18.323  -10.650 -5.835  1.00 157.82 ? 16  DC  D "O5'" 1 
ATOM   841 C  "C5'" . DC  D 4 16 ? 17.851  -11.999 -5.758  1.00 148.27 ? 16  DC  D "C5'" 1 
ATOM   842 C  "C4'" . DC  D 4 16 ? 16.432  -12.046 -5.215  1.00 145.14 ? 16  DC  D "C4'" 1 
ATOM   843 O  "O4'" . DC  D 4 16 ? 15.505  -11.520 -6.203  1.00 143.91 ? 16  DC  D "O4'" 1 
ATOM   844 C  "C3'" . DC  D 4 16 ? 15.923  -13.448 -4.858  1.00 141.56 ? 16  DC  D "C3'" 1 
ATOM   845 O  "O3'" . DC  D 4 16 ? 15.342  -13.436 -3.559  1.00 139.16 ? 16  DC  D "O3'" 1 
ATOM   846 C  "C2'" . DC  D 4 16 ? 14.878  -13.736 -5.938  1.00 143.62 ? 16  DC  D "C2'" 1 
ATOM   847 C  "C1'" . DC  D 4 16 ? 14.363  -12.341 -6.232  1.00 143.06 ? 16  DC  D "C1'" 1 
ATOM   848 N  N1    . DC  D 4 16 ? 13.701  -12.214 -7.567  1.00 142.59 ? 16  DC  D N1    1 
ATOM   849 C  C2    . DC  D 4 16 ? 12.313  -12.364 -7.669  1.00 143.53 ? 16  DC  D C2    1 
ATOM   850 O  O2    . DC  D 4 16 ? 11.656  -12.600 -6.648  1.00 143.23 ? 16  DC  D O2    1 
ATOM   851 N  N3    . DC  D 4 16 ? 11.726  -12.246 -8.887  1.00 143.04 ? 16  DC  D N3    1 
ATOM   852 C  C4    . DC  D 4 16 ? 12.469  -11.992 -9.964  1.00 142.59 ? 16  DC  D C4    1 
ATOM   853 N  N4    . DC  D 4 16 ? 11.847  -11.884 -11.144 1.00 140.82 ? 16  DC  D N4    1 
ATOM   854 C  C5    . DC  D 4 16 ? 13.885  -11.838 -9.881  1.00 143.48 ? 16  DC  D C5    1 
ATOM   855 C  C6    . DC  D 4 16 ? 14.453  -11.957 -8.675  1.00 142.41 ? 16  DC  D C6    1 
HETATM 856 AS AS    . CAC E 5 .  ? -6.868  12.544  -1.929  1.00 164.41 ? 101 CAC C AS    1 
HETATM 857 AS AS    . CAC F 5 .  ? 4.256   1.945   -3.882  1.00 140.15 ? 101 CAC D AS    1 
# 
loop_
_pdbx_poly_seq_scheme.asym_id 
_pdbx_poly_seq_scheme.entity_id 
_pdbx_poly_seq_scheme.seq_id 
_pdbx_poly_seq_scheme.mon_id 
_pdbx_poly_seq_scheme.ndb_seq_num 
_pdbx_poly_seq_scheme.pdb_seq_num 
_pdbx_poly_seq_scheme.auth_seq_num 
_pdbx_poly_seq_scheme.pdb_mon_id 
_pdbx_poly_seq_scheme.auth_mon_id 
_pdbx_poly_seq_scheme.pdb_strand_id 
_pdbx_poly_seq_scheme.pdb_ins_code 
_pdbx_poly_seq_scheme.hetero 
A 1 1  DG 1  1  1  DG DG A . n 
A 1 2  DA 2  2  2  DA DA A . n 
A 1 3  DG 3  3  3  DG DG A . n 
A 1 4  DC 4  4  4  DC DC A . n 
A 1 5  DA 5  5  5  DA DA A . n 
A 1 6  DG 6  6  6  DG DG A . n 
A 1 7  DA 7  7  7  DA DA A . n 
A 1 8  DC 8  8  8  DC DC A . n 
A 1 9  DA 9  9  9  DA DA A . n 
A 1 10 DA 10 10 10 DA DA A . n 
A 1 11 DG 11 11 11 DG DG A . n 
B 2 1  DA 1  12 12 DA DA B . n 
B 2 2  DC 2  13 13 DC DC B . n 
B 2 3  DT 3  14 14 DT DT B . n 
B 2 4  DG 4  15 15 DG DG B . n 
B 2 5  DC 5  16 16 DC DC B . n 
B 2 6  DA 6  17 17 DA DA B . n 
B 2 7  DC 7  18 18 DC DC B . n 
B 2 8  DT 8  19 19 DT DT B . n 
B 2 9  DC 9  20 20 DC DC B . n 
B 2 10 DA 10 21 21 DA DA B . n 
C 3 1  DC 1  1  1  DC DC C . n 
C 3 2  DT 2  2  2  DT DT C . n 
C 3 3  DA 3  3  3  DA DA C . n 
C 3 4  DG 4  4  4  DG DG C . n 
C 3 5  DT 5  5  5  DT DT C . n 
D 4 1  DT 1  1  1  DT DT D . n 
D 4 2  DC 2  2  2  DC DC D . n 
D 4 3  DT 3  3  3  DT DT D . n 
D 4 4  DG 4  4  4  DG DG D . n 
D 4 5  DA 5  5  5  DA DA D . n 
D 4 6  DG 6  6  6  DG DG D . n 
D 4 7  DT 7  7  7  DT DT D . n 
D 4 8  DG 8  8  8  DG DG D . n 
D 4 9  DC 9  9  9  DC DC D . n 
D 4 10 DT 10 10 10 DT DT D . n 
D 4 11 DG 11 11 11 DG DG D . n 
D 4 12 DT 12 12 12 DT DT D . n 
D 4 13 DC 13 13 13 DC DC D . n 
D 4 14 DT 14 14 14 DT DT D . n 
D 4 15 DG 15 15 15 DG DG D . n 
D 4 16 DC 16 16 16 DC DC D . n 
# 
loop_
_pdbx_nonpoly_scheme.asym_id 
_pdbx_nonpoly_scheme.entity_id 
_pdbx_nonpoly_scheme.mon_id 
_pdbx_nonpoly_scheme.ndb_seq_num 
_pdbx_nonpoly_scheme.pdb_seq_num 
_pdbx_nonpoly_scheme.auth_seq_num 
_pdbx_nonpoly_scheme.pdb_mon_id 
_pdbx_nonpoly_scheme.auth_mon_id 
_pdbx_nonpoly_scheme.pdb_strand_id 
_pdbx_nonpoly_scheme.pdb_ins_code 
E 5 CAC 1 101 2 CAC AS C . 
F 5 CAC 1 101 1 CAC AS D . 
# 
_pdbx_struct_assembly.id                   1 
_pdbx_struct_assembly.details              author_and_software_defined_assembly 
_pdbx_struct_assembly.method_details       PISA 
_pdbx_struct_assembly.oligomeric_details   tetrameric 
_pdbx_struct_assembly.oligomeric_count     4 
# 
_pdbx_struct_assembly_gen.assembly_id       1 
_pdbx_struct_assembly_gen.oper_expression   1 
_pdbx_struct_assembly_gen.asym_id_list      A,B,C,D,E,F 
# 
loop_
_pdbx_struct_assembly_prop.biol_id 
_pdbx_struct_assembly_prop.type 
_pdbx_struct_assembly_prop.value 
_pdbx_struct_assembly_prop.details 
1 'ABSA (A^2)' 2670 ? 
1 MORE         -17  ? 
1 'SSA (A^2)'  7910 ? 
# 
_pdbx_struct_oper_list.id                   1 
_pdbx_struct_oper_list.type                 'identity operation' 
_pdbx_struct_oper_list.name                 1_555 
_pdbx_struct_oper_list.symmetry_operation   x,y,z 
_pdbx_struct_oper_list.matrix[1][1]         1.0000000000 
_pdbx_struct_oper_list.matrix[1][2]         0.0000000000 
_pdbx_struct_oper_list.matrix[1][3]         0.0000000000 
_pdbx_struct_oper_list.vector[1]            0.0000000000 
_pdbx_struct_oper_list.matrix[2][1]         0.0000000000 
_pdbx_struct_oper_list.matrix[2][2]         1.0000000000 
_pdbx_struct_oper_list.matrix[2][3]         0.0000000000 
_pdbx_struct_oper_list.vector[2]            0.0000000000 
_pdbx_struct_oper_list.matrix[3][1]         0.0000000000 
_pdbx_struct_oper_list.matrix[3][2]         0.0000000000 
_pdbx_struct_oper_list.matrix[3][3]         1.0000000000 
_pdbx_struct_oper_list.vector[3]            0.0000000000 
# 
loop_
_pdbx_audit_revision_history.ordinal 
_pdbx_audit_revision_history.data_content_type 
_pdbx_audit_revision_history.major_revision 
_pdbx_audit_revision_history.minor_revision 
_pdbx_audit_revision_history.revision_date 
1 'Structure model' 1 0 2021-07-14 
2 'Structure model' 1 1 2022-07-06 
3 'Structure model' 1 2 2023-10-18 
# 
_pdbx_audit_revision_details.ordinal             1 
_pdbx_audit_revision_details.revision_ordinal    1 
_pdbx_audit_revision_details.data_content_type   'Structure model' 
_pdbx_audit_revision_details.provider            repository 
_pdbx_audit_revision_details.type                'Initial release' 
_pdbx_audit_revision_details.description         ? 
_pdbx_audit_revision_details.details             ? 
# 
loop_
_pdbx_audit_revision_group.ordinal 
_pdbx_audit_revision_group.revision_ordinal 
_pdbx_audit_revision_group.data_content_type 
_pdbx_audit_revision_group.group 
1 2 'Structure model' 'Database references'    
2 3 'Structure model' 'Data collection'        
3 3 'Structure model' 'Refinement description' 
# 
loop_
_pdbx_audit_revision_category.ordinal 
_pdbx_audit_revision_category.revision_ordinal 
_pdbx_audit_revision_category.data_content_type 
_pdbx_audit_revision_category.category 
1 2 'Structure model' citation                      
2 2 'Structure model' citation_author               
3 2 'Structure model' database_2                    
4 3 'Structure model' chem_comp_atom                
5 3 'Structure model' chem_comp_bond                
6 3 'Structure model' pdbx_initial_refinement_model 
# 
loop_
_pdbx_audit_revision_item.ordinal 
_pdbx_audit_revision_item.revision_ordinal 
_pdbx_audit_revision_item.data_content_type 
_pdbx_audit_revision_item.item 
1  2 'Structure model' '_citation.country'                   
2  2 'Structure model' '_citation.journal_abbrev'            
3  2 'Structure model' '_citation.journal_id_CSD'            
4  2 'Structure model' '_citation.journal_id_ISSN'           
5  2 'Structure model' '_citation.journal_volume'            
6  2 'Structure model' '_citation.page_first'                
7  2 'Structure model' '_citation.page_last'                 
8  2 'Structure model' '_citation.pdbx_database_id_DOI'      
9  2 'Structure model' '_citation.pdbx_database_id_PubMed'   
10 2 'Structure model' '_citation.title'                     
11 2 'Structure model' '_citation.year'                      
12 2 'Structure model' '_database_2.pdbx_DOI'                
13 2 'Structure model' '_database_2.pdbx_database_accession' 
# 
loop_
_software.citation_id 
_software.classification 
_software.compiler_name 
_software.compiler_version 
_software.contact_author 
_software.contact_author_email 
_software.date 
_software.description 
_software.dependencies 
_software.hardware 
_software.language 
_software.location 
_software.mods 
_software.name 
_software.os 
_software.os_version 
_software.type 
_software.version 
_software.pdbx_ordinal 
? 'data reduction'  ? ? ? ? ? ? ? ? ? ? ? HKL-2000    ? ? ? .           1 
? 'data scaling'    ? ? ? ? ? ? ? ? ? ? ? HKL-2000    ? ? ? .           2 
? refinement        ? ? ? ? ? ? ? ? ? ? ? PHENIX      ? ? ? 1.11.1_2575 3 
? 'data extraction' ? ? ? ? ? ? ? ? ? ? ? PDB_EXTRACT ? ? ? 3.25        4 
? phasing           ? ? ? ? ? ? ? ? ? ? ? PHASER      ? ? ? .           5 
# 
_pdbx_entry_details.entry_id                 6XFZ 
_pdbx_entry_details.has_ligand_of_interest   N 
_pdbx_entry_details.compound_details         ? 
_pdbx_entry_details.source_details           ? 
_pdbx_entry_details.nonpolymer_details       ? 
_pdbx_entry_details.sequence_details         ? 
# 
loop_
_pdbx_validate_rmsd_angle.id 
_pdbx_validate_rmsd_angle.PDB_model_num 
_pdbx_validate_rmsd_angle.auth_atom_id_1 
_pdbx_validate_rmsd_angle.auth_asym_id_1 
_pdbx_validate_rmsd_angle.auth_comp_id_1 
_pdbx_validate_rmsd_angle.auth_seq_id_1 
_pdbx_validate_rmsd_angle.PDB_ins_code_1 
_pdbx_validate_rmsd_angle.label_alt_id_1 
_pdbx_validate_rmsd_angle.auth_atom_id_2 
_pdbx_validate_rmsd_angle.auth_asym_id_2 
_pdbx_validate_rmsd_angle.auth_comp_id_2 
_pdbx_validate_rmsd_angle.auth_seq_id_2 
_pdbx_validate_rmsd_angle.PDB_ins_code_2 
_pdbx_validate_rmsd_angle.label_alt_id_2 
_pdbx_validate_rmsd_angle.auth_atom_id_3 
_pdbx_validate_rmsd_angle.auth_asym_id_3 
_pdbx_validate_rmsd_angle.auth_comp_id_3 
_pdbx_validate_rmsd_angle.auth_seq_id_3 
_pdbx_validate_rmsd_angle.PDB_ins_code_3 
_pdbx_validate_rmsd_angle.label_alt_id_3 
_pdbx_validate_rmsd_angle.angle_value 
_pdbx_validate_rmsd_angle.angle_target_value 
_pdbx_validate_rmsd_angle.angle_deviation 
_pdbx_validate_rmsd_angle.angle_standard_deviation 
_pdbx_validate_rmsd_angle.linker_flag 
1 1 "O4'" C DG 4  ? ? "C1'" C DG 4  ? ? N9 C DG 4  ? ? 110.64 108.30 2.34 0.30 N 
2 1 "O4'" D DG 15 ? ? "C1'" D DG 15 ? ? N9 D DG 15 ? ? 110.23 108.30 1.93 0.30 N 
# 
loop_
_pdbx_unobs_or_zero_occ_atoms.id 
_pdbx_unobs_or_zero_occ_atoms.PDB_model_num 
_pdbx_unobs_or_zero_occ_atoms.polymer_flag 
_pdbx_unobs_or_zero_occ_atoms.occupancy_flag 
_pdbx_unobs_or_zero_occ_atoms.auth_asym_id 
_pdbx_unobs_or_zero_occ_atoms.auth_comp_id 
_pdbx_unobs_or_zero_occ_atoms.auth_seq_id 
_pdbx_unobs_or_zero_occ_atoms.PDB_ins_code 
_pdbx_unobs_or_zero_occ_atoms.auth_atom_id 
_pdbx_unobs_or_zero_occ_atoms.label_alt_id 
_pdbx_unobs_or_zero_occ_atoms.label_asym_id 
_pdbx_unobs_or_zero_occ_atoms.label_comp_id 
_pdbx_unobs_or_zero_occ_atoms.label_seq_id 
_pdbx_unobs_or_zero_occ_atoms.label_atom_id 
1 1 N 1 C CAC 101 ? O1 ? E CAC 1 O1 
2 1 N 1 C CAC 101 ? O2 ? E CAC 1 O2 
3 1 N 1 C CAC 101 ? C1 ? E CAC 1 C1 
4 1 N 1 C CAC 101 ? C2 ? E CAC 1 C2 
5 1 N 1 D CAC 101 ? O1 ? F CAC 1 O1 
6 1 N 1 D CAC 101 ? O2 ? F CAC 1 O2 
7 1 N 1 D CAC 101 ? C1 ? F CAC 1 C1 
8 1 N 1 D CAC 101 ? C2 ? F CAC 1 C2 
# 
loop_
_chem_comp_atom.comp_id 
_chem_comp_atom.atom_id 
_chem_comp_atom.type_symbol 
_chem_comp_atom.pdbx_aromatic_flag 
_chem_comp_atom.pdbx_stereo_config 
_chem_comp_atom.pdbx_ordinal 
CAC AS     AS N N 1   
CAC O1     O  N N 2   
CAC O2     O  N N 3   
CAC C1     C  N N 4   
CAC C2     C  N N 5   
CAC H11    H  N N 6   
CAC H12    H  N N 7   
CAC H13    H  N N 8   
CAC H21    H  N N 9   
CAC H22    H  N N 10  
CAC H23    H  N N 11  
DA  OP3    O  N N 12  
DA  P      P  N N 13  
DA  OP1    O  N N 14  
DA  OP2    O  N N 15  
DA  "O5'"  O  N N 16  
DA  "C5'"  C  N N 17  
DA  "C4'"  C  N R 18  
DA  "O4'"  O  N N 19  
DA  "C3'"  C  N S 20  
DA  "O3'"  O  N N 21  
DA  "C2'"  C  N N 22  
DA  "C1'"  C  N R 23  
DA  N9     N  Y N 24  
DA  C8     C  Y N 25  
DA  N7     N  Y N 26  
DA  C5     C  Y N 27  
DA  C6     C  Y N 28  
DA  N6     N  N N 29  
DA  N1     N  Y N 30  
DA  C2     C  Y N 31  
DA  N3     N  Y N 32  
DA  C4     C  Y N 33  
DA  HOP3   H  N N 34  
DA  HOP2   H  N N 35  
DA  "H5'"  H  N N 36  
DA  "H5''" H  N N 37  
DA  "H4'"  H  N N 38  
DA  "H3'"  H  N N 39  
DA  "HO3'" H  N N 40  
DA  "H2'"  H  N N 41  
DA  "H2''" H  N N 42  
DA  "H1'"  H  N N 43  
DA  H8     H  N N 44  
DA  H61    H  N N 45  
DA  H62    H  N N 46  
DA  H2     H  N N 47  
DC  OP3    O  N N 48  
DC  P      P  N N 49  
DC  OP1    O  N N 50  
DC  OP2    O  N N 51  
DC  "O5'"  O  N N 52  
DC  "C5'"  C  N N 53  
DC  "C4'"  C  N R 54  
DC  "O4'"  O  N N 55  
DC  "C3'"  C  N S 56  
DC  "O3'"  O  N N 57  
DC  "C2'"  C  N N 58  
DC  "C1'"  C  N R 59  
DC  N1     N  N N 60  
DC  C2     C  N N 61  
DC  O2     O  N N 62  
DC  N3     N  N N 63  
DC  C4     C  N N 64  
DC  N4     N  N N 65  
DC  C5     C  N N 66  
DC  C6     C  N N 67  
DC  HOP3   H  N N 68  
DC  HOP2   H  N N 69  
DC  "H5'"  H  N N 70  
DC  "H5''" H  N N 71  
DC  "H4'"  H  N N 72  
DC  "H3'"  H  N N 73  
DC  "HO3'" H  N N 74  
DC  "H2'"  H  N N 75  
DC  "H2''" H  N N 76  
DC  "H1'"  H  N N 77  
DC  H41    H  N N 78  
DC  H42    H  N N 79  
DC  H5     H  N N 80  
DC  H6     H  N N 81  
DG  OP3    O  N N 82  
DG  P      P  N N 83  
DG  OP1    O  N N 84  
DG  OP2    O  N N 85  
DG  "O5'"  O  N N 86  
DG  "C5'"  C  N N 87  
DG  "C4'"  C  N R 88  
DG  "O4'"  O  N N 89  
DG  "C3'"  C  N S 90  
DG  "O3'"  O  N N 91  
DG  "C2'"  C  N N 92  
DG  "C1'"  C  N R 93  
DG  N9     N  Y N 94  
DG  C8     C  Y N 95  
DG  N7     N  Y N 96  
DG  C5     C  Y N 97  
DG  C6     C  N N 98  
DG  O6     O  N N 99  
DG  N1     N  N N 100 
DG  C2     C  N N 101 
DG  N2     N  N N 102 
DG  N3     N  N N 103 
DG  C4     C  Y N 104 
DG  HOP3   H  N N 105 
DG  HOP2   H  N N 106 
DG  "H5'"  H  N N 107 
DG  "H5''" H  N N 108 
DG  "H4'"  H  N N 109 
DG  "H3'"  H  N N 110 
DG  "HO3'" H  N N 111 
DG  "H2'"  H  N N 112 
DG  "H2''" H  N N 113 
DG  "H1'"  H  N N 114 
DG  H8     H  N N 115 
DG  H1     H  N N 116 
DG  H21    H  N N 117 
DG  H22    H  N N 118 
DT  OP3    O  N N 119 
DT  P      P  N N 120 
DT  OP1    O  N N 121 
DT  OP2    O  N N 122 
DT  "O5'"  O  N N 123 
DT  "C5'"  C  N N 124 
DT  "C4'"  C  N R 125 
DT  "O4'"  O  N N 126 
DT  "C3'"  C  N S 127 
DT  "O3'"  O  N N 128 
DT  "C2'"  C  N N 129 
DT  "C1'"  C  N R 130 
DT  N1     N  N N 131 
DT  C2     C  N N 132 
DT  O2     O  N N 133 
DT  N3     N  N N 134 
DT  C4     C  N N 135 
DT  O4     O  N N 136 
DT  C5     C  N N 137 
DT  C7     C  N N 138 
DT  C6     C  N N 139 
DT  HOP3   H  N N 140 
DT  HOP2   H  N N 141 
DT  "H5'"  H  N N 142 
DT  "H5''" H  N N 143 
DT  "H4'"  H  N N 144 
DT  "H3'"  H  N N 145 
DT  "HO3'" H  N N 146 
DT  "H2'"  H  N N 147 
DT  "H2''" H  N N 148 
DT  "H1'"  H  N N 149 
DT  H3     H  N N 150 
DT  H71    H  N N 151 
DT  H72    H  N N 152 
DT  H73    H  N N 153 
DT  H6     H  N N 154 
# 
loop_
_chem_comp_bond.comp_id 
_chem_comp_bond.atom_id_1 
_chem_comp_bond.atom_id_2 
_chem_comp_bond.value_order 
_chem_comp_bond.pdbx_aromatic_flag 
_chem_comp_bond.pdbx_stereo_config 
_chem_comp_bond.pdbx_ordinal 
CAC AS    O1     doub N N 1   
CAC AS    O2     sing N N 2   
CAC AS    C1     sing N N 3   
CAC AS    C2     sing N N 4   
CAC C1    H11    sing N N 5   
CAC C1    H12    sing N N 6   
CAC C1    H13    sing N N 7   
CAC C2    H21    sing N N 8   
CAC C2    H22    sing N N 9   
CAC C2    H23    sing N N 10  
DA  OP3   P      sing N N 11  
DA  OP3   HOP3   sing N N 12  
DA  P     OP1    doub N N 13  
DA  P     OP2    sing N N 14  
DA  P     "O5'"  sing N N 15  
DA  OP2   HOP2   sing N N 16  
DA  "O5'" "C5'"  sing N N 17  
DA  "C5'" "C4'"  sing N N 18  
DA  "C5'" "H5'"  sing N N 19  
DA  "C5'" "H5''" sing N N 20  
DA  "C4'" "O4'"  sing N N 21  
DA  "C4'" "C3'"  sing N N 22  
DA  "C4'" "H4'"  sing N N 23  
DA  "O4'" "C1'"  sing N N 24  
DA  "C3'" "O3'"  sing N N 25  
DA  "C3'" "C2'"  sing N N 26  
DA  "C3'" "H3'"  sing N N 27  
DA  "O3'" "HO3'" sing N N 28  
DA  "C2'" "C1'"  sing N N 29  
DA  "C2'" "H2'"  sing N N 30  
DA  "C2'" "H2''" sing N N 31  
DA  "C1'" N9     sing N N 32  
DA  "C1'" "H1'"  sing N N 33  
DA  N9    C8     sing Y N 34  
DA  N9    C4     sing Y N 35  
DA  C8    N7     doub Y N 36  
DA  C8    H8     sing N N 37  
DA  N7    C5     sing Y N 38  
DA  C5    C6     sing Y N 39  
DA  C5    C4     doub Y N 40  
DA  C6    N6     sing N N 41  
DA  C6    N1     doub Y N 42  
DA  N6    H61    sing N N 43  
DA  N6    H62    sing N N 44  
DA  N1    C2     sing Y N 45  
DA  C2    N3     doub Y N 46  
DA  C2    H2     sing N N 47  
DA  N3    C4     sing Y N 48  
DC  OP3   P      sing N N 49  
DC  OP3   HOP3   sing N N 50  
DC  P     OP1    doub N N 51  
DC  P     OP2    sing N N 52  
DC  P     "O5'"  sing N N 53  
DC  OP2   HOP2   sing N N 54  
DC  "O5'" "C5'"  sing N N 55  
DC  "C5'" "C4'"  sing N N 56  
DC  "C5'" "H5'"  sing N N 57  
DC  "C5'" "H5''" sing N N 58  
DC  "C4'" "O4'"  sing N N 59  
DC  "C4'" "C3'"  sing N N 60  
DC  "C4'" "H4'"  sing N N 61  
DC  "O4'" "C1'"  sing N N 62  
DC  "C3'" "O3'"  sing N N 63  
DC  "C3'" "C2'"  sing N N 64  
DC  "C3'" "H3'"  sing N N 65  
DC  "O3'" "HO3'" sing N N 66  
DC  "C2'" "C1'"  sing N N 67  
DC  "C2'" "H2'"  sing N N 68  
DC  "C2'" "H2''" sing N N 69  
DC  "C1'" N1     sing N N 70  
DC  "C1'" "H1'"  sing N N 71  
DC  N1    C2     sing N N 72  
DC  N1    C6     sing N N 73  
DC  C2    O2     doub N N 74  
DC  C2    N3     sing N N 75  
DC  N3    C4     doub N N 76  
DC  C4    N4     sing N N 77  
DC  C4    C5     sing N N 78  
DC  N4    H41    sing N N 79  
DC  N4    H42    sing N N 80  
DC  C5    C6     doub N N 81  
DC  C5    H5     sing N N 82  
DC  C6    H6     sing N N 83  
DG  OP3   P      sing N N 84  
DG  OP3   HOP3   sing N N 85  
DG  P     OP1    doub N N 86  
DG  P     OP2    sing N N 87  
DG  P     "O5'"  sing N N 88  
DG  OP2   HOP2   sing N N 89  
DG  "O5'" "C5'"  sing N N 90  
DG  "C5'" "C4'"  sing N N 91  
DG  "C5'" "H5'"  sing N N 92  
DG  "C5'" "H5''" sing N N 93  
DG  "C4'" "O4'"  sing N N 94  
DG  "C4'" "C3'"  sing N N 95  
DG  "C4'" "H4'"  sing N N 96  
DG  "O4'" "C1'"  sing N N 97  
DG  "C3'" "O3'"  sing N N 98  
DG  "C3'" "C2'"  sing N N 99  
DG  "C3'" "H3'"  sing N N 100 
DG  "O3'" "HO3'" sing N N 101 
DG  "C2'" "C1'"  sing N N 102 
DG  "C2'" "H2'"  sing N N 103 
DG  "C2'" "H2''" sing N N 104 
DG  "C1'" N9     sing N N 105 
DG  "C1'" "H1'"  sing N N 106 
DG  N9    C8     sing Y N 107 
DG  N9    C4     sing Y N 108 
DG  C8    N7     doub Y N 109 
DG  C8    H8     sing N N 110 
DG  N7    C5     sing Y N 111 
DG  C5    C6     sing N N 112 
DG  C5    C4     doub Y N 113 
DG  C6    O6     doub N N 114 
DG  C6    N1     sing N N 115 
DG  N1    C2     sing N N 116 
DG  N1    H1     sing N N 117 
DG  C2    N2     sing N N 118 
DG  C2    N3     doub N N 119 
DG  N2    H21    sing N N 120 
DG  N2    H22    sing N N 121 
DG  N3    C4     sing N N 122 
DT  OP3   P      sing N N 123 
DT  OP3   HOP3   sing N N 124 
DT  P     OP1    doub N N 125 
DT  P     OP2    sing N N 126 
DT  P     "O5'"  sing N N 127 
DT  OP2   HOP2   sing N N 128 
DT  "O5'" "C5'"  sing N N 129 
DT  "C5'" "C4'"  sing N N 130 
DT  "C5'" "H5'"  sing N N 131 
DT  "C5'" "H5''" sing N N 132 
DT  "C4'" "O4'"  sing N N 133 
DT  "C4'" "C3'"  sing N N 134 
DT  "C4'" "H4'"  sing N N 135 
DT  "O4'" "C1'"  sing N N 136 
DT  "C3'" "O3'"  sing N N 137 
DT  "C3'" "C2'"  sing N N 138 
DT  "C3'" "H3'"  sing N N 139 
DT  "O3'" "HO3'" sing N N 140 
DT  "C2'" "C1'"  sing N N 141 
DT  "C2'" "H2'"  sing N N 142 
DT  "C2'" "H2''" sing N N 143 
DT  "C1'" N1     sing N N 144 
DT  "C1'" "H1'"  sing N N 145 
DT  N1    C2     sing N N 146 
DT  N1    C6     sing N N 147 
DT  C2    O2     doub N N 148 
DT  C2    N3     sing N N 149 
DT  N3    C4     sing N N 150 
DT  N3    H3     sing N N 151 
DT  C4    O4     doub N N 152 
DT  C4    C5     sing N N 153 
DT  C5    C7     sing N N 154 
DT  C5    C6     doub N N 155 
DT  C7    H71    sing N N 156 
DT  C7    H72    sing N N 157 
DT  C7    H73    sing N N 158 
DT  C6    H6     sing N N 159 
# 
loop_
_ndb_struct_conf_na.entry_id 
_ndb_struct_conf_na.feature 
6XFZ 'double helix'        
6XFZ 'b-form double helix' 
# 
loop_
_ndb_struct_na_base_pair.model_number 
_ndb_struct_na_base_pair.i_label_asym_id 
_ndb_struct_na_base_pair.i_label_comp_id 
_ndb_struct_na_base_pair.i_label_seq_id 
_ndb_struct_na_base_pair.i_symmetry 
_ndb_struct_na_base_pair.j_label_asym_id 
_ndb_struct_na_base_pair.j_label_comp_id 
_ndb_struct_na_base_pair.j_label_seq_id 
_ndb_struct_na_base_pair.j_symmetry 
_ndb_struct_na_base_pair.shear 
_ndb_struct_na_base_pair.stretch 
_ndb_struct_na_base_pair.stagger 
_ndb_struct_na_base_pair.buckle 
_ndb_struct_na_base_pair.propeller 
_ndb_struct_na_base_pair.opening 
_ndb_struct_na_base_pair.pair_number 
_ndb_struct_na_base_pair.pair_name 
_ndb_struct_na_base_pair.i_auth_asym_id 
_ndb_struct_na_base_pair.i_auth_seq_id 
_ndb_struct_na_base_pair.i_PDB_ins_code 
_ndb_struct_na_base_pair.j_auth_asym_id 
_ndb_struct_na_base_pair.j_auth_seq_id 
_ndb_struct_na_base_pair.j_PDB_ins_code 
_ndb_struct_na_base_pair.hbond_type_28 
_ndb_struct_na_base_pair.hbond_type_12 
1 A DG 3  1_555 D DC 16 1_555 -0.345 -0.164 0.808  4.209  -11.071 -10.934 1  A_DG3:DC16_D A 3  ? D 16 ? 19 1 
1 A DC 4  1_555 D DG 15 1_555 -0.039 0.044  0.341  -3.466 -8.369  -8.070  2  A_DC4:DG15_D A 4  ? D 15 ? 19 1 
1 A DG 6  1_555 D DC 13 1_555 -0.545 -0.277 0.460  -3.022 -9.438  -7.230  3  A_DG6:DC13_D A 6  ? D 13 ? 19 1 
1 A DA 7  1_555 D DT 12 1_555 -0.290 0.046  0.174  -7.600 -5.757  -14.400 4  A_DA7:DT12_D A 7  ? D 12 ? 20 1 
1 A DC 8  1_555 D DG 11 1_555 0.173  0.176  0.011  -1.853 -1.308  -3.921  5  A_DC8:DG11_D A 8  ? D 11 ? 19 1 
1 A DA 9  1_555 D DT 10 1_555 0.983  0.234  0.030  0.113  -9.764  -5.263  6  A_DA9:DT10_D A 9  ? D 10 ? 20 1 
1 A DA 10 1_555 C DT 2  1_555 0.071  0.153  0.904  15.291 -3.830  -3.590  7  A_DA10:DT2_C A 10 ? C 2  ? 20 1 
1 A DG 11 1_555 C DC 1  1_555 0.478  0.067  0.528  15.815 -10.632 4.098   8  A_DG11:DC1_C A 11 ? C 1  ? 19 1 
1 B DA 1  1_555 C DT 5  1_555 0.550  -0.504 0.195  6.867  -14.915 -8.983  9  B_DA12:DT5_C B 12 ? C 5  ? 20 1 
1 B DC 2  1_555 C DG 4  1_555 0.012  -0.132 -0.142 -3.585 -12.405 4.612   10 B_DC13:DG4_C B 13 ? C 4  ? 19 1 
1 B DT 3  1_555 C DA 3  1_555 -0.618 0.067  -0.029 -3.217 -11.824 -3.930  11 B_DT14:DA3_C B 14 ? C 3  ? 20 1 
1 B DG 4  1_555 D DC 9  1_555 0.464  -0.219 0.253  1.666  7.308   1.292   12 B_DG15:DC9_D B 15 ? D 9  ? 19 1 
1 B DC 5  1_555 D DG 8  1_555 0.388  -0.052 0.642  7.971  1.411   5.760   13 B_DC16:DG8_D B 16 ? D 8  ? 19 1 
1 B DA 6  1_555 D DT 7  1_555 0.912  0.594  0.514  11.989 -16.275 -10.094 14 B_DA17:DT7_D B 17 ? D 7  ? 20 1 
1 B DC 7  1_555 D DG 6  1_555 1.661  -0.442 0.621  -4.211 -19.395 -0.815  15 B_DC18:DG6_D B 18 ? D 6  ? 19 1 
1 B DT 8  1_555 D DA 5  1_555 -0.526 -0.118 0.136  -0.771 -7.042  -3.525  16 B_DT19:DA5_D B 19 ? D 5  ? 20 1 
1 B DC 9  1_555 D DG 4  1_555 -0.180 0.320  -0.137 5.433  -0.265  0.808   17 B_DC20:DG4_D B 20 ? D 4  ? 19 1 
1 B DA 10 1_555 D DT 3  1_555 1.030  0.428  -0.005 -0.621 -21.487 -19.646 18 B_DA21:DT3_D B 21 ? D 3  ? 20 1 
# 
loop_
_ndb_struct_na_base_pair_step.model_number 
_ndb_struct_na_base_pair_step.i_label_asym_id_1 
_ndb_struct_na_base_pair_step.i_label_comp_id_1 
_ndb_struct_na_base_pair_step.i_label_seq_id_1 
_ndb_struct_na_base_pair_step.i_symmetry_1 
_ndb_struct_na_base_pair_step.j_label_asym_id_1 
_ndb_struct_na_base_pair_step.j_label_comp_id_1 
_ndb_struct_na_base_pair_step.j_label_seq_id_1 
_ndb_struct_na_base_pair_step.j_symmetry_1 
_ndb_struct_na_base_pair_step.i_label_asym_id_2 
_ndb_struct_na_base_pair_step.i_label_comp_id_2 
_ndb_struct_na_base_pair_step.i_label_seq_id_2 
_ndb_struct_na_base_pair_step.i_symmetry_2 
_ndb_struct_na_base_pair_step.j_label_asym_id_2 
_ndb_struct_na_base_pair_step.j_label_comp_id_2 
_ndb_struct_na_base_pair_step.j_label_seq_id_2 
_ndb_struct_na_base_pair_step.j_symmetry_2 
_ndb_struct_na_base_pair_step.shift 
_ndb_struct_na_base_pair_step.slide 
_ndb_struct_na_base_pair_step.rise 
_ndb_struct_na_base_pair_step.tilt 
_ndb_struct_na_base_pair_step.roll 
_ndb_struct_na_base_pair_step.twist 
_ndb_struct_na_base_pair_step.x_displacement 
_ndb_struct_na_base_pair_step.y_displacement 
_ndb_struct_na_base_pair_step.helical_rise 
_ndb_struct_na_base_pair_step.inclination 
_ndb_struct_na_base_pair_step.tip 
_ndb_struct_na_base_pair_step.helical_twist 
_ndb_struct_na_base_pair_step.step_number 
_ndb_struct_na_base_pair_step.step_name 
_ndb_struct_na_base_pair_step.i_auth_asym_id_1 
_ndb_struct_na_base_pair_step.i_auth_seq_id_1 
_ndb_struct_na_base_pair_step.i_PDB_ins_code_1 
_ndb_struct_na_base_pair_step.j_auth_asym_id_1 
_ndb_struct_na_base_pair_step.j_auth_seq_id_1 
_ndb_struct_na_base_pair_step.j_PDB_ins_code_1 
_ndb_struct_na_base_pair_step.i_auth_asym_id_2 
_ndb_struct_na_base_pair_step.i_auth_seq_id_2 
_ndb_struct_na_base_pair_step.i_PDB_ins_code_2 
_ndb_struct_na_base_pair_step.j_auth_asym_id_2 
_ndb_struct_na_base_pair_step.j_auth_seq_id_2 
_ndb_struct_na_base_pair_step.j_PDB_ins_code_2 
1 A DG 3  1_555 D DC 16 1_555 A DC 4  1_555 D DG 15 1_555 -0.158 -1.221 3.433 2.916  -0.252 32.943 -2.100 0.794  3.416 -0.444  
-5.130  33.069 1  AA_DG3DC4:DG15DC16_DD A 3  ? D 16 ? A 4  ? D 15 ? 
1 A DC 4  1_555 D DG 15 1_555 A DG 6  1_555 D DC 13 1_555 0.153  -0.579 6.740 -4.785 3.510  71.066 -0.743 -0.468 6.689 3.015   
4.110   71.281 2  AA_DC4DG6:DC13DG15_DD A 4  ? D 15 ? A 6  ? D 13 ? 
1 A DG 6  1_555 D DC 13 1_555 A DA 7  1_555 D DT 12 1_555 -0.903 -1.096 3.295 -0.364 2.962  37.250 -2.099 1.361  3.209 4.628   
0.568   37.365 3  AA_DG6DA7:DT12DC13_DD A 6  ? D 13 ? A 7  ? D 12 ? 
1 A DA 7  1_555 D DT 12 1_555 A DC 8  1_555 D DG 11 1_555 0.374  -0.940 3.180 0.651  1.167  35.813 -1.690 -0.517 3.155 1.897   
-1.059  35.838 4  AA_DA7DC8:DG11DT12_DD A 7  ? D 12 ? A 8  ? D 11 ? 
1 A DC 8  1_555 D DG 11 1_555 A DA 9  1_555 D DT 10 1_555 -1.068 -1.570 3.245 -7.003 8.853  37.464 -3.382 0.779  2.958 13.415  
10.612  39.069 5  AA_DC8DA9:DT10DG11_DD A 8  ? D 11 ? A 9  ? D 10 ? 
1 A DA 9  1_555 D DT 10 1_555 A DA 10 1_555 C DT 2  1_555 -1.039 -0.465 2.724 -9.115 -4.210 24.130 0.007  0.055  2.952 -9.558  
20.694  26.107 6  AA_DA9DA10:DT2DT10_CD A 9  ? D 10 ? A 10 ? C 2  ? 
1 A DA 10 1_555 C DT 2  1_555 A DG 11 1_555 C DC 1  1_555 0.285  -0.486 3.383 1.427  0.163  35.922 -0.812 -0.251 3.389 0.264   
-2.313  35.950 7  AA_DA10DG11:DC1DT2_CC A 10 ? C 2  ? A 11 ? C 1  ? 
1 B DA 1  1_555 C DT 5  1_555 B DC 2  1_555 C DG 4  1_555 1.058  -1.145 3.534 2.830  -1.795 34.718 -1.611 -1.293 3.659 -2.999  
-4.729  34.874 8  BB_DA12DC13:DG4DT5_CC B 12 ? C 5  ? B 13 ? C 4  ? 
1 B DC 2  1_555 C DG 4  1_555 B DT 3  1_555 C DA 3  1_555 -0.752 -0.818 3.475 -3.199 0.429  29.200 -1.712 0.746  3.523 0.847   
6.322   29.374 9  BB_DC13DT14:DA3DG4_CC B 13 ? C 4  ? B 14 ? C 3  ? 
1 B DT 3  1_555 C DA 3  1_555 B DG 4  1_555 D DC 9  1_555 -0.569 -0.977 3.089 -5.327 -0.461 36.914 -1.469 0.215  3.150 -0.723  
8.359   37.286 10 BB_DT14DG15:DC9DA3_DC B 14 ? C 3  ? B 15 ? D 9  ? 
1 B DG 4  1_555 D DC 9  1_555 B DC 5  1_555 D DG 8  1_555 -0.502 -0.323 3.315 -0.175 2.903  23.988 -1.704 1.144  3.257 6.953   
0.420   24.161 11 BB_DG15DC16:DG8DC9_DD B 15 ? D 9  ? B 16 ? D 8  ? 
1 B DC 5  1_555 D DG 8  1_555 B DA 6  1_555 D DT 7  1_555 -0.334 0.851  3.227 2.957  -9.333 44.693 1.878  0.678  2.974 -12.102 
-3.834  45.699 12 BB_DC16DA17:DT7DG8_DD B 16 ? D 8  ? B 17 ? D 7  ? 
1 B DA 6  1_555 D DT 7  1_555 B DC 7  1_555 D DG 6  1_555 1.284  -1.587 3.559 1.334  0.388  36.923 -2.562 -1.829 3.585 0.613   
-2.105  36.948 13 BB_DA17DC18:DG6DT7_DD B 17 ? D 7  ? B 18 ? D 6  ? 
1 B DC 7  1_555 D DG 6  1_555 B DT 8  1_555 D DA 5  1_555 -0.898 -0.292 3.227 5.976  2.593  23.651 -1.449 3.870  2.868 6.178   
-14.237 24.519 14 BB_DC18DT19:DA5DG6_DD B 18 ? D 6  ? B 19 ? D 5  ? 
1 B DT 8  1_555 D DA 5  1_555 B DC 9  1_555 D DG 4  1_555 0.930  -0.458 3.375 3.033  0.651  35.697 -0.841 -1.058 3.431 1.059   
-4.935  35.827 15 BB_DT19DC20:DG4DA5_DD B 19 ? D 5  ? B 20 ? D 4  ? 
1 B DC 9  1_555 D DG 4  1_555 B DA 10 1_555 D DT 3  1_555 -0.840 1.187  3.561 -3.097 -5.443 45.580 2.025  0.788  3.452 -6.987  
3.975   45.985 16 BB_DC20DA21:DT3DG4_DD B 20 ? D 4  ? B 21 ? D 3  ? 
# 
loop_
_pdbx_audit_support.funding_organization 
_pdbx_audit_support.country 
_pdbx_audit_support.grant_number 
_pdbx_audit_support.ordinal 
'National Science Foundation (NSF, United States)'                                         'United States' 1360635     1 
'National Institutes of Health/National Institute of General Medical Sciences (NIH/NIGMS)' 'United States' R01GM104960 2 
'National Science Foundation (NSF, United States)'                                         'United States' NSF2004250  3 
# 
_pdbx_entity_nonpoly.entity_id   5 
_pdbx_entity_nonpoly.name        'CACODYLATE ION' 
_pdbx_entity_nonpoly.comp_id     CAC 
# 
_pdbx_initial_refinement_model.id               1 
_pdbx_initial_refinement_model.entity_id_list   ? 
_pdbx_initial_refinement_model.type             'experimental model' 
_pdbx_initial_refinement_model.source_name      PDB 
_pdbx_initial_refinement_model.accession_code   6X8C 
_pdbx_initial_refinement_model.details          ? 
# 
_pdbx_struct_assembly_auth_evidence.id                     1 
_pdbx_struct_assembly_auth_evidence.assembly_id            1 
_pdbx_struct_assembly_auth_evidence.experimental_support   none 
_pdbx_struct_assembly_auth_evidence.details                ? 
# 
